data_5C0C
#
_entry.id   5C0C
#
_cell.length_a   43.920
_cell.length_b   100.370
_cell.length_c   122.730
_cell.angle_alpha   96.900
_cell.angle_beta   98.020
_cell.angle_gamma   96.070
#
_symmetry.space_group_name_H-M   'P 1'
#
loop_
_entity.id
_entity.type
_entity.pdbx_description
1 polymer 'HLA class I histocompatibility antigen, A-2 alpha chain'
2 polymer Beta-2-microglobulin
3 polymer 'Marker peptide'
4 polymer '1E6 TCR Alpha Chain'
5 polymer '1E6 TCR Beta Chain'
6 non-polymer 1,2-ETHANEDIOL
7 non-polymer 'TETRAETHYLENE GLYCOL'
8 non-polymer 'SULFATE ION'
9 non-polymer GLYCEROL
10 water water
#
loop_
_entity_poly.entity_id
_entity_poly.type
_entity_poly.pdbx_seq_one_letter_code
_entity_poly.pdbx_strand_id
1 'polypeptide(L)'
;MGSHSMRYFFTSVSRPGRGEPRFIAVGYVDDTQFVRFDSDAASQRMEPRAPWIEQEGPEYWDGETRKVKAHSQTHRVDLG
TLRGYYNQSEAGSHTVQRMYGCDVGSDWRFLRGYHQYAYDGKDYIALKEDLRSWTAADMAAQTTKHKWEAAHVAEQLRAY
LEGTCVEWLRRYLENGKETLQRTDAPKTHMTHHAVSDHEATLRCWALSFYPAEITLTWQRDGEDQTQDTELVETRPAGDG
TFQKWAAVVVPSGQEQRYTCHVQHEGLPKPLTLRWEP
;
A,F
2 'polypeptide(L)'
;MIQRTPKIQVYSRHPAENGKSNFLNCYVSGFHPSDIEVDLLKNGERIEKVEHSDLSFSKDWSFYLLYYTEFTPTEKDEYA
CRVNHVTLSQPKIVKWDRDM
;
B,G
3 'polypeptide(L)' RQFGPDWIVA C,H
4 'polypeptide(L)'
;KEVEQDPGPLSVPEGAIVSLNCTYSNSAFQYFMWYRQYSRKGPELLMYTYSSGNKEDGRFTAQVDKSSKYISLFIRDSQP
SDSATYLCAMRGDSSYKLIFGSGTRLLVRPDIQNPDPAVYQLRDSKSSDKSVCLFTDFDSQTNVSQSKDSDVYITDKCVL
DMRSMDFKSNSAVAWSNKSDFACANAFNNSIIPEDTFFPS
;
D,I
5 'polypeptide(L)'
;MDAGVIQSPRHEVTEMGQQVTLRCKPISGHDYLFWYRQTMMRGLELLIYFNNNVPIDDSGMPEDRFSAKMPNASFSTLKI
QPSEPRDSAVYFCASSLWEKLAKNIQYFGAGTRLSVLEDLKNVFPPEVAVFEPSEAEISHTQKATLVCLATGFYPDHVEL
SWWVNGKEVHSGVCTDPQPLKEQPALNDSRYALSSRLRVSATFWQDPRNHFRCQVQFYGLSENDEWTQDRAKPVTQIVSA
EAWGRAD
;
E,J
#
# COMPACT_ATOMS: atom_id res chain seq x y z
N GLY A 2 31.99 3.82 21.96
CA GLY A 2 30.89 4.09 22.91
C GLY A 2 30.91 3.09 24.03
N SER A 3 29.78 2.96 24.70
CA SER A 3 29.60 2.03 25.77
C SER A 3 29.42 0.62 25.30
N HIS A 4 29.63 -0.31 26.21
CA HIS A 4 29.39 -1.71 25.90
C HIS A 4 28.84 -2.41 27.11
N SER A 5 28.15 -3.53 26.91
CA SER A 5 27.57 -4.25 28.02
C SER A 5 27.71 -5.75 27.79
N MET A 6 27.77 -6.50 28.89
CA MET A 6 27.62 -7.94 28.86
C MET A 6 26.52 -8.25 29.81
N ARG A 7 25.59 -9.07 29.34
CA ARG A 7 24.39 -9.40 30.08
C ARG A 7 24.07 -10.89 29.90
N TYR A 8 23.62 -11.48 31.00
CA TYR A 8 23.07 -12.85 31.03
C TYR A 8 21.62 -12.87 31.49
N PHE A 9 20.83 -13.74 30.86
CA PHE A 9 19.38 -13.83 31.02
C PHE A 9 19.03 -15.32 31.30
N PHE A 10 18.22 -15.57 32.32
CA PHE A 10 17.94 -16.97 32.82
C PHE A 10 16.46 -17.03 33.12
N THR A 11 15.73 -17.79 32.34
CA THR A 11 14.26 -17.94 32.47
C THR A 11 13.95 -19.42 32.83
N SER A 12 13.14 -19.62 33.84
CA SER A 12 12.61 -20.89 34.13
C SER A 12 11.10 -20.86 34.22
N VAL A 13 10.45 -21.82 33.57
CA VAL A 13 8.95 -21.94 33.53
C VAL A 13 8.51 -23.29 34.08
N SER A 14 7.72 -23.25 35.15
CA SER A 14 7.10 -24.36 35.86
C SER A 14 6.25 -25.13 34.87
N ARG A 15 6.19 -26.43 34.96
CA ARG A 15 5.30 -27.22 34.07
C ARG A 15 4.67 -28.38 34.84
N PRO A 16 3.69 -28.11 35.68
CA PRO A 16 3.04 -29.15 36.47
C PRO A 16 2.53 -30.28 35.58
N GLY A 17 2.84 -31.50 35.92
CA GLY A 17 2.55 -32.60 35.01
C GLY A 17 3.68 -33.11 34.12
N ARG A 18 4.75 -32.31 33.93
CA ARG A 18 6.12 -32.74 33.51
C ARG A 18 7.12 -32.82 34.66
N GLY A 19 8.25 -33.43 34.40
CA GLY A 19 9.25 -33.73 35.46
C GLY A 19 9.96 -32.50 36.03
N GLU A 20 10.12 -31.47 35.24
CA GLU A 20 10.93 -30.37 35.70
C GLU A 20 10.61 -29.13 34.89
N PRO A 21 10.91 -27.99 35.42
CA PRO A 21 10.76 -26.76 34.63
C PRO A 21 11.63 -26.69 33.39
N ARG A 22 11.17 -25.88 32.43
CA ARG A 22 11.92 -25.54 31.28
C ARG A 22 12.81 -24.34 31.62
N PHE A 23 14.12 -24.51 31.41
CA PHE A 23 15.10 -23.48 31.75
C PHE A 23 15.93 -23.12 30.52
N ILE A 24 15.93 -21.82 30.22
CA ILE A 24 16.59 -21.30 29.04
C ILE A 24 17.48 -20.08 29.49
N ALA A 25 18.73 -20.17 29.15
CA ALA A 25 19.76 -19.12 29.45
C ALA A 25 20.40 -18.67 28.15
N VAL A 26 20.65 -17.39 28.07
CA VAL A 26 21.32 -16.76 26.96
C VAL A 26 22.29 -15.62 27.52
N GLY A 27 23.40 -15.46 26.84
CA GLY A 27 24.38 -14.37 27.10
C GLY A 27 24.55 -13.49 25.88
N TYR A 28 24.71 -12.19 26.12
CA TYR A 28 24.87 -11.22 25.09
C TYR A 28 26.03 -10.27 25.39
N VAL A 29 26.76 -9.89 24.36
CA VAL A 29 27.63 -8.70 24.40
C VAL A 29 26.97 -7.66 23.54
N ASP A 30 26.60 -6.51 24.14
CA ASP A 30 25.85 -5.47 23.44
C ASP A 30 24.58 -6.11 22.87
N ASP A 31 24.31 -5.91 21.58
CA ASP A 31 23.14 -6.49 20.96
C ASP A 31 23.45 -7.88 20.37
N THR A 32 24.57 -8.51 20.66
CA THR A 32 24.94 -9.76 19.96
C THR A 32 24.88 -10.95 20.93
N GLN A 33 24.08 -11.94 20.63
CA GLN A 33 24.05 -13.15 21.43
C GLN A 33 25.30 -14.05 21.25
N PHE A 34 25.85 -14.62 22.32
CA PHE A 34 27.08 -15.41 22.18
C PHE A 34 27.07 -16.82 22.82
N VAL A 35 26.19 -17.04 23.78
CA VAL A 35 25.97 -18.39 24.31
C VAL A 35 24.47 -18.66 24.56
N ARG A 36 24.14 -19.94 24.67
CA ARG A 36 22.82 -20.41 25.10
C ARG A 36 22.89 -21.72 25.86
N PHE A 37 21.88 -21.96 26.69
CA PHE A 37 21.65 -23.25 27.30
C PHE A 37 20.15 -23.52 27.33
N ASP A 38 19.73 -24.72 26.97
CA ASP A 38 18.28 -25.11 27.06
C ASP A 38 18.19 -26.46 27.81
N SER A 39 17.55 -26.45 28.97
CA SER A 39 17.45 -27.66 29.80
C SER A 39 16.83 -28.80 29.04
N ASP A 40 16.04 -28.56 27.99
CA ASP A 40 15.38 -29.67 27.42
C ASP A 40 16.20 -30.21 26.29
N ALA A 41 17.28 -29.55 25.87
CA ALA A 41 17.96 -30.00 24.64
C ALA A 41 18.85 -31.18 24.99
N ALA A 42 19.25 -31.92 24.00
CA ALA A 42 20.05 -33.14 24.17
C ALA A 42 21.49 -32.92 24.66
N SER A 43 22.16 -31.86 24.21
CA SER A 43 23.62 -31.69 24.49
C SER A 43 23.88 -31.52 25.99
N GLN A 44 22.98 -30.84 26.70
CA GLN A 44 23.20 -30.57 28.08
C GLN A 44 24.53 -29.76 28.33
N ARG A 45 24.86 -28.89 27.38
CA ARG A 45 26.01 -28.02 27.46
C ARG A 45 25.64 -26.62 27.13
N MET A 46 26.40 -25.69 27.67
CA MET A 46 26.39 -24.37 27.14
C MET A 46 26.94 -24.43 25.75
N GLU A 47 26.32 -23.68 24.83
CA GLU A 47 26.73 -23.73 23.44
C GLU A 47 27.03 -22.36 22.88
N PRO A 48 28.02 -22.30 22.00
CA PRO A 48 28.40 -21.09 21.31
C PRO A 48 27.32 -20.60 20.32
N ARG A 49 27.13 -19.30 20.27
CA ARG A 49 26.20 -18.73 19.32
C ARG A 49 26.79 -17.55 18.56
N ALA A 50 28.07 -17.29 18.74
CA ALA A 50 28.79 -16.31 17.94
C ALA A 50 30.17 -16.92 17.61
N PRO A 51 30.74 -16.57 16.47
CA PRO A 51 32.00 -17.22 16.10
C PRO A 51 33.16 -16.94 17.05
N TRP A 52 33.23 -15.73 17.62
CA TRP A 52 34.38 -15.31 18.41
C TRP A 52 34.43 -15.97 19.79
N ILE A 53 33.36 -16.56 20.34
CA ILE A 53 33.59 -17.36 21.63
C ILE A 53 34.03 -18.78 21.32
N GLU A 54 33.94 -19.24 20.08
CA GLU A 54 34.30 -20.63 19.76
C GLU A 54 35.74 -20.94 20.08
N GLN A 55 36.61 -19.94 20.02
CA GLN A 55 38.00 -20.10 20.37
C GLN A 55 38.25 -20.37 21.87
N GLU A 56 37.28 -20.09 22.74
CA GLU A 56 37.49 -20.45 24.17
C GLU A 56 37.71 -21.96 24.35
N GLY A 57 38.65 -22.34 25.22
CA GLY A 57 39.02 -23.75 25.36
C GLY A 57 38.07 -24.57 26.22
N PRO A 58 38.36 -25.85 26.36
CA PRO A 58 37.51 -26.75 27.16
C PRO A 58 37.30 -26.34 28.64
N GLU A 59 38.28 -25.76 29.30
CA GLU A 59 38.06 -25.36 30.69
C GLU A 59 36.96 -24.28 30.76
N TYR A 60 36.97 -23.34 29.82
CA TYR A 60 35.92 -22.38 29.72
C TYR A 60 34.54 -23.06 29.56
N TRP A 61 34.42 -23.96 28.57
CA TRP A 61 33.13 -24.57 28.27
C TRP A 61 32.65 -25.46 29.42
N ASP A 62 33.56 -26.20 30.06
CA ASP A 62 33.15 -27.04 31.23
C ASP A 62 32.63 -26.18 32.36
N GLY A 63 33.37 -25.12 32.68
CA GLY A 63 32.91 -24.19 33.70
C GLY A 63 31.63 -23.44 33.41
N GLU A 64 31.46 -22.91 32.20
CA GLU A 64 30.26 -22.24 31.87
C GLU A 64 29.08 -23.21 31.94
N THR A 65 29.31 -24.46 31.52
CA THR A 65 28.20 -25.40 31.56
C THR A 65 27.84 -25.84 32.99
N ARG A 66 28.86 -26.03 33.83
CA ARG A 66 28.60 -26.36 35.18
C ARG A 66 27.79 -25.22 35.86
N LYS A 67 28.15 -23.98 35.64
CA LYS A 67 27.49 -22.85 36.30
C LYS A 67 26.03 -22.74 35.82
N VAL A 68 25.79 -22.93 34.52
CA VAL A 68 24.48 -22.68 34.03
C VAL A 68 23.54 -23.82 34.47
N LYS A 69 24.05 -25.04 34.53
CA LYS A 69 23.30 -26.19 35.02
C LYS A 69 22.99 -26.00 36.51
N ALA A 70 23.95 -25.55 37.30
CA ALA A 70 23.66 -25.28 38.69
C ALA A 70 22.53 -24.19 38.86
N HIS A 71 22.57 -23.16 38.00
CA HIS A 71 21.60 -22.12 37.96
C HIS A 71 20.18 -22.66 37.61
N SER A 72 20.09 -23.63 36.70
CA SER A 72 18.82 -24.29 36.44
C SER A 72 18.22 -24.98 37.68
N GLN A 73 19.04 -25.52 38.56
CA GLN A 73 18.55 -26.16 39.76
C GLN A 73 18.02 -25.16 40.83
N THR A 74 18.68 -24.03 40.96
CA THR A 74 18.22 -23.02 41.87
C THR A 74 16.99 -22.29 41.32
N HIS A 75 16.87 -22.08 40.01
CA HIS A 75 15.61 -21.65 39.49
C HIS A 75 14.44 -22.60 39.82
N ARG A 76 14.69 -23.89 39.70
CA ARG A 76 13.71 -24.92 40.01
C ARG A 76 13.27 -24.82 41.49
N VAL A 77 14.20 -24.69 42.41
CA VAL A 77 13.86 -24.54 43.79
C VAL A 77 13.05 -23.26 44.04
N ASP A 78 13.52 -22.12 43.47
CA ASP A 78 12.87 -20.82 43.58
C ASP A 78 11.40 -20.84 43.11
N LEU A 79 11.12 -21.56 42.03
CA LEU A 79 9.71 -21.74 41.60
C LEU A 79 8.88 -22.38 42.67
N GLY A 80 9.42 -23.37 43.36
CA GLY A 80 8.72 -23.96 44.47
C GLY A 80 8.63 -23.06 45.68
N THR A 81 9.71 -22.36 45.99
CA THR A 81 9.65 -21.43 47.11
C THR A 81 8.66 -20.30 46.95
N LEU A 82 8.72 -19.59 45.81
CA LEU A 82 7.76 -18.52 45.54
C LEU A 82 6.34 -18.97 45.43
N ARG A 83 6.12 -20.14 44.79
CA ARG A 83 4.79 -20.70 44.89
C ARG A 83 4.27 -20.74 46.32
N GLY A 84 5.11 -21.22 47.25
CA GLY A 84 4.74 -21.37 48.67
C GLY A 84 4.54 -19.99 49.28
N TYR A 85 5.40 -19.05 48.93
CA TYR A 85 5.23 -17.75 49.51
C TYR A 85 3.88 -17.14 49.18
N TYR A 86 3.41 -17.32 47.95
CA TYR A 86 2.20 -16.74 47.48
C TYR A 86 1.01 -17.70 47.66
N ASN A 87 1.22 -18.81 48.34
CA ASN A 87 0.17 -19.77 48.59
C ASN A 87 -0.56 -20.21 47.25
N GLN A 88 0.18 -20.31 46.15
CA GLN A 88 -0.41 -20.56 44.82
C GLN A 88 -0.55 -22.08 44.55
N SER A 89 -1.50 -22.43 43.71
CA SER A 89 -1.78 -23.86 43.40
C SER A 89 -0.56 -24.49 42.74
N GLU A 90 -0.36 -25.79 42.97
CA GLU A 90 0.66 -26.55 42.24
C GLU A 90 0.22 -26.85 40.82
N ALA A 91 -1.00 -26.48 40.48
CA ALA A 91 -1.58 -26.70 39.15
C ALA A 91 -1.13 -25.72 38.11
N GLY A 92 -0.71 -24.52 38.53
CA GLY A 92 -0.34 -23.48 37.57
C GLY A 92 1.12 -23.39 37.15
N SER A 93 1.34 -22.84 35.96
CA SER A 93 2.63 -22.57 35.47
C SER A 93 3.03 -21.15 35.83
N HIS A 94 4.22 -21.05 36.32
CA HIS A 94 4.81 -19.75 36.70
C HIS A 94 6.22 -19.57 36.14
N THR A 95 6.74 -18.35 36.23
CA THR A 95 7.98 -18.00 35.63
C THR A 95 8.91 -17.34 36.61
N VAL A 96 10.15 -17.73 36.62
CA VAL A 96 11.21 -16.89 37.30
C VAL A 96 12.17 -16.40 36.24
N GLN A 97 12.65 -15.16 36.38
CA GLN A 97 13.59 -14.55 35.50
C GLN A 97 14.65 -13.84 36.30
N ARG A 98 15.90 -14.05 35.89
CA ARG A 98 17.07 -13.35 36.44
C ARG A 98 17.83 -12.77 35.30
N MET A 99 18.28 -11.54 35.50
CA MET A 99 19.25 -10.96 34.59
C MET A 99 20.32 -10.20 35.33
N TYR A 100 21.52 -10.29 34.82
CA TYR A 100 22.60 -9.48 35.39
C TYR A 100 23.61 -9.13 34.32
N GLY A 101 24.44 -8.15 34.65
CA GLY A 101 25.45 -7.69 33.73
C GLY A 101 26.19 -6.45 34.18
N CYS A 102 27.08 -6.03 33.31
CA CYS A 102 27.92 -4.89 33.55
C CYS A 102 28.13 -4.16 32.24
N ASP A 103 28.33 -2.87 32.44
CA ASP A 103 28.57 -1.95 31.34
C ASP A 103 29.94 -1.33 31.54
N VAL A 104 30.60 -1.03 30.43
CA VAL A 104 31.80 -0.18 30.42
C VAL A 104 31.53 1.02 29.54
N GLY A 105 32.21 2.12 29.82
CA GLY A 105 32.16 3.30 28.94
C GLY A 105 33.00 3.12 27.67
N SER A 106 33.17 4.18 26.91
CA SER A 106 33.96 4.12 25.69
C SER A 106 35.43 4.04 26.03
N ASP A 107 35.82 4.45 27.22
CA ASP A 107 37.18 4.19 27.71
C ASP A 107 37.34 2.74 28.15
N TRP A 108 36.25 1.98 28.15
CA TRP A 108 36.21 0.58 28.59
C TRP A 108 36.41 0.38 30.08
N ARG A 109 36.31 1.42 30.89
CA ARG A 109 36.27 1.23 32.35
C ARG A 109 34.83 0.96 32.87
N PHE A 110 34.74 0.31 34.01
CA PHE A 110 33.50 0.00 34.69
C PHE A 110 32.60 1.21 34.77
N LEU A 111 31.35 1.07 34.31
CA LEU A 111 30.39 2.15 34.43
C LEU A 111 29.34 1.73 35.45
N ARG A 112 28.83 0.52 35.33
CA ARG A 112 27.83 0.07 36.28
C ARG A 112 27.58 -1.44 36.16
N GLY A 113 26.97 -1.95 37.20
CA GLY A 113 26.57 -3.31 37.27
C GLY A 113 25.12 -3.36 37.71
N TYR A 114 24.48 -4.50 37.45
CA TYR A 114 23.06 -4.68 37.74
C TYR A 114 22.69 -6.11 37.87
N HIS A 115 21.64 -6.34 38.63
CA HIS A 115 21.10 -7.66 38.85
C HIS A 115 19.63 -7.46 39.26
N GLN A 116 18.71 -8.08 38.49
CA GLN A 116 17.30 -7.96 38.70
C GLN A 116 16.68 -9.38 38.62
N TYR A 117 15.60 -9.57 39.36
CA TYR A 117 14.91 -10.86 39.42
C TYR A 117 13.44 -10.59 39.44
N ALA A 118 12.71 -11.41 38.69
CA ALA A 118 11.27 -11.24 38.50
C ALA A 118 10.55 -12.54 38.69
N TYR A 119 9.34 -12.44 39.22
CA TYR A 119 8.41 -13.57 39.34
C TYR A 119 7.15 -13.25 38.54
N ASP A 120 6.77 -14.16 37.67
CA ASP A 120 5.65 -13.96 36.80
C ASP A 120 5.68 -12.63 36.09
N GLY A 121 6.86 -12.25 35.66
CA GLY A 121 7.00 -11.08 34.77
C GLY A 121 6.97 -9.71 35.49
N LYS A 122 7.02 -9.73 36.80
CA LYS A 122 7.00 -8.50 37.59
C LYS A 122 8.17 -8.45 38.55
N ASP A 123 8.72 -7.23 38.72
CA ASP A 123 9.85 -7.05 39.61
C ASP A 123 9.65 -7.74 40.94
N TYR A 124 10.64 -8.46 41.41
CA TYR A 124 10.57 -9.17 42.66
C TYR A 124 11.65 -8.58 43.57
N ILE A 125 12.91 -8.75 43.20
CA ILE A 125 14.02 -8.16 43.99
C ILE A 125 15.10 -7.68 43.03
N ALA A 126 15.77 -6.58 43.36
CA ALA A 126 16.87 -6.04 42.56
C ALA A 126 17.96 -5.53 43.44
N LEU A 127 19.17 -5.61 42.92
CA LEU A 127 20.33 -4.94 43.49
C LEU A 127 20.29 -3.50 43.12
N LYS A 128 20.53 -2.62 44.08
CA LYS A 128 20.60 -1.20 43.80
C LYS A 128 21.94 -0.87 43.14
N GLU A 129 22.07 0.31 42.58
CA GLU A 129 23.23 0.66 41.77
C GLU A 129 24.54 0.73 42.58
N ASP A 130 24.46 1.08 43.87
CA ASP A 130 25.62 1.03 44.77
C ASP A 130 26.18 -0.38 44.93
N LEU A 131 25.46 -1.39 44.44
CA LEU A 131 25.85 -2.82 44.52
C LEU A 131 26.04 -3.31 45.96
N ARG A 132 25.37 -2.67 46.92
CA ARG A 132 25.45 -3.07 48.32
C ARG A 132 24.11 -3.42 48.97
N SER A 133 23.02 -3.02 48.32
CA SER A 133 21.71 -3.08 48.93
C SER A 133 20.69 -3.54 47.92
N TRP A 134 19.52 -3.94 48.42
CA TRP A 134 18.46 -4.54 47.64
C TRP A 134 17.17 -3.76 47.73
N THR A 135 16.34 -3.84 46.70
CA THR A 135 14.99 -3.34 46.79
C THR A 135 14.08 -4.50 46.53
N ALA A 136 13.03 -4.59 47.35
CA ALA A 136 12.15 -5.76 47.38
C ALA A 136 10.77 -5.27 47.02
N ALA A 137 10.04 -5.97 46.15
CA ALA A 137 8.77 -5.46 45.66
C ALA A 137 7.64 -5.60 46.66
N ASP A 138 7.67 -6.64 47.51
CA ASP A 138 6.57 -6.94 48.44
C ASP A 138 7.12 -7.73 49.61
N MET A 139 6.23 -8.21 50.48
CA MET A 139 6.63 -8.98 51.68
C MET A 139 7.32 -10.31 51.39
N ALA A 140 6.90 -11.00 50.34
CA ALA A 140 7.62 -12.19 49.93
C ALA A 140 9.05 -11.82 49.66
N ALA A 141 9.24 -10.85 48.77
CA ALA A 141 10.60 -10.43 48.42
C ALA A 141 11.36 -9.89 49.58
N GLN A 142 10.67 -9.35 50.58
CA GLN A 142 11.37 -8.98 51.80
C GLN A 142 11.98 -10.20 52.50
N THR A 143 11.27 -11.32 52.53
CA THR A 143 11.82 -12.56 53.12
C THR A 143 13.08 -12.95 52.36
N THR A 144 13.05 -12.90 51.02
CA THR A 144 14.24 -13.17 50.20
C THR A 144 15.38 -12.21 50.54
N LYS A 145 15.05 -10.93 50.59
CA LYS A 145 16.07 -9.90 50.82
C LYS A 145 16.79 -10.10 52.15
N HIS A 146 16.01 -10.44 53.18
CA HIS A 146 16.63 -10.74 54.46
C HIS A 146 17.58 -11.93 54.34
N LYS A 147 17.10 -12.97 53.67
CA LYS A 147 17.96 -14.14 53.41
C LYS A 147 19.24 -13.68 52.70
N TRP A 148 19.13 -12.85 51.65
CA TRP A 148 20.36 -12.45 50.89
C TRP A 148 21.30 -11.50 51.58
N GLU A 149 20.76 -10.66 52.46
CA GLU A 149 21.60 -9.86 53.33
C GLU A 149 22.35 -10.75 54.30
N ALA A 150 21.62 -11.62 54.98
CA ALA A 150 22.26 -12.51 55.99
C ALA A 150 23.37 -13.36 55.37
N ALA A 151 23.22 -13.72 54.10
CA ALA A 151 24.22 -14.55 53.37
C ALA A 151 25.32 -13.77 52.70
N HIS A 152 25.19 -12.43 52.68
CA HIS A 152 26.21 -11.52 52.06
C HIS A 152 26.30 -11.66 50.57
N VAL A 153 25.16 -11.88 49.95
CA VAL A 153 25.13 -12.04 48.50
C VAL A 153 25.65 -10.84 47.73
N ALA A 154 25.28 -9.61 48.17
CA ALA A 154 25.72 -8.39 47.44
C ALA A 154 27.24 -8.25 47.36
N GLU A 155 27.95 -8.57 48.44
CA GLU A 155 29.40 -8.57 48.39
C GLU A 155 29.96 -9.46 47.32
N GLN A 156 29.45 -10.70 47.21
CA GLN A 156 29.95 -11.62 46.16
C GLN A 156 29.71 -11.05 44.78
N LEU A 157 28.48 -10.63 44.60
CA LEU A 157 28.06 -10.12 43.32
C LEU A 157 28.81 -8.85 42.94
N ARG A 158 29.03 -7.93 43.90
CA ARG A 158 29.74 -6.68 43.56
C ARG A 158 31.21 -6.97 43.16
N ALA A 159 31.84 -7.93 43.84
CA ALA A 159 33.19 -8.35 43.43
C ALA A 159 33.22 -8.83 41.96
N TYR A 160 32.28 -9.66 41.57
CA TYR A 160 32.19 -10.11 40.18
C TYR A 160 31.88 -8.97 39.19
N LEU A 161 30.86 -8.18 39.48
CA LEU A 161 30.43 -7.12 38.56
C LEU A 161 31.53 -6.09 38.30
N GLU A 162 32.25 -5.71 39.34
CA GLU A 162 33.35 -4.74 39.24
C GLU A 162 34.64 -5.39 38.71
N GLY A 163 34.76 -6.72 38.77
CA GLY A 163 36.07 -7.31 38.40
C GLY A 163 35.87 -8.17 37.18
N THR A 164 35.59 -9.45 37.43
CA THR A 164 35.45 -10.45 36.39
C THR A 164 34.54 -10.10 35.26
N CYS A 165 33.35 -9.55 35.55
CA CYS A 165 32.37 -9.33 34.50
C CYS A 165 33.00 -8.37 33.45
N VAL A 166 33.62 -7.32 33.98
CA VAL A 166 34.11 -6.24 33.14
C VAL A 166 35.39 -6.65 32.45
N GLU A 167 36.19 -7.49 33.12
CA GLU A 167 37.36 -8.09 32.48
C GLU A 167 37.06 -9.02 31.29
N TRP A 168 36.04 -9.82 31.41
CA TRP A 168 35.76 -10.80 30.38
C TRP A 168 35.01 -10.11 29.26
N LEU A 169 34.18 -9.13 29.60
CA LEU A 169 33.62 -8.25 28.56
C LEU A 169 34.68 -7.65 27.65
N ARG A 170 35.72 -7.08 28.24
CA ARG A 170 36.84 -6.51 27.48
C ARG A 170 37.56 -7.56 26.67
N ARG A 171 37.67 -8.76 27.25
CA ARG A 171 38.27 -9.88 26.54
C ARG A 171 37.44 -10.20 25.31
N TYR A 172 36.11 -10.22 25.44
CA TYR A 172 35.28 -10.56 24.31
C TYR A 172 35.28 -9.48 23.24
N LEU A 173 35.22 -8.23 23.67
CA LEU A 173 35.27 -7.10 22.70
C LEU A 173 36.52 -7.20 21.81
N GLU A 174 37.63 -7.60 22.41
CA GLU A 174 38.89 -7.76 21.66
C GLU A 174 38.85 -8.98 20.74
N ASN A 175 38.55 -10.14 21.28
CA ASN A 175 38.53 -11.36 20.48
C ASN A 175 37.45 -11.31 19.36
N GLY A 176 36.33 -10.65 19.63
CA GLY A 176 35.28 -10.46 18.61
C GLY A 176 35.32 -9.08 17.97
N LYS A 177 36.47 -8.41 18.01
CA LYS A 177 36.51 -7.03 17.56
C LYS A 177 35.91 -6.83 16.19
N GLU A 178 36.11 -7.78 15.28
CA GLU A 178 35.68 -7.68 13.89
C GLU A 178 34.18 -7.43 13.74
N THR A 179 33.42 -8.18 14.53
CA THR A 179 32.01 -8.08 14.48
C THR A 179 31.51 -7.15 15.62
N LEU A 180 32.11 -7.21 16.81
CA LEU A 180 31.58 -6.42 17.94
C LEU A 180 31.98 -4.95 17.92
N GLN A 181 33.12 -4.59 17.36
CA GLN A 181 33.51 -3.19 17.36
C GLN A 181 33.30 -2.59 15.99
N ARG A 182 32.53 -3.25 15.14
CA ARG A 182 32.16 -2.69 13.85
C ARG A 182 30.97 -1.76 14.06
N THR A 183 30.75 -0.84 13.14
CA THR A 183 29.46 -0.18 13.02
C THR A 183 29.07 -0.30 11.56
N ASP A 184 27.86 -0.76 11.29
CA ASP A 184 27.31 -0.83 9.93
C ASP A 184 26.32 0.31 9.81
N ALA A 185 26.69 1.26 8.97
CA ALA A 185 25.83 2.38 8.68
C ALA A 185 24.56 1.86 8.01
N PRO A 186 23.41 2.42 8.40
CA PRO A 186 22.13 2.17 7.72
C PRO A 186 22.09 2.47 6.24
N LYS A 187 21.63 1.49 5.44
CA LYS A 187 21.20 1.77 4.07
C LYS A 187 19.80 2.39 4.22
N THR A 188 19.50 3.39 3.42
CA THR A 188 18.44 4.31 3.76
C THR A 188 17.72 4.57 2.44
N HIS A 189 16.39 4.44 2.39
CA HIS A 189 15.60 4.84 1.22
C HIS A 189 14.22 5.30 1.69
N MET A 190 13.46 5.91 0.76
CA MET A 190 12.14 6.37 1.04
C MET A 190 11.11 5.76 0.11
N THR A 191 9.95 5.59 0.68
CA THR A 191 8.83 5.00 0.04
C THR A 191 7.65 5.99 0.07
N HIS A 192 6.76 5.86 -0.90
CA HIS A 192 5.58 6.71 -0.99
C HIS A 192 4.34 5.88 -1.41
N HIS A 193 3.23 6.01 -0.70
CA HIS A 193 2.00 5.36 -1.17
C HIS A 193 0.83 6.32 -0.98
N ALA A 194 -0.04 6.42 -1.97
CA ALA A 194 -1.29 7.14 -1.77
C ALA A 194 -2.06 6.36 -0.70
N VAL A 195 -2.53 7.05 0.32
CA VAL A 195 -3.39 6.40 1.28
C VAL A 195 -4.82 6.90 0.99
N SER A 196 -5.06 8.20 1.20
CA SER A 196 -6.36 8.84 1.04
C SER A 196 -6.33 9.86 -0.11
N ASP A 197 -7.44 10.07 -0.81
CA ASP A 197 -7.46 11.03 -1.93
C ASP A 197 -6.77 12.34 -1.55
N HIS A 198 -6.98 12.81 -0.33
CA HIS A 198 -6.37 14.03 0.17
C HIS A 198 -4.94 13.77 0.75
N GLU A 199 -4.42 12.54 0.69
CA GLU A 199 -3.23 12.17 1.48
C GLU A 199 -2.38 10.99 1.01
N ALA A 200 -1.16 10.94 1.51
CA ALA A 200 -0.17 9.92 1.12
C ALA A 200 0.73 9.63 2.31
N THR A 201 1.37 8.45 2.32
CA THR A 201 2.34 8.08 3.35
C THR A 201 3.75 8.10 2.84
N LEU A 202 4.62 8.74 3.57
CA LEU A 202 6.04 8.67 3.28
C LEU A 202 6.65 7.78 4.35
N ARG A 203 7.46 6.81 3.91
CA ARG A 203 8.10 5.87 4.84
C ARG A 203 9.59 5.85 4.59
N CYS A 204 10.31 6.23 5.63
CA CYS A 204 11.72 6.35 5.60
C CYS A 204 12.28 5.08 6.25
N TRP A 205 13.19 4.44 5.53
CA TRP A 205 13.71 3.13 5.89
C TRP A 205 15.19 3.24 6.24
N ALA A 206 15.56 2.51 7.30
CA ALA A 206 16.94 2.24 7.68
C ALA A 206 17.15 0.72 7.74
N LEU A 207 18.12 0.26 6.99
CA LEU A 207 18.33 -1.14 6.82
C LEU A 207 19.80 -1.53 7.09
N SER A 208 20.02 -2.79 7.45
CA SER A 208 21.35 -3.38 7.70
C SER A 208 22.24 -2.61 8.64
N PHE A 209 21.69 -2.06 9.69
CA PHE A 209 22.53 -1.32 10.64
C PHE A 209 22.86 -2.08 11.91
N TYR A 210 23.97 -1.67 12.52
CA TYR A 210 24.49 -2.22 13.78
C TYR A 210 25.37 -1.16 14.40
N PRO A 211 25.20 -0.81 15.69
CA PRO A 211 24.26 -1.43 16.63
C PRO A 211 22.82 -0.97 16.44
N ALA A 212 21.92 -1.53 17.24
CA ALA A 212 20.46 -1.34 17.09
C ALA A 212 19.99 0.10 17.38
N GLU A 213 20.75 0.78 18.21
CA GLU A 213 20.42 2.14 18.58
C GLU A 213 20.40 3.02 17.32
N ILE A 214 19.30 3.76 17.13
CA ILE A 214 19.12 4.61 15.97
C ILE A 214 17.98 5.58 16.26
N THR A 215 18.02 6.77 15.70
CA THR A 215 16.86 7.63 15.85
C THR A 215 16.46 8.15 14.46
N LEU A 216 15.15 8.09 14.22
CA LEU A 216 14.54 8.48 12.97
C LEU A 216 13.54 9.52 13.37
N THR A 217 13.57 10.70 12.75
CA THR A 217 12.58 11.72 13.06
C THR A 217 12.11 12.36 11.77
N TRP A 218 10.84 12.75 11.77
CA TRP A 218 10.29 13.52 10.69
C TRP A 218 10.18 15.01 11.09
N GLN A 219 10.51 15.86 10.12
CA GLN A 219 10.27 17.27 10.23
C GLN A 219 9.41 17.74 9.07
N ARG A 220 8.67 18.82 9.32
CA ARG A 220 7.98 19.54 8.28
C ARG A 220 8.40 20.99 8.32
N ASP A 221 8.95 21.48 7.20
CA ASP A 221 9.55 22.82 7.11
C ASP A 221 10.63 23.05 8.14
N GLY A 222 11.41 22.00 8.41
CA GLY A 222 12.48 22.06 9.41
C GLY A 222 11.99 21.97 10.85
N GLU A 223 10.79 21.44 11.04
CA GLU A 223 10.11 21.49 12.32
C GLU A 223 9.58 20.12 12.71
N ASP A 224 10.07 19.59 13.83
CA ASP A 224 9.73 18.22 14.22
C ASP A 224 8.24 17.90 14.19
N GLN A 225 7.94 16.66 13.79
CA GLN A 225 6.57 16.19 13.70
C GLN A 225 6.37 14.96 14.55
N THR A 226 5.25 14.91 15.23
CA THR A 226 4.77 13.70 15.81
C THR A 226 3.38 13.34 15.29
N GLN A 227 2.65 14.31 14.75
CA GLN A 227 1.25 14.11 14.37
C GLN A 227 1.25 13.27 13.17
N ASP A 228 0.33 12.31 13.12
CA ASP A 228 0.20 11.40 11.97
C ASP A 228 1.53 10.77 11.58
N THR A 229 2.41 10.56 12.55
CA THR A 229 3.65 9.76 12.38
C THR A 229 3.50 8.43 13.09
N GLU A 230 4.31 7.45 12.66
CA GLU A 230 4.47 6.21 13.44
C GLU A 230 5.83 5.58 13.17
N LEU A 231 6.41 5.01 14.21
CA LEU A 231 7.76 4.43 14.21
C LEU A 231 7.65 2.97 14.62
N VAL A 232 8.19 2.05 13.83
CA VAL A 232 8.13 0.68 14.26
C VAL A 232 9.25 0.40 15.22
N GLU A 233 9.00 -0.58 16.03
CA GLU A 233 9.97 -1.09 16.94
C GLU A 233 11.14 -1.56 16.07
N THR A 234 12.35 -1.28 16.48
CA THR A 234 13.51 -1.84 15.79
C THR A 234 13.49 -3.37 15.79
N ARG A 235 13.87 -4.00 14.67
CA ARG A 235 13.69 -5.43 14.49
C ARG A 235 14.95 -6.04 13.95
N PRO A 236 15.29 -7.28 14.38
CA PRO A 236 16.45 -7.98 13.83
C PRO A 236 16.22 -8.50 12.38
N ALA A 237 17.22 -8.35 11.53
CA ALA A 237 17.16 -8.86 10.17
C ALA A 237 17.46 -10.31 10.09
N GLY A 238 18.06 -10.85 11.15
CA GLY A 238 18.44 -12.28 11.22
C GLY A 238 19.90 -12.58 10.83
N ASP A 239 20.61 -11.57 10.36
CA ASP A 239 22.00 -11.73 9.96
C ASP A 239 22.95 -10.90 10.81
N GLY A 240 22.53 -10.44 12.00
CA GLY A 240 23.39 -9.62 12.86
C GLY A 240 23.09 -8.14 12.72
N THR A 241 22.27 -7.77 11.73
CA THR A 241 21.90 -6.39 11.56
C THR A 241 20.43 -6.11 11.94
N PHE A 242 20.08 -4.82 11.93
CA PHE A 242 18.75 -4.39 12.36
C PHE A 242 18.04 -3.57 11.28
N GLN A 243 16.73 -3.36 11.49
CA GLN A 243 15.91 -2.58 10.58
C GLN A 243 14.96 -1.70 11.41
N LYS A 244 14.56 -0.58 10.81
CA LYS A 244 13.55 0.28 11.40
C LYS A 244 12.98 1.16 10.30
N TRP A 245 11.76 1.57 10.45
CA TRP A 245 11.22 2.62 9.59
C TRP A 245 10.37 3.59 10.39
N ALA A 246 10.20 4.77 9.79
CA ALA A 246 9.31 5.78 10.35
C ALA A 246 8.48 6.33 9.19
N ALA A 247 7.18 6.46 9.41
CA ALA A 247 6.25 6.90 8.38
C ALA A 247 5.58 8.19 8.79
N VAL A 248 5.17 8.98 7.81
CA VAL A 248 4.28 10.10 8.12
C VAL A 248 3.24 10.18 7.02
N VAL A 249 2.01 10.57 7.37
CA VAL A 249 1.01 10.80 6.34
C VAL A 249 0.92 12.30 6.24
N VAL A 250 0.85 12.75 5.00
CA VAL A 250 0.90 14.13 4.67
C VAL A 250 -0.26 14.47 3.73
N PRO A 251 -0.75 15.73 3.76
CA PRO A 251 -1.61 16.16 2.67
C PRO A 251 -0.89 15.99 1.32
N SER A 252 -1.57 15.45 0.32
CA SER A 252 -0.86 15.02 -0.88
C SER A 252 -0.62 16.27 -1.74
N GLY A 253 0.57 16.40 -2.32
CA GLY A 253 1.07 17.66 -2.89
C GLY A 253 2.06 18.40 -2.01
N GLN A 254 2.24 17.98 -0.75
CA GLN A 254 3.15 18.69 0.17
C GLN A 254 4.37 17.89 0.57
N GLU A 255 4.63 16.79 -0.13
CA GLU A 255 5.73 15.86 0.21
C GLU A 255 7.07 16.55 0.39
N GLN A 256 7.27 17.66 -0.32
CA GLN A 256 8.56 18.33 -0.32
C GLN A 256 8.75 19.15 0.96
N ARG A 257 7.69 19.42 1.72
CA ARG A 257 7.84 20.09 3.03
C ARG A 257 8.47 19.17 4.08
N TYR A 258 8.42 17.86 3.82
CA TYR A 258 8.82 16.85 4.81
C TYR A 258 10.19 16.26 4.60
N THR A 259 10.85 16.05 5.71
CA THR A 259 12.17 15.53 5.63
C THR A 259 12.36 14.52 6.76
N CYS A 260 13.07 13.44 6.44
CA CYS A 260 13.34 12.35 7.39
C CYS A 260 14.78 12.47 7.84
N HIS A 261 15.01 12.34 9.16
CA HIS A 261 16.35 12.56 9.70
C HIS A 261 16.81 11.31 10.44
N VAL A 262 18.03 10.90 10.13
CA VAL A 262 18.57 9.64 10.57
C VAL A 262 19.86 9.87 11.34
N GLN A 263 19.89 9.43 12.58
CA GLN A 263 21.12 9.44 13.38
C GLN A 263 21.47 8.05 13.82
N HIS A 264 22.72 7.69 13.57
CA HIS A 264 23.26 6.39 13.94
C HIS A 264 24.77 6.55 14.14
N GLU A 265 25.33 5.83 15.12
CA GLU A 265 26.80 5.88 15.36
C GLU A 265 27.67 5.67 14.13
N GLY A 266 27.21 4.85 13.19
CA GLY A 266 27.91 4.61 11.93
C GLY A 266 27.81 5.72 10.89
N LEU A 267 27.22 6.86 11.25
CA LEU A 267 27.14 8.01 10.35
C LEU A 267 27.98 9.13 10.87
N PRO A 268 28.99 9.53 10.10
CA PRO A 268 29.75 10.73 10.50
C PRO A 268 28.84 11.91 10.87
N LYS A 269 27.78 12.12 10.09
CA LYS A 269 26.87 13.26 10.25
C LYS A 269 25.43 12.76 10.02
N PRO A 270 24.44 13.37 10.73
CA PRO A 270 23.04 12.95 10.54
C PRO A 270 22.61 13.07 9.08
N LEU A 271 21.87 12.11 8.57
CA LEU A 271 21.36 12.17 7.21
C LEU A 271 20.01 12.83 7.16
N THR A 272 19.78 13.53 6.06
CA THR A 272 18.50 14.09 5.71
C THR A 272 18.04 13.44 4.40
N LEU A 273 16.82 12.94 4.39
CA LEU A 273 16.24 12.35 3.20
C LEU A 273 15.00 13.09 2.82
N ARG A 274 14.75 13.12 1.53
CA ARG A 274 13.64 13.86 0.94
C ARG A 274 13.03 12.93 -0.06
N TRP A 275 11.74 12.99 -0.26
CA TRP A 275 11.12 12.24 -1.34
C TRP A 275 11.44 12.81 -2.68
N GLU A 276 11.95 12.00 -3.58
CA GLU A 276 12.30 12.51 -4.89
C GLU A 276 11.42 11.80 -5.85
N PRO A 277 10.40 12.49 -6.40
CA PRO A 277 9.49 11.67 -7.19
C PRO A 277 10.26 11.13 -8.38
N MET B 1 -2.49 -12.55 37.47
CA MET B 1 -1.12 -12.55 36.89
C MET B 1 -1.07 -11.70 35.64
N ILE B 2 0.05 -11.04 35.39
CA ILE B 2 0.13 -10.09 34.33
C ILE B 2 0.30 -10.87 33.04
N GLN B 3 -0.56 -10.63 32.04
CA GLN B 3 -0.35 -11.19 30.72
C GLN B 3 -0.22 -10.06 29.72
N ARG B 4 0.70 -10.23 28.81
CA ARG B 4 0.90 -9.28 27.78
C ARG B 4 0.87 -9.98 26.42
N THR B 5 0.11 -9.40 25.47
CA THR B 5 0.00 -10.01 24.14
C THR B 5 1.18 -9.67 23.30
N PRO B 6 1.44 -10.53 22.34
CA PRO B 6 2.60 -10.25 21.53
C PRO B 6 2.39 -9.21 20.44
N LYS B 7 3.43 -8.44 20.16
CA LYS B 7 3.52 -7.58 19.01
C LYS B 7 4.15 -8.46 17.95
N ILE B 8 3.76 -8.24 16.72
CA ILE B 8 4.20 -9.11 15.60
C ILE B 8 4.64 -8.31 14.42
N GLN B 9 5.80 -8.58 13.86
CA GLN B 9 6.16 -7.98 12.56
C GLN B 9 6.58 -9.11 11.68
N VAL B 10 6.14 -9.03 10.43
CA VAL B 10 6.44 -10.03 9.42
C VAL B 10 7.11 -9.28 8.30
N TYR B 11 8.25 -9.75 7.88
CA TYR B 11 9.09 -8.98 6.96
C TYR B 11 10.20 -9.84 6.45
N SER B 12 10.80 -9.41 5.36
CA SER B 12 11.97 -10.11 4.76
C SER B 12 13.31 -9.55 5.27
N ARG B 13 14.32 -10.41 5.28
CA ARG B 13 15.67 -10.03 5.63
C ARG B 13 16.24 -9.02 4.65
N HIS B 14 16.13 -9.28 3.35
CA HIS B 14 16.58 -8.38 2.29
C HIS B 14 15.36 -7.83 1.54
N PRO B 15 15.50 -6.66 0.86
CA PRO B 15 14.39 -6.14 0.00
C PRO B 15 13.94 -7.23 -0.96
N ALA B 16 12.65 -7.48 -1.05
CA ALA B 16 12.15 -8.67 -1.78
C ALA B 16 12.21 -8.43 -3.27
N GLU B 17 12.64 -9.45 -4.00
CA GLU B 17 12.63 -9.42 -5.44
C GLU B 17 12.15 -10.77 -5.88
N ASN B 18 11.18 -10.78 -6.78
CA ASN B 18 10.56 -11.99 -7.20
C ASN B 18 11.58 -12.92 -7.80
N GLY B 19 11.48 -14.20 -7.43
CA GLY B 19 12.41 -15.24 -7.89
C GLY B 19 13.77 -15.24 -7.17
N LYS B 20 14.01 -14.40 -6.18
CA LYS B 20 15.33 -14.29 -5.58
C LYS B 20 15.31 -14.66 -4.10
N SER B 21 16.22 -15.56 -3.76
CA SER B 21 16.22 -16.20 -2.48
C SER B 21 16.45 -15.19 -1.39
N ASN B 22 15.81 -15.42 -0.26
CA ASN B 22 15.65 -14.41 0.83
C ASN B 22 15.27 -15.17 2.11
N PHE B 23 14.97 -14.45 3.20
CA PHE B 23 14.51 -15.08 4.42
C PHE B 23 13.23 -14.38 4.85
N LEU B 24 12.26 -15.16 5.29
CA LEU B 24 11.04 -14.56 5.82
C LEU B 24 11.13 -14.60 7.31
N ASN B 25 10.83 -13.47 7.97
CA ASN B 25 10.98 -13.35 9.37
C ASN B 25 9.65 -13.05 10.00
N CYS B 26 9.39 -13.66 11.16
CA CYS B 26 8.30 -13.20 12.00
C CYS B 26 8.87 -12.90 13.39
N TYR B 27 8.85 -11.66 13.77
CA TYR B 27 9.41 -11.24 15.04
C TYR B 27 8.27 -10.98 16.00
N VAL B 28 8.26 -11.72 17.09
CA VAL B 28 7.26 -11.58 18.13
C VAL B 28 7.93 -11.07 19.35
N SER B 29 7.31 -10.09 20.01
CA SER B 29 7.94 -9.42 21.15
C SER B 29 6.90 -8.86 22.08
N GLY B 30 7.34 -8.48 23.27
CA GLY B 30 6.47 -7.78 24.25
C GLY B 30 5.49 -8.71 24.96
N PHE B 31 5.72 -10.00 24.90
CA PHE B 31 4.72 -10.91 25.41
C PHE B 31 5.13 -11.59 26.73
N HIS B 32 4.11 -12.03 27.45
CA HIS B 32 4.28 -12.77 28.70
C HIS B 32 2.95 -13.52 28.95
N PRO B 33 2.95 -14.80 29.32
CA PRO B 33 4.13 -15.58 29.58
C PRO B 33 4.83 -16.04 28.27
N SER B 34 5.89 -16.82 28.42
CA SER B 34 6.76 -17.12 27.29
C SER B 34 6.23 -18.21 26.34
N ASP B 35 5.33 -19.09 26.78
CA ASP B 35 4.81 -20.06 25.85
C ASP B 35 4.04 -19.36 24.71
N ILE B 36 4.32 -19.76 23.49
CA ILE B 36 3.77 -19.13 22.34
C ILE B 36 3.91 -20.12 21.13
N GLU B 37 2.96 -20.07 20.19
CA GLU B 37 3.03 -20.84 18.96
C GLU B 37 3.11 -19.85 17.80
N VAL B 38 4.08 -20.05 16.91
CA VAL B 38 4.28 -19.17 15.76
C VAL B 38 4.49 -20.06 14.56
N ASP B 39 3.70 -19.89 13.51
CA ASP B 39 3.87 -20.62 12.26
C ASP B 39 4.03 -19.58 11.17
N LEU B 40 4.81 -19.87 10.18
CA LEU B 40 4.83 -19.07 8.95
C LEU B 40 4.00 -19.84 7.93
N LEU B 41 3.17 -19.12 7.19
CA LEU B 41 2.25 -19.66 6.24
C LEU B 41 2.58 -19.20 4.82
N LYS B 42 2.41 -20.12 3.90
CA LYS B 42 2.51 -19.84 2.49
C LYS B 42 1.18 -20.19 1.86
N ASN B 43 0.47 -19.22 1.31
CA ASN B 43 -0.88 -19.41 0.81
C ASN B 43 -1.77 -20.16 1.77
N GLY B 44 -1.68 -19.82 3.04
CA GLY B 44 -2.51 -20.45 4.03
C GLY B 44 -1.95 -21.70 4.66
N GLU B 45 -0.88 -22.30 4.10
CA GLU B 45 -0.35 -23.58 4.60
C GLU B 45 0.94 -23.41 5.44
N ARG B 46 1.05 -24.14 6.54
CA ARG B 46 2.23 -24.03 7.44
C ARG B 46 3.44 -24.36 6.64
N ILE B 47 4.51 -23.61 6.85
CA ILE B 47 5.78 -23.92 6.26
C ILE B 47 6.48 -24.81 7.26
N GLU B 48 7.06 -25.90 6.78
CA GLU B 48 7.58 -26.88 7.71
C GLU B 48 8.95 -26.70 8.35
N LYS B 49 9.98 -26.03 7.84
CA LYS B 49 11.21 -26.25 8.75
C LYS B 49 11.72 -24.96 9.39
N VAL B 50 10.79 -24.25 9.99
CA VAL B 50 11.07 -22.93 10.42
C VAL B 50 11.97 -22.98 11.66
N GLU B 51 12.93 -22.08 11.77
CA GLU B 51 13.80 -22.00 12.93
C GLU B 51 13.42 -20.82 13.76
N HIS B 52 13.93 -20.79 14.97
CA HIS B 52 13.74 -19.60 15.78
C HIS B 52 14.94 -19.31 16.67
N SER B 53 15.05 -18.08 17.14
CA SER B 53 16.13 -17.62 18.09
C SER B 53 15.91 -18.16 19.49
N ASP B 54 16.92 -18.09 20.35
CA ASP B 54 16.82 -18.54 21.71
C ASP B 54 16.02 -17.53 22.55
N LEU B 55 15.14 -18.04 23.39
CA LEU B 55 14.26 -17.14 24.17
C LEU B 55 15.06 -16.09 24.95
N SER B 56 14.77 -14.80 24.77
CA SER B 56 15.41 -13.78 25.65
C SER B 56 14.32 -12.81 26.04
N PHE B 57 14.72 -11.75 26.73
CA PHE B 57 13.68 -10.83 27.26
C PHE B 57 14.21 -9.45 27.45
N SER B 58 13.29 -8.51 27.46
CA SER B 58 13.59 -7.08 27.42
C SER B 58 13.57 -6.51 28.84
N LYS B 59 13.81 -5.21 28.95
CA LYS B 59 14.04 -4.54 30.22
C LYS B 59 12.78 -4.64 31.07
N ASP B 60 11.61 -4.61 30.42
CA ASP B 60 10.34 -4.83 31.11
C ASP B 60 9.96 -6.27 31.38
N TRP B 61 10.86 -7.20 31.12
CA TRP B 61 10.68 -8.62 31.37
C TRP B 61 9.92 -9.36 30.29
N SER B 62 9.32 -8.64 29.36
CA SER B 62 8.57 -9.28 28.33
C SER B 62 9.55 -10.01 27.38
N PHE B 63 9.07 -11.09 26.78
CA PHE B 63 9.89 -11.94 25.92
C PHE B 63 9.91 -11.55 24.45
N TYR B 64 10.88 -12.07 23.73
CA TYR B 64 10.89 -11.88 22.29
C TYR B 64 11.64 -13.01 21.63
N LEU B 65 11.25 -13.30 20.40
CA LEU B 65 11.74 -14.40 19.58
C LEU B 65 11.67 -13.99 18.11
N LEU B 66 12.63 -14.48 17.32
CA LEU B 66 12.57 -14.35 15.88
C LEU B 66 12.40 -15.73 15.24
N TYR B 67 11.36 -15.88 14.45
CA TYR B 67 11.11 -17.08 13.66
C TYR B 67 11.42 -16.78 12.22
N TYR B 68 12.02 -17.74 11.52
CA TYR B 68 12.51 -17.45 10.17
C TYR B 68 12.75 -18.69 9.38
N THR B 69 12.68 -18.51 8.08
CA THR B 69 12.92 -19.53 7.12
C THR B 69 13.36 -18.91 5.79
N GLU B 70 14.08 -19.71 5.01
CA GLU B 70 14.47 -19.32 3.69
C GLU B 70 13.21 -19.37 2.83
N PHE B 71 13.10 -18.44 1.87
CA PHE B 71 11.99 -18.49 0.93
C PHE B 71 12.38 -17.70 -0.32
N THR B 72 11.59 -17.89 -1.36
CA THR B 72 11.75 -17.18 -2.60
C THR B 72 10.43 -16.50 -2.93
N PRO B 73 10.32 -15.21 -2.62
CA PRO B 73 9.08 -14.49 -2.95
C PRO B 73 8.77 -14.55 -4.44
N THR B 74 7.48 -14.53 -4.76
CA THR B 74 6.98 -14.43 -6.13
C THR B 74 5.87 -13.39 -6.20
N GLU B 75 5.35 -13.17 -7.38
CA GLU B 75 4.29 -12.24 -7.57
C GLU B 75 3.07 -12.65 -6.81
N LYS B 76 2.70 -13.91 -6.92
CA LYS B 76 1.37 -14.30 -6.47
C LYS B 76 1.30 -15.09 -5.14
N ASP B 77 2.41 -15.59 -4.67
CA ASP B 77 2.37 -16.29 -3.34
C ASP B 77 2.18 -15.30 -2.19
N GLU B 78 1.28 -15.63 -1.28
CA GLU B 78 0.97 -14.86 -0.13
C GLU B 78 1.63 -15.53 1.10
N TYR B 79 2.34 -14.75 1.88
CA TYR B 79 2.99 -15.20 3.08
C TYR B 79 2.39 -14.52 4.27
N ALA B 80 2.43 -15.19 5.41
CA ALA B 80 1.88 -14.65 6.65
C ALA B 80 2.47 -15.38 7.84
N CYS B 81 2.28 -14.77 9.01
CA CYS B 81 2.73 -15.35 10.28
C CYS B 81 1.49 -15.52 11.12
N ARG B 82 1.33 -16.63 11.80
CA ARG B 82 0.17 -16.89 12.60
C ARG B 82 0.68 -17.17 14.01
N VAL B 83 0.16 -16.40 14.99
CA VAL B 83 0.59 -16.47 16.36
C VAL B 83 -0.51 -16.85 17.28
N ASN B 84 -0.29 -17.84 18.15
CA ASN B 84 -1.17 -18.11 19.23
C ASN B 84 -0.48 -17.95 20.60
N HIS B 85 -1.24 -17.48 21.57
CA HIS B 85 -0.70 -17.12 22.87
C HIS B 85 -1.90 -17.08 23.82
N VAL B 86 -1.68 -17.32 25.11
CA VAL B 86 -2.81 -17.32 26.05
C VAL B 86 -3.65 -16.07 25.98
N THR B 87 -3.02 -14.90 25.73
CA THR B 87 -3.80 -13.65 25.65
C THR B 87 -4.77 -13.57 24.46
N LEU B 88 -4.69 -14.49 23.52
CA LEU B 88 -5.45 -14.39 22.29
C LEU B 88 -6.59 -15.34 22.35
N SER B 89 -7.77 -14.88 21.98
CA SER B 89 -8.93 -15.77 22.02
C SER B 89 -8.87 -16.65 20.78
N GLN B 90 -8.25 -16.14 19.71
CA GLN B 90 -8.02 -16.87 18.47
C GLN B 90 -6.63 -16.55 17.95
N PRO B 91 -6.00 -17.47 17.21
CA PRO B 91 -4.71 -17.16 16.64
C PRO B 91 -4.75 -15.87 15.78
N LYS B 92 -3.72 -15.06 15.89
CA LYS B 92 -3.64 -13.88 15.14
C LYS B 92 -2.84 -14.18 13.89
N ILE B 93 -3.36 -13.79 12.73
CA ILE B 93 -2.59 -13.87 11.52
C ILE B 93 -2.19 -12.48 10.95
N VAL B 94 -0.91 -12.28 10.64
CA VAL B 94 -0.41 -11.04 10.08
C VAL B 94 0.21 -11.36 8.70
N LYS B 95 -0.35 -10.80 7.61
CA LYS B 95 0.16 -10.97 6.26
C LYS B 95 1.47 -10.23 6.08
N TRP B 96 2.40 -10.84 5.32
CA TRP B 96 3.60 -10.13 4.91
C TRP B 96 3.25 -9.08 3.84
N ASP B 97 3.71 -7.83 4.04
CA ASP B 97 3.66 -6.73 3.00
C ASP B 97 5.08 -6.37 2.64
N ARG B 98 5.50 -6.56 1.39
CA ARG B 98 6.94 -6.35 1.09
C ARG B 98 7.43 -4.91 1.32
N ASP B 99 6.52 -3.97 1.49
CA ASP B 99 6.97 -2.63 1.92
C ASP B 99 6.72 -2.27 3.38
N MET B 100 6.81 -3.28 4.26
CA MET B 100 6.73 -2.99 5.72
C MET B 100 7.47 -3.97 6.66
N ARG C 1 31.58 -14.61 30.67
CA ARG C 1 31.80 -15.53 31.80
C ARG C 1 30.80 -15.18 32.90
N GLN C 2 30.17 -16.24 33.39
CA GLN C 2 29.04 -16.11 34.32
C GLN C 2 29.55 -15.96 35.71
N PHE C 3 28.72 -15.35 36.53
CA PHE C 3 28.98 -15.35 37.98
C PHE C 3 28.91 -16.78 38.48
N GLY C 4 29.75 -17.19 39.43
CA GLY C 4 29.60 -18.54 39.98
C GLY C 4 30.28 -18.70 41.29
N PRO C 5 30.32 -19.92 41.85
CA PRO C 5 29.89 -21.14 41.12
C PRO C 5 28.43 -21.23 40.87
N ASP C 6 27.62 -20.55 41.70
CA ASP C 6 26.19 -20.68 41.61
C ASP C 6 25.48 -19.66 42.48
N TRP C 7 24.17 -19.78 42.51
CA TRP C 7 23.31 -18.78 43.18
C TRP C 7 22.71 -19.34 44.46
N ILE C 8 22.55 -18.42 45.43
CA ILE C 8 21.74 -18.66 46.56
C ILE C 8 20.26 -18.77 46.08
N VAL C 9 19.51 -19.62 46.73
CA VAL C 9 18.03 -19.72 46.44
C VAL C 9 17.26 -18.50 47.06
N ALA C 10 16.08 -18.24 46.54
CA ALA C 10 15.28 -17.13 46.90
C ALA C 10 14.57 -17.39 48.22
N LYS D 1 -36.94 13.80 -51.38
CA LYS D 1 -37.09 15.28 -51.59
C LYS D 1 -37.75 15.67 -52.94
N GLU D 2 -39.03 15.25 -53.14
CA GLU D 2 -39.82 15.48 -54.37
C GLU D 2 -41.32 15.78 -54.18
N VAL D 3 -41.77 16.76 -54.93
CA VAL D 3 -43.07 17.32 -54.73
C VAL D 3 -43.78 17.39 -56.07
N GLU D 4 -45.01 16.91 -56.10
CA GLU D 4 -45.82 16.91 -57.27
C GLU D 4 -46.86 18.01 -57.19
N GLN D 5 -47.04 18.75 -58.26
CA GLN D 5 -47.95 19.90 -58.33
C GLN D 5 -48.46 19.96 -59.76
N ASP D 6 -49.78 20.05 -59.92
CA ASP D 6 -50.36 20.17 -61.23
C ASP D 6 -50.15 21.58 -61.82
N PRO D 7 -49.73 21.64 -63.09
CA PRO D 7 -49.37 22.94 -63.65
C PRO D 7 -50.55 23.84 -63.97
N GLY D 8 -51.75 23.24 -63.99
CA GLY D 8 -52.92 23.95 -64.45
C GLY D 8 -52.83 24.03 -65.95
N PRO D 9 -53.02 25.20 -66.53
CA PRO D 9 -53.42 26.42 -65.82
C PRO D 9 -54.84 26.37 -65.30
N LEU D 10 -55.13 27.13 -64.24
CA LEU D 10 -56.49 27.29 -63.77
C LEU D 10 -57.03 28.63 -64.20
N SER D 11 -58.23 28.62 -64.72
CA SER D 11 -58.94 29.84 -65.05
C SER D 11 -60.27 29.90 -64.34
N VAL D 12 -60.46 30.93 -63.53
CA VAL D 12 -61.66 30.99 -62.73
C VAL D 12 -62.26 32.37 -62.85
N PRO D 13 -63.56 32.45 -62.67
CA PRO D 13 -64.17 33.75 -62.69
C PRO D 13 -63.91 34.50 -61.37
N GLU D 14 -63.78 35.81 -61.46
CA GLU D 14 -63.60 36.64 -60.28
C GLU D 14 -64.66 36.24 -59.29
N GLY D 15 -64.29 36.17 -58.01
CA GLY D 15 -65.25 35.80 -56.97
C GLY D 15 -65.23 34.31 -56.60
N ALA D 16 -64.68 33.45 -57.45
CA ALA D 16 -64.61 32.03 -57.13
C ALA D 16 -63.63 31.67 -56.04
N ILE D 17 -63.91 30.55 -55.38
CA ILE D 17 -62.95 29.91 -54.49
C ILE D 17 -62.00 29.10 -55.34
N VAL D 18 -60.71 29.26 -55.07
CA VAL D 18 -59.70 28.43 -55.70
C VAL D 18 -58.99 27.53 -54.72
N SER D 19 -58.68 26.34 -55.19
CA SER D 19 -58.05 25.34 -54.43
C SER D 19 -56.77 25.03 -55.17
N LEU D 20 -55.62 25.11 -54.48
CA LEU D 20 -54.29 24.64 -54.98
C LEU D 20 -53.77 23.56 -54.05
N ASN D 21 -53.03 22.60 -54.59
CA ASN D 21 -52.43 21.59 -53.78
C ASN D 21 -51.10 21.02 -54.30
N CYS D 22 -50.35 20.36 -53.44
CA CYS D 22 -49.14 19.62 -53.75
C CYS D 22 -49.13 18.34 -52.93
N THR D 23 -48.42 17.35 -53.43
CA THR D 23 -48.24 16.11 -52.67
C THR D 23 -46.70 15.87 -52.62
N TYR D 24 -46.24 15.19 -51.59
CA TYR D 24 -44.83 14.95 -51.38
C TYR D 24 -44.65 13.52 -50.93
N SER D 25 -43.42 13.04 -50.92
CA SER D 25 -43.19 11.67 -50.50
C SER D 25 -42.27 11.57 -49.29
N ASN D 26 -41.46 12.57 -49.04
CA ASN D 26 -40.50 12.49 -47.95
C ASN D 26 -41.09 12.93 -46.61
N SER D 27 -41.15 11.98 -45.69
CA SER D 27 -41.78 12.17 -44.40
C SER D 27 -40.96 13.07 -43.50
N ALA D 28 -39.69 13.29 -43.84
CA ALA D 28 -38.90 14.24 -43.10
C ALA D 28 -39.30 15.70 -43.31
N PHE D 29 -40.15 16.04 -44.31
CA PHE D 29 -40.53 17.45 -44.46
C PHE D 29 -41.39 17.85 -43.28
N GLN D 30 -41.17 19.05 -42.73
CA GLN D 30 -41.91 19.49 -41.56
C GLN D 30 -42.40 20.93 -41.65
N TYR D 31 -41.97 21.71 -42.65
CA TYR D 31 -42.30 23.11 -42.82
C TYR D 31 -42.79 23.27 -44.24
N PHE D 32 -43.97 23.83 -44.40
CA PHE D 32 -44.68 23.88 -45.64
C PHE D 32 -45.14 25.32 -45.91
N MET D 33 -44.85 25.79 -47.11
CA MET D 33 -45.04 27.18 -47.45
C MET D 33 -45.69 27.31 -48.80
N TRP D 34 -46.36 28.41 -48.99
CA TRP D 34 -46.80 28.81 -50.33
C TRP D 34 -46.36 30.19 -50.76
N TYR D 35 -46.04 30.29 -52.06
CA TYR D 35 -45.59 31.50 -52.70
C TYR D 35 -46.47 31.80 -53.92
N ARG D 36 -46.58 33.09 -54.21
CA ARG D 36 -47.16 33.63 -55.42
C ARG D 36 -46.01 34.27 -56.18
N GLN D 37 -45.96 34.07 -57.49
CA GLN D 37 -45.02 34.74 -58.32
C GLN D 37 -45.70 35.37 -59.54
N TYR D 38 -45.62 36.66 -59.67
CA TYR D 38 -46.12 37.33 -60.86
C TYR D 38 -45.17 37.23 -61.97
N SER D 39 -45.66 37.30 -63.19
CA SER D 39 -44.85 36.85 -64.30
C SER D 39 -43.73 37.82 -64.50
N ARG D 40 -42.52 37.27 -64.53
CA ARG D 40 -41.30 38.02 -64.62
C ARG D 40 -40.83 38.67 -63.33
N LYS D 41 -41.33 38.23 -62.18
CA LYS D 41 -40.88 38.74 -60.86
C LYS D 41 -40.42 37.61 -59.97
N GLY D 42 -39.99 37.93 -58.76
CA GLY D 42 -39.58 36.94 -57.78
C GLY D 42 -40.74 36.43 -56.94
N PRO D 43 -40.52 35.35 -56.20
CA PRO D 43 -41.51 34.68 -55.40
C PRO D 43 -41.80 35.43 -54.08
N GLU D 44 -43.07 35.54 -53.71
CA GLU D 44 -43.49 36.24 -52.51
C GLU D 44 -44.17 35.27 -51.60
N LEU D 45 -43.69 35.16 -50.40
CA LEU D 45 -44.28 34.25 -49.39
C LEU D 45 -45.68 34.71 -49.02
N LEU D 46 -46.63 33.79 -49.06
CA LEU D 46 -48.00 34.04 -48.59
C LEU D 46 -48.26 33.51 -47.16
N MET D 47 -47.99 32.22 -46.97
CA MET D 47 -48.44 31.43 -45.76
C MET D 47 -47.40 30.36 -45.53
N TYR D 48 -47.30 29.99 -44.26
CA TYR D 48 -46.30 29.08 -43.75
C TYR D 48 -46.99 28.24 -42.65
N THR D 49 -46.73 26.94 -42.59
CA THR D 49 -47.20 26.09 -41.48
C THR D 49 -46.11 25.07 -41.08
N TYR D 50 -45.95 24.91 -39.78
CA TYR D 50 -45.24 23.83 -39.18
C TYR D 50 -46.11 22.49 -39.00
N SER D 51 -45.61 21.40 -39.57
CA SER D 51 -45.99 19.98 -39.19
C SER D 51 -47.36 19.62 -39.79
N SER D 52 -48.46 20.06 -39.19
CA SER D 52 -49.78 19.60 -39.59
C SER D 52 -50.69 20.74 -39.22
N GLY D 53 -51.80 20.86 -39.96
CA GLY D 53 -52.92 21.64 -39.46
C GLY D 53 -53.26 22.76 -40.44
N ASN D 54 -54.14 23.64 -39.98
CA ASN D 54 -54.82 24.63 -40.79
C ASN D 54 -54.56 26.05 -40.25
N LYS D 55 -54.29 27.02 -41.12
CA LYS D 55 -54.32 28.42 -40.67
C LYS D 55 -54.90 29.35 -41.72
N GLU D 56 -55.65 30.36 -41.24
CA GLU D 56 -56.28 31.40 -42.07
C GLU D 56 -55.55 32.74 -42.01
N ASP D 57 -55.43 33.42 -43.14
CA ASP D 57 -55.04 34.82 -43.12
C ASP D 57 -55.80 35.60 -44.21
N GLY D 58 -56.75 36.43 -43.81
CA GLY D 58 -57.70 37.05 -44.77
C GLY D 58 -58.41 36.03 -45.64
N ARG D 59 -58.20 36.15 -46.94
CA ARG D 59 -58.81 35.30 -47.93
C ARG D 59 -58.10 33.96 -48.12
N PHE D 60 -56.94 33.78 -47.47
CA PHE D 60 -56.13 32.61 -47.68
C PHE D 60 -56.27 31.62 -46.52
N THR D 61 -56.26 30.33 -46.85
CA THR D 61 -56.20 29.28 -45.82
C THR D 61 -55.24 28.26 -46.30
N ALA D 62 -54.21 28.00 -45.49
CA ALA D 62 -53.25 26.97 -45.90
C ALA D 62 -53.49 25.75 -45.05
N GLN D 63 -53.29 24.53 -45.58
CA GLN D 63 -53.52 23.31 -44.80
C GLN D 63 -52.47 22.27 -45.10
N VAL D 64 -52.17 21.45 -44.12
CA VAL D 64 -51.28 20.34 -44.29
C VAL D 64 -51.78 19.10 -43.56
N ASP D 65 -51.69 18.01 -44.28
CA ASP D 65 -52.08 16.70 -43.74
C ASP D 65 -50.83 15.87 -43.89
N LYS D 66 -50.08 15.74 -42.80
CA LYS D 66 -48.84 14.97 -42.83
C LYS D 66 -49.10 13.45 -43.04
N SER D 67 -50.23 12.90 -42.67
CA SER D 67 -50.50 11.44 -42.99
C SER D 67 -50.63 11.15 -44.50
N SER D 68 -51.37 12.01 -45.17
CA SER D 68 -51.63 11.87 -46.58
C SER D 68 -50.50 12.49 -47.39
N LYS D 69 -49.66 13.29 -46.72
CA LYS D 69 -48.64 14.04 -47.37
C LYS D 69 -49.21 14.91 -48.45
N TYR D 70 -50.12 15.77 -48.03
CA TYR D 70 -50.91 16.52 -48.97
C TYR D 70 -51.11 17.88 -48.38
N ILE D 71 -50.79 18.92 -49.12
CA ILE D 71 -50.92 20.28 -48.61
C ILE D 71 -51.74 21.11 -49.59
N SER D 72 -52.49 22.08 -49.07
CA SER D 72 -53.34 22.91 -49.92
C SER D 72 -53.46 24.31 -49.44
N LEU D 73 -53.77 25.16 -50.41
CA LEU D 73 -54.01 26.55 -50.22
C LEU D 73 -55.38 26.84 -50.87
N PHE D 74 -56.24 27.48 -50.11
CA PHE D 74 -57.53 27.94 -50.56
C PHE D 74 -57.49 29.45 -50.61
N ILE D 75 -58.02 29.99 -51.72
CA ILE D 75 -58.27 31.42 -51.88
C ILE D 75 -59.75 31.72 -52.04
N ARG D 76 -60.35 32.37 -51.07
CA ARG D 76 -61.71 32.78 -51.13
C ARG D 76 -61.81 34.02 -51.96
N ASP D 77 -62.97 34.20 -52.59
CA ASP D 77 -63.31 35.51 -53.27
C ASP D 77 -62.17 36.00 -54.17
N SER D 78 -61.78 35.13 -55.11
CA SER D 78 -60.62 35.34 -55.90
C SER D 78 -60.73 36.65 -56.69
N GLN D 79 -59.61 37.36 -56.82
CA GLN D 79 -59.51 38.62 -57.63
C GLN D 79 -58.56 38.54 -58.81
N PRO D 80 -58.77 39.43 -59.80
CA PRO D 80 -57.86 39.53 -60.91
C PRO D 80 -56.40 39.66 -60.49
N SER D 81 -56.18 40.37 -59.41
CA SER D 81 -54.82 40.57 -58.93
C SER D 81 -54.20 39.32 -58.28
N ASP D 82 -54.98 38.24 -58.18
CA ASP D 82 -54.44 36.97 -57.67
C ASP D 82 -53.87 36.17 -58.80
N SER D 83 -54.06 36.65 -60.04
CA SER D 83 -53.56 35.98 -61.25
C SER D 83 -52.02 35.96 -61.18
N ALA D 84 -51.42 34.76 -61.20
CA ALA D 84 -50.03 34.53 -60.80
C ALA D 84 -49.78 33.02 -60.84
N THR D 85 -48.50 32.63 -60.73
CA THR D 85 -48.14 31.28 -60.49
C THR D 85 -47.98 31.05 -59.02
N TYR D 86 -48.51 29.95 -58.53
CA TYR D 86 -48.48 29.63 -57.14
C TYR D 86 -47.58 28.39 -56.93
N LEU D 87 -46.62 28.50 -56.01
CA LEU D 87 -45.60 27.43 -55.81
C LEU D 87 -45.64 27.02 -54.36
N CYS D 88 -45.58 25.72 -54.10
CA CYS D 88 -45.49 25.26 -52.75
C CYS D 88 -43.97 24.95 -52.58
N ALA D 89 -43.53 25.03 -51.35
CA ALA D 89 -42.15 24.66 -51.00
C ALA D 89 -42.12 24.05 -49.62
N MET D 90 -41.11 23.20 -49.43
CA MET D 90 -41.03 22.55 -48.15
C MET D 90 -39.61 22.21 -47.73
N ARG D 91 -39.40 21.98 -46.44
CA ARG D 91 -38.08 21.54 -45.93
C ARG D 91 -38.24 20.82 -44.61
N GLY D 92 -37.13 20.20 -44.20
CA GLY D 92 -37.00 19.53 -42.94
C GLY D 92 -36.23 20.44 -42.02
N ASP D 93 -35.63 19.84 -41.01
CA ASP D 93 -34.87 20.62 -40.06
C ASP D 93 -33.38 20.37 -40.08
N SER D 94 -32.86 19.85 -41.18
CA SER D 94 -31.42 19.64 -41.31
C SER D 94 -30.75 20.72 -42.16
N SER D 95 -31.58 21.55 -42.83
CA SER D 95 -31.10 22.52 -43.78
C SER D 95 -32.17 23.55 -44.07
N TYR D 96 -31.78 24.78 -44.40
CA TYR D 96 -32.68 25.78 -44.99
C TYR D 96 -33.05 25.61 -46.47
N LYS D 97 -32.49 24.60 -47.13
CA LYS D 97 -32.81 24.29 -48.49
C LYS D 97 -34.25 23.92 -48.63
N LEU D 98 -34.93 24.66 -49.49
CA LEU D 98 -36.27 24.40 -49.91
C LEU D 98 -36.35 23.56 -51.18
N ILE D 99 -37.35 22.69 -51.21
CA ILE D 99 -37.72 21.94 -52.38
C ILE D 99 -39.12 22.48 -52.83
N PHE D 100 -39.19 22.95 -54.07
CA PHE D 100 -40.38 23.59 -54.53
C PHE D 100 -41.15 22.66 -55.48
N GLY D 101 -42.46 22.81 -55.50
CA GLY D 101 -43.21 22.19 -56.58
C GLY D 101 -43.04 23.05 -57.83
N SER D 102 -43.39 22.47 -58.97
CA SER D 102 -43.31 23.10 -60.29
C SER D 102 -44.24 24.24 -60.57
N GLY D 103 -45.22 24.49 -59.72
CA GLY D 103 -46.05 25.64 -59.85
C GLY D 103 -47.39 25.35 -60.53
N THR D 104 -48.44 26.06 -60.10
CA THR D 104 -49.73 26.07 -60.78
C THR D 104 -50.02 27.50 -61.23
N ARG D 105 -50.32 27.68 -62.50
CA ARG D 105 -50.72 29.01 -62.99
C ARG D 105 -52.19 29.25 -62.77
N LEU D 106 -52.53 30.34 -62.09
CA LEU D 106 -53.91 30.78 -61.94
C LEU D 106 -54.22 32.06 -62.69
N LEU D 107 -55.31 32.03 -63.44
CA LEU D 107 -55.87 33.24 -63.99
C LEU D 107 -57.26 33.46 -63.37
N VAL D 108 -57.41 34.58 -62.72
CA VAL D 108 -58.69 35.06 -62.29
C VAL D 108 -59.28 36.08 -63.32
N ARG D 109 -60.36 35.68 -64.00
CA ARG D 109 -60.99 36.48 -65.04
C ARG D 109 -61.81 37.62 -64.47
N PRO D 110 -61.56 38.84 -64.94
CA PRO D 110 -62.26 39.99 -64.35
C PRO D 110 -63.74 39.96 -64.69
N ASP D 111 -64.57 40.45 -63.78
CA ASP D 111 -66.00 40.58 -64.10
C ASP D 111 -66.20 41.89 -64.89
N ILE D 112 -66.60 41.77 -66.15
CA ILE D 112 -66.79 42.95 -66.97
C ILE D 112 -68.28 43.29 -67.04
N GLN D 113 -68.65 44.41 -66.45
CA GLN D 113 -70.07 44.72 -66.30
C GLN D 113 -70.79 45.20 -67.56
N ASN D 114 -70.10 45.70 -68.58
CA ASN D 114 -70.83 46.20 -69.78
C ASN D 114 -70.18 45.81 -71.08
N PRO D 115 -70.25 44.52 -71.42
CA PRO D 115 -69.53 44.10 -72.62
C PRO D 115 -70.04 44.83 -73.86
N ASP D 116 -69.17 45.00 -74.86
CA ASP D 116 -69.48 45.68 -76.12
C ASP D 116 -68.61 45.08 -77.26
N PRO D 117 -68.64 43.73 -77.43
CA PRO D 117 -67.66 43.03 -78.29
C PRO D 117 -67.56 43.51 -79.77
N ALA D 118 -66.38 44.05 -80.08
CA ALA D 118 -66.09 44.61 -81.39
C ALA D 118 -64.72 44.10 -81.91
N VAL D 119 -64.63 44.01 -83.24
CA VAL D 119 -63.39 43.64 -83.97
C VAL D 119 -63.02 44.74 -84.95
N TYR D 120 -61.90 45.42 -84.70
CA TYR D 120 -61.47 46.57 -85.48
C TYR D 120 -60.18 46.35 -86.30
N GLN D 121 -60.07 47.05 -87.45
CA GLN D 121 -58.83 47.13 -88.19
C GLN D 121 -58.07 48.44 -87.85
N LEU D 122 -56.73 48.32 -87.75
CA LEU D 122 -55.82 49.41 -87.37
C LEU D 122 -54.68 49.63 -88.41
N ARG D 123 -54.50 50.87 -88.84
CA ARG D 123 -53.48 51.22 -89.84
C ARG D 123 -52.12 51.41 -89.18
N ASP D 124 -51.05 51.03 -89.90
CA ASP D 124 -49.66 51.36 -89.46
C ASP D 124 -49.61 52.88 -89.26
N SER D 125 -48.98 53.35 -88.18
CA SER D 125 -48.58 54.74 -88.08
C SER D 125 -47.41 54.90 -89.08
N LYS D 126 -46.54 55.89 -88.94
CA LYS D 126 -45.67 56.25 -90.04
C LYS D 126 -46.71 56.23 -91.14
N SER D 127 -46.43 55.56 -92.26
CA SER D 127 -47.50 55.06 -93.10
C SER D 127 -47.13 53.65 -93.55
N SER D 128 -48.11 52.79 -93.76
CA SER D 128 -47.85 51.50 -94.38
C SER D 128 -49.14 50.78 -94.75
N ASP D 129 -48.97 49.78 -95.59
CA ASP D 129 -50.02 48.79 -95.87
C ASP D 129 -50.11 47.74 -94.75
N LYS D 130 -49.35 47.94 -93.68
CA LYS D 130 -49.32 47.01 -92.56
C LYS D 130 -50.58 47.24 -91.75
N SER D 131 -51.14 46.16 -91.22
CA SER D 131 -52.39 46.26 -90.49
C SER D 131 -52.55 45.17 -89.47
N VAL D 132 -53.24 45.53 -88.40
CA VAL D 132 -53.56 44.57 -87.37
C VAL D 132 -55.08 44.63 -87.08
N CYS D 133 -55.62 43.51 -86.59
CA CYS D 133 -57.01 43.45 -86.13
C CYS D 133 -57.07 43.31 -84.60
N LEU D 134 -57.87 44.17 -83.98
CA LEU D 134 -58.09 44.27 -82.54
C LEU D 134 -59.52 43.78 -82.19
N PHE D 135 -59.62 42.69 -81.43
CA PHE D 135 -60.88 42.21 -80.87
C PHE D 135 -60.93 42.69 -79.43
N THR D 136 -61.88 43.55 -79.10
CA THR D 136 -61.90 44.21 -77.80
C THR D 136 -63.34 44.27 -77.19
N ASP D 137 -63.38 44.60 -75.89
CA ASP D 137 -64.63 44.85 -75.11
C ASP D 137 -65.54 43.63 -74.94
N PHE D 138 -64.94 42.45 -75.05
CA PHE D 138 -65.68 41.20 -74.93
C PHE D 138 -65.62 40.75 -73.49
N ASP D 139 -66.63 39.96 -73.13
CA ASP D 139 -66.85 39.43 -71.80
C ASP D 139 -65.79 38.45 -71.36
N SER D 140 -65.54 38.31 -70.06
CA SER D 140 -64.55 37.34 -69.62
C SER D 140 -65.08 35.90 -69.74
N GLN D 141 -66.34 35.74 -70.16
CA GLN D 141 -66.83 34.42 -70.55
C GLN D 141 -66.14 33.94 -71.85
N THR D 142 -65.64 34.85 -72.67
CA THR D 142 -64.98 34.42 -73.93
C THR D 142 -63.56 33.93 -73.70
N ASN D 143 -63.18 32.82 -74.36
CA ASN D 143 -61.76 32.41 -74.45
C ASN D 143 -61.31 32.61 -75.91
N VAL D 144 -60.00 32.69 -76.15
CA VAL D 144 -59.43 32.99 -77.50
C VAL D 144 -58.52 31.83 -77.95
N SER D 145 -58.40 31.64 -79.26
CA SER D 145 -57.86 30.42 -79.84
C SER D 145 -56.72 30.75 -80.81
N GLN D 146 -55.78 29.82 -80.97
CA GLN D 146 -54.72 29.90 -82.02
C GLN D 146 -55.33 29.82 -83.42
N SER D 147 -54.59 30.23 -84.45
CA SER D 147 -55.01 30.00 -85.84
C SER D 147 -54.88 28.50 -86.19
N LYS D 148 -55.51 28.06 -87.27
CA LYS D 148 -55.24 26.70 -87.82
C LYS D 148 -53.92 26.67 -88.60
N ASP D 149 -53.51 27.84 -89.13
CA ASP D 149 -52.48 27.90 -90.18
C ASP D 149 -51.23 28.73 -89.82
N SER D 150 -50.21 28.51 -90.66
CA SER D 150 -48.83 28.97 -90.49
C SER D 150 -48.62 30.49 -90.27
N ASP D 151 -48.89 31.32 -91.27
CA ASP D 151 -48.76 32.77 -91.13
C ASP D 151 -50.07 33.39 -90.70
N VAL D 152 -50.47 33.16 -89.46
CA VAL D 152 -51.42 34.05 -88.79
C VAL D 152 -51.13 34.00 -87.29
N TYR D 153 -50.89 35.17 -86.69
CA TYR D 153 -50.45 35.29 -85.32
C TYR D 153 -51.50 35.96 -84.46
N ILE D 154 -51.78 35.39 -83.30
CA ILE D 154 -52.84 35.90 -82.44
C ILE D 154 -52.38 35.94 -81.00
N THR D 155 -52.50 37.09 -80.34
CA THR D 155 -52.15 37.21 -78.91
C THR D 155 -53.34 36.92 -78.06
N ASP D 156 -53.09 36.24 -76.94
CA ASP D 156 -54.12 35.93 -76.01
C ASP D 156 -54.71 37.25 -75.48
N LYS D 157 -55.89 37.16 -74.90
CA LYS D 157 -56.56 38.30 -74.31
C LYS D 157 -55.75 38.90 -73.18
N CYS D 158 -55.81 40.21 -73.07
CA CYS D 158 -55.19 40.93 -72.01
C CYS D 158 -56.19 41.99 -71.49
N VAL D 159 -56.14 42.29 -70.19
CA VAL D 159 -57.03 43.25 -69.56
C VAL D 159 -56.36 44.55 -69.16
N LEU D 160 -56.90 45.67 -69.64
CA LEU D 160 -56.47 46.98 -69.19
C LEU D 160 -57.50 47.63 -68.23
N ASP D 161 -56.98 48.45 -67.33
CA ASP D 161 -57.72 49.17 -66.34
C ASP D 161 -57.57 50.68 -66.64
N MET D 162 -58.63 51.35 -67.12
CA MET D 162 -58.64 52.83 -67.20
C MET D 162 -59.03 53.39 -65.85
N ARG D 163 -58.10 53.30 -64.91
CA ARG D 163 -58.31 53.70 -63.53
C ARG D 163 -58.06 55.22 -63.37
N SER D 164 -59.03 55.96 -63.90
CA SER D 164 -59.60 57.14 -63.28
C SER D 164 -60.95 56.46 -63.07
N MET D 165 -62.02 57.21 -62.78
CA MET D 165 -63.40 56.63 -62.61
C MET D 165 -63.37 55.12 -62.19
N ASP D 166 -63.83 54.20 -63.05
CA ASP D 166 -63.27 52.82 -63.14
C ASP D 166 -63.87 52.06 -64.32
N PHE D 167 -62.98 51.51 -65.15
CA PHE D 167 -63.37 50.83 -66.37
C PHE D 167 -62.30 49.83 -66.75
N LYS D 168 -62.72 48.65 -67.20
CA LYS D 168 -61.79 47.62 -67.62
C LYS D 168 -62.21 47.11 -68.97
N SER D 169 -61.26 46.67 -69.77
CA SER D 169 -61.58 46.03 -71.02
C SER D 169 -60.55 44.98 -71.33
N ASN D 170 -61.07 43.91 -71.92
CA ASN D 170 -60.33 42.90 -72.59
C ASN D 170 -59.99 43.23 -74.03
N SER D 171 -58.80 42.82 -74.44
CA SER D 171 -58.38 42.95 -75.83
C SER D 171 -57.52 41.75 -76.23
N ALA D 172 -57.62 41.37 -77.51
CA ALA D 172 -56.70 40.42 -78.14
C ALA D 172 -56.38 40.95 -79.53
N VAL D 173 -55.22 40.57 -80.04
CA VAL D 173 -54.71 41.13 -81.28
C VAL D 173 -54.27 40.03 -82.27
N ALA D 174 -54.56 40.26 -83.53
CA ALA D 174 -54.18 39.30 -84.55
C ALA D 174 -53.49 40.02 -85.70
N TRP D 175 -52.53 39.34 -86.33
CA TRP D 175 -51.91 39.84 -87.58
C TRP D 175 -51.28 38.75 -88.46
N SER D 176 -51.01 39.16 -89.69
CA SER D 176 -50.58 38.27 -90.72
C SER D 176 -50.29 39.13 -91.94
N ASN D 177 -49.36 38.65 -92.77
CA ASN D 177 -49.04 39.30 -94.04
C ASN D 177 -49.77 38.74 -95.27
N LYS D 178 -50.09 37.44 -95.27
CA LYS D 178 -50.72 36.78 -96.43
C LYS D 178 -52.01 37.45 -96.93
N SER D 179 -52.30 37.22 -98.22
CA SER D 179 -53.42 37.87 -98.91
C SER D 179 -54.78 37.53 -98.33
N ASP D 180 -54.95 36.28 -97.89
CA ASP D 180 -56.23 35.84 -97.30
C ASP D 180 -56.60 36.70 -96.15
N PHE D 181 -55.66 36.79 -95.22
CA PHE D 181 -55.94 37.32 -93.90
C PHE D 181 -56.92 38.48 -94.01
N ALA D 182 -58.07 38.30 -93.39
CA ALA D 182 -59.10 39.30 -93.37
C ALA D 182 -59.51 39.46 -91.92
N CYS D 183 -59.84 40.68 -91.56
CA CYS D 183 -60.35 41.01 -90.26
C CYS D 183 -61.69 40.31 -89.94
N ALA D 184 -62.55 40.17 -90.93
CA ALA D 184 -63.82 39.44 -90.76
C ALA D 184 -63.57 37.98 -90.36
N ASN D 185 -62.52 37.38 -90.90
CA ASN D 185 -62.19 35.98 -90.69
C ASN D 185 -61.09 35.72 -89.61
N ALA D 186 -60.39 36.79 -89.17
CA ALA D 186 -59.26 36.70 -88.21
C ALA D 186 -59.39 35.66 -87.08
N PHE D 187 -60.49 35.73 -86.35
CA PHE D 187 -60.66 34.96 -85.12
C PHE D 187 -61.51 33.67 -85.27
N ASN D 188 -61.49 33.07 -86.45
CA ASN D 188 -62.40 31.95 -86.72
C ASN D 188 -62.22 30.66 -85.89
N ASN D 189 -61.05 30.46 -85.28
CA ASN D 189 -60.87 29.29 -84.40
C ASN D 189 -61.41 29.54 -82.99
N SER D 190 -61.98 30.72 -82.75
CA SER D 190 -62.51 31.10 -81.43
C SER D 190 -64.05 31.08 -81.37
N ILE D 191 -64.58 30.61 -80.24
CA ILE D 191 -65.97 30.91 -79.84
C ILE D 191 -66.10 32.37 -79.36
N ILE D 192 -66.57 33.23 -80.25
CA ILE D 192 -66.78 34.63 -79.91
C ILE D 192 -68.29 34.96 -79.87
N PRO D 193 -68.67 36.03 -79.14
CA PRO D 193 -70.09 36.38 -79.03
C PRO D 193 -70.82 36.56 -80.41
N GLU D 194 -72.03 36.01 -80.53
CA GLU D 194 -72.82 36.18 -81.78
C GLU D 194 -73.14 37.67 -82.03
N ASP D 195 -73.25 38.42 -80.93
CA ASP D 195 -73.24 39.89 -80.84
C ASP D 195 -72.18 40.54 -81.76
N THR D 196 -70.91 40.13 -81.61
CA THR D 196 -69.81 40.52 -82.50
C THR D 196 -69.95 41.70 -83.52
N PHE D 197 -69.40 42.88 -83.23
CA PHE D 197 -69.36 43.97 -84.24
C PHE D 197 -68.46 43.50 -85.41
N PHE D 198 -68.98 43.75 -86.61
CA PHE D 198 -68.78 42.94 -87.81
C PHE D 198 -68.10 43.75 -88.95
N PRO D 199 -68.18 43.28 -90.23
CA PRO D 199 -67.71 44.14 -91.35
C PRO D 199 -68.45 45.49 -91.50
N SER D 200 -67.69 46.57 -91.72
CA SER D 200 -68.19 47.93 -91.55
C SER D 200 -67.94 48.81 -92.77
N MET E 1 -35.67 45.39 -52.86
CA MET E 1 -34.39 44.76 -53.40
C MET E 1 -33.49 45.76 -54.12
N ASP E 2 -33.46 46.97 -53.55
CA ASP E 2 -32.39 47.93 -53.64
C ASP E 2 -32.00 48.25 -52.18
N ALA E 3 -32.89 48.84 -51.37
CA ALA E 3 -32.80 48.67 -49.89
C ALA E 3 -32.73 47.15 -49.54
N GLY E 4 -33.10 46.32 -50.53
CA GLY E 4 -33.03 44.93 -50.37
C GLY E 4 -31.75 44.41 -50.99
N VAL E 5 -31.85 43.18 -51.43
CA VAL E 5 -30.77 42.46 -52.01
C VAL E 5 -30.51 43.07 -53.35
N ILE E 6 -29.22 43.26 -53.74
CA ILE E 6 -28.95 43.85 -55.02
C ILE E 6 -28.21 42.76 -55.83
N GLN E 7 -28.71 42.49 -57.02
CA GLN E 7 -28.05 41.51 -57.88
C GLN E 7 -27.58 42.15 -59.12
N SER E 8 -26.51 41.61 -59.68
CA SER E 8 -26.04 42.08 -60.97
C SER E 8 -25.42 40.94 -61.77
N PRO E 9 -25.48 41.00 -63.08
CA PRO E 9 -26.24 42.02 -63.85
C PRO E 9 -27.75 41.69 -63.82
N ARG E 10 -28.61 42.61 -64.24
CA ARG E 10 -30.02 42.35 -64.31
C ARG E 10 -30.29 41.37 -65.50
N HIS E 11 -29.60 41.59 -66.61
CA HIS E 11 -29.75 40.79 -67.80
C HIS E 11 -28.37 40.44 -68.32
N GLU E 12 -28.21 39.25 -68.88
CA GLU E 12 -27.01 38.87 -69.58
C GLU E 12 -27.33 37.96 -70.74
N VAL E 13 -27.01 38.40 -71.95
CA VAL E 13 -27.14 37.61 -73.16
C VAL E 13 -25.73 37.36 -73.68
N THR E 14 -25.32 36.08 -73.73
CA THR E 14 -23.93 35.75 -73.97
C THR E 14 -23.76 34.45 -74.81
N GLU E 15 -22.62 34.31 -75.45
CA GLU E 15 -22.33 33.12 -76.24
C GLU E 15 -21.80 32.00 -75.32
N MET E 16 -22.19 30.75 -75.61
CA MET E 16 -21.67 29.61 -74.85
C MET E 16 -20.14 29.53 -74.97
N GLY E 17 -19.49 28.93 -73.97
CA GLY E 17 -18.06 28.83 -73.98
C GLY E 17 -17.42 29.88 -73.10
N GLN E 18 -18.13 30.94 -72.73
CA GLN E 18 -17.60 32.02 -71.89
C GLN E 18 -17.85 31.77 -70.42
N GLN E 19 -17.15 32.54 -69.61
CA GLN E 19 -17.35 32.54 -68.20
C GLN E 19 -18.46 33.54 -67.87
N VAL E 20 -19.45 33.12 -67.14
CA VAL E 20 -20.44 34.10 -66.54
C VAL E 20 -20.35 34.24 -65.04
N THR E 21 -20.43 35.48 -64.61
CA THR E 21 -20.32 35.82 -63.22
C THR E 21 -21.60 36.54 -62.80
N LEU E 22 -22.32 35.96 -61.83
CA LEU E 22 -23.46 36.53 -61.27
C LEU E 22 -23.00 37.02 -59.91
N ARG E 23 -23.50 38.19 -59.53
CA ARG E 23 -23.14 38.81 -58.26
C ARG E 23 -24.31 39.16 -57.40
N CYS E 24 -24.09 39.10 -56.08
CA CYS E 24 -25.15 39.45 -55.11
C CYS E 24 -24.60 40.20 -53.93
N LYS E 25 -25.29 41.29 -53.53
CA LYS E 25 -25.05 41.94 -52.24
C LYS E 25 -26.30 41.74 -51.36
N PRO E 26 -26.19 41.04 -50.25
CA PRO E 26 -27.28 40.74 -49.41
C PRO E 26 -27.64 42.02 -48.65
N ILE E 27 -28.81 42.04 -48.01
CA ILE E 27 -29.16 43.20 -47.12
C ILE E 27 -28.10 43.34 -46.01
N SER E 28 -27.65 44.53 -45.71
CA SER E 28 -26.60 44.60 -44.70
C SER E 28 -27.07 44.14 -43.34
N GLY E 29 -26.24 43.37 -42.65
CA GLY E 29 -26.65 42.75 -41.39
C GLY E 29 -27.10 41.31 -41.56
N HIS E 30 -27.52 40.90 -42.79
CA HIS E 30 -28.02 39.55 -42.98
C HIS E 30 -26.87 38.63 -43.05
N ASP E 31 -26.96 37.47 -42.43
CA ASP E 31 -25.82 36.55 -42.43
C ASP E 31 -26.12 35.24 -43.11
N TYR E 32 -27.24 35.15 -43.81
CA TYR E 32 -27.47 33.99 -44.69
C TYR E 32 -27.68 34.53 -46.09
N LEU E 33 -27.16 33.79 -47.08
CA LEU E 33 -27.30 34.14 -48.42
C LEU E 33 -27.54 32.84 -49.25
N PHE E 34 -28.56 32.92 -50.10
CA PHE E 34 -29.08 31.85 -50.88
C PHE E 34 -28.99 32.14 -52.37
N TRP E 35 -28.62 31.12 -53.18
CA TRP E 35 -28.64 31.22 -54.64
C TRP E 35 -29.63 30.17 -55.17
N TYR E 36 -30.56 30.60 -56.01
CA TYR E 36 -31.59 29.77 -56.65
C TYR E 36 -31.55 29.96 -58.12
N ARG E 37 -32.00 28.93 -58.88
CA ARG E 37 -32.37 29.26 -60.24
C ARG E 37 -33.73 28.78 -60.60
N GLN E 38 -34.28 29.34 -61.67
CA GLN E 38 -35.60 28.98 -62.08
C GLN E 38 -35.61 28.89 -63.58
N THR E 39 -36.11 27.77 -64.09
CA THR E 39 -36.21 27.47 -65.52
C THR E 39 -37.58 26.93 -65.83
N MET E 40 -37.97 26.93 -67.10
CA MET E 40 -39.27 26.29 -67.48
C MET E 40 -39.18 24.76 -67.23
N MET E 41 -38.08 24.09 -67.63
CA MET E 41 -37.93 22.63 -67.42
C MET E 41 -37.97 22.20 -65.92
N ARG E 42 -37.11 22.77 -65.08
CA ARG E 42 -36.98 22.27 -63.69
C ARG E 42 -37.62 23.12 -62.58
N GLY E 43 -38.35 24.19 -62.93
CA GLY E 43 -38.90 25.12 -61.93
C GLY E 43 -37.73 25.78 -61.12
N LEU E 44 -38.11 26.23 -59.90
CA LEU E 44 -37.38 26.85 -58.86
C LEU E 44 -36.53 25.92 -57.88
N GLU E 45 -35.25 26.17 -57.79
CA GLU E 45 -34.38 25.25 -57.06
C GLU E 45 -33.19 25.92 -56.48
N LEU E 46 -32.88 25.51 -55.25
CA LEU E 46 -31.75 26.06 -54.52
C LEU E 46 -30.48 25.44 -55.05
N LEU E 47 -29.52 26.29 -55.37
CA LEU E 47 -28.18 25.87 -55.77
C LEU E 47 -27.31 25.75 -54.52
N ILE E 48 -27.21 26.83 -53.72
CA ILE E 48 -26.34 26.77 -52.56
C ILE E 48 -26.86 27.81 -51.59
N TYR E 49 -26.57 27.61 -50.30
CA TYR E 49 -26.65 28.76 -49.40
C TYR E 49 -25.45 28.75 -48.46
N PHE E 50 -25.20 29.95 -47.91
CA PHE E 50 -24.04 30.29 -47.08
C PHE E 50 -24.57 30.85 -45.80
N ASN E 51 -23.84 30.59 -44.73
CA ASN E 51 -24.08 31.24 -43.45
C ASN E 51 -22.76 31.69 -42.92
N ASN E 52 -22.69 32.91 -42.41
CA ASN E 52 -21.39 33.47 -42.00
C ASN E 52 -20.28 33.26 -43.03
N ASN E 53 -20.65 33.45 -44.32
CA ASN E 53 -19.77 33.34 -45.47
C ASN E 53 -19.34 31.91 -45.82
N VAL E 54 -19.82 30.88 -45.08
CA VAL E 54 -19.36 29.51 -45.39
C VAL E 54 -20.50 28.72 -46.05
N PRO E 55 -20.18 27.97 -47.07
CA PRO E 55 -21.23 27.22 -47.78
C PRO E 55 -21.75 26.16 -46.85
N ILE E 56 -23.07 26.03 -46.72
CA ILE E 56 -23.66 25.07 -45.80
C ILE E 56 -24.23 23.88 -46.60
N ASP E 57 -25.04 24.17 -47.61
CA ASP E 57 -25.67 23.08 -48.37
C ASP E 57 -25.52 23.43 -49.82
N ASP E 58 -24.74 22.65 -50.52
CA ASP E 58 -24.51 22.81 -51.92
C ASP E 58 -25.01 21.61 -52.71
N SER E 59 -25.93 20.85 -52.11
CA SER E 59 -26.40 19.61 -52.74
C SER E 59 -27.08 19.95 -54.05
N GLY E 60 -27.62 21.15 -54.19
CA GLY E 60 -28.23 21.55 -55.45
C GLY E 60 -27.31 22.09 -56.54
N MET E 61 -25.99 22.15 -56.27
CA MET E 61 -25.05 22.68 -57.26
C MET E 61 -24.84 21.64 -58.35
N PRO E 62 -24.85 22.04 -59.62
CA PRO E 62 -24.41 21.18 -60.68
C PRO E 62 -23.05 20.62 -60.36
N GLU E 63 -22.84 19.39 -60.78
CA GLU E 63 -21.64 18.68 -60.36
C GLU E 63 -20.41 19.24 -61.06
N ASP E 64 -20.54 19.98 -62.15
CA ASP E 64 -19.34 20.41 -62.83
C ASP E 64 -19.03 21.91 -63.00
N ARG E 65 -19.75 22.70 -63.74
CA ARG E 65 -19.10 24.00 -64.21
C ARG E 65 -19.45 25.25 -63.34
N PHE E 66 -20.02 24.98 -62.18
CA PHE E 66 -20.62 26.00 -61.31
C PHE E 66 -19.83 26.15 -60.02
N SER E 67 -19.52 27.39 -59.62
CA SER E 67 -18.84 27.58 -58.34
C SER E 67 -19.32 28.85 -57.68
N ALA E 68 -19.50 28.75 -56.39
CA ALA E 68 -20.06 29.89 -55.67
C ALA E 68 -19.11 30.29 -54.56
N LYS E 69 -18.99 31.61 -54.32
CA LYS E 69 -18.07 32.05 -53.27
C LYS E 69 -18.71 33.22 -52.51
N MET E 70 -18.31 33.38 -51.26
CA MET E 70 -18.73 34.52 -50.45
C MET E 70 -17.45 35.03 -49.71
N PRO E 71 -16.65 35.78 -50.38
CA PRO E 71 -15.43 36.25 -49.76
C PRO E 71 -15.60 37.17 -48.54
N ASN E 72 -16.74 37.84 -48.43
CA ASN E 72 -16.98 38.63 -47.21
C ASN E 72 -18.48 38.76 -47.07
N ALA E 73 -18.95 39.31 -45.96
CA ALA E 73 -20.37 39.22 -45.63
C ALA E 73 -21.20 40.02 -46.60
N SER E 74 -20.61 40.93 -47.35
CA SER E 74 -21.37 41.77 -48.26
C SER E 74 -21.40 41.37 -49.69
N PHE E 75 -20.83 40.21 -50.07
CA PHE E 75 -20.66 39.94 -51.46
C PHE E 75 -20.55 38.44 -51.71
N SER E 76 -21.32 37.98 -52.70
CA SER E 76 -21.27 36.62 -53.17
C SER E 76 -21.26 36.57 -54.70
N THR E 77 -20.57 35.57 -55.23
CA THR E 77 -20.48 35.38 -56.64
C THR E 77 -20.90 33.92 -56.96
N LEU E 78 -21.53 33.76 -58.11
CA LEU E 78 -21.76 32.48 -58.72
C LEU E 78 -21.19 32.53 -60.11
N LYS E 79 -20.23 31.65 -60.40
CA LYS E 79 -19.58 31.61 -61.66
C LYS E 79 -19.85 30.29 -62.38
N ILE E 80 -20.01 30.44 -63.68
CA ILE E 80 -20.31 29.35 -64.55
C ILE E 80 -19.25 29.40 -65.59
N GLN E 81 -18.48 28.29 -65.69
CA GLN E 81 -17.47 28.18 -66.71
C GLN E 81 -17.08 26.75 -67.17
N PRO E 82 -17.03 26.49 -68.46
CA PRO E 82 -17.63 27.35 -69.48
C PRO E 82 -19.18 27.30 -69.47
N SER E 83 -19.83 28.39 -69.87
CA SER E 83 -21.30 28.42 -69.91
C SER E 83 -21.85 27.60 -71.07
N GLU E 84 -23.07 27.11 -70.91
CA GLU E 84 -23.74 26.30 -71.94
C GLU E 84 -25.18 26.77 -72.12
N PRO E 85 -25.77 26.62 -73.30
CA PRO E 85 -27.21 26.98 -73.43
C PRO E 85 -28.17 26.50 -72.33
N ARG E 86 -27.97 25.29 -71.82
CA ARG E 86 -28.83 24.78 -70.81
C ARG E 86 -28.69 25.52 -69.47
N ASP E 87 -27.71 26.39 -69.30
CA ASP E 87 -27.63 27.21 -68.09
C ASP E 87 -28.57 28.37 -68.13
N SER E 88 -29.24 28.63 -69.27
CA SER E 88 -30.15 29.78 -69.41
C SER E 88 -31.26 29.67 -68.40
N ALA E 89 -31.50 30.70 -67.60
CA ALA E 89 -32.45 30.63 -66.50
C ALA E 89 -32.54 32.03 -65.87
N VAL E 90 -33.41 32.19 -64.90
CA VAL E 90 -33.39 33.34 -63.96
C VAL E 90 -32.72 32.86 -62.71
N TYR E 91 -31.67 33.56 -62.28
CA TYR E 91 -31.01 33.21 -61.05
C TYR E 91 -31.41 34.25 -59.99
N PHE E 92 -31.81 33.79 -58.81
CA PHE E 92 -32.18 34.68 -57.74
C PHE E 92 -31.25 34.51 -56.57
N CYS E 93 -30.86 35.66 -56.00
CA CYS E 93 -30.13 35.67 -54.75
C CYS E 93 -31.13 36.04 -53.70
N ALA E 94 -31.03 35.50 -52.47
CA ALA E 94 -31.83 35.95 -51.33
C ALA E 94 -30.94 36.04 -50.11
N SER E 95 -31.35 36.86 -49.17
CA SER E 95 -30.66 36.86 -47.85
C SER E 95 -31.65 36.83 -46.68
N SER E 96 -31.17 36.39 -45.52
CA SER E 96 -32.00 36.38 -44.36
C SER E 96 -31.14 36.30 -43.06
N LEU E 97 -31.88 36.23 -41.97
CA LEU E 97 -31.47 36.13 -40.56
C LEU E 97 -32.19 34.93 -39.93
N TRP E 98 -31.60 34.39 -38.88
CA TRP E 98 -32.19 33.21 -38.20
C TRP E 98 -33.61 33.45 -37.80
N GLU E 99 -33.93 34.57 -37.12
CA GLU E 99 -35.26 34.86 -36.69
C GLU E 99 -36.30 35.00 -37.82
N LYS E 100 -35.88 35.43 -38.96
CA LYS E 100 -36.77 35.48 -40.12
C LYS E 100 -36.92 34.07 -40.76
N LEU E 101 -35.85 33.34 -40.85
CA LEU E 101 -35.86 31.95 -41.40
C LEU E 101 -36.65 31.03 -40.55
N ALA E 102 -36.72 31.29 -39.26
CA ALA E 102 -37.58 30.45 -38.42
C ALA E 102 -39.08 30.60 -38.74
N LYS E 103 -39.46 31.72 -39.36
CA LYS E 103 -40.81 31.99 -39.86
C LYS E 103 -40.88 31.82 -41.41
N ASN E 104 -39.87 31.20 -41.97
CA ASN E 104 -39.65 30.92 -43.38
C ASN E 104 -39.61 32.15 -44.28
N ILE E 105 -39.04 33.25 -43.77
CA ILE E 105 -38.98 34.48 -44.54
C ILE E 105 -37.59 34.64 -45.04
N GLN E 106 -37.44 35.03 -46.31
CA GLN E 106 -36.15 35.39 -46.87
C GLN E 106 -36.41 36.52 -47.82
N TYR E 107 -35.39 37.29 -48.17
CA TYR E 107 -35.54 38.47 -48.96
C TYR E 107 -34.87 38.28 -50.27
N PHE E 108 -35.64 38.41 -51.36
CA PHE E 108 -35.11 38.11 -52.67
C PHE E 108 -34.61 39.38 -53.40
N GLY E 109 -33.55 39.23 -54.17
CA GLY E 109 -33.15 40.18 -55.18
C GLY E 109 -34.08 40.09 -56.39
N ALA E 110 -33.89 41.00 -57.33
CA ALA E 110 -34.76 41.09 -58.47
C ALA E 110 -34.43 40.03 -59.51
N GLY E 111 -33.37 39.28 -59.35
CA GLY E 111 -32.96 38.26 -60.35
C GLY E 111 -31.96 38.66 -61.39
N THR E 112 -31.26 37.68 -61.95
CA THR E 112 -30.46 37.90 -63.15
C THR E 112 -31.11 36.99 -64.20
N ARG E 113 -31.50 37.57 -65.32
CA ARG E 113 -32.04 36.79 -66.41
C ARG E 113 -30.88 36.45 -67.41
N LEU E 114 -30.51 35.17 -67.48
CA LEU E 114 -29.39 34.72 -68.28
C LEU E 114 -29.83 33.93 -69.46
N SER E 115 -29.43 34.40 -70.65
CA SER E 115 -29.48 33.58 -71.86
C SER E 115 -28.10 33.30 -72.41
N VAL E 116 -27.76 32.00 -72.43
CA VAL E 116 -26.56 31.51 -73.05
C VAL E 116 -26.97 30.90 -74.43
N LEU E 117 -26.43 31.46 -75.49
CA LEU E 117 -26.81 31.05 -76.86
C LEU E 117 -25.71 30.24 -77.53
N GLU E 118 -26.09 29.39 -78.45
CA GLU E 118 -25.11 28.67 -79.24
C GLU E 118 -24.34 29.55 -80.15
N ASP E 119 -25.00 30.55 -80.68
CA ASP E 119 -24.48 31.36 -81.76
C ASP E 119 -25.09 32.79 -81.73
N LEU E 120 -24.27 33.81 -81.56
CA LEU E 120 -24.77 35.22 -81.48
C LEU E 120 -25.39 35.76 -82.74
N LYS E 121 -25.23 35.07 -83.85
CA LYS E 121 -25.81 35.54 -85.10
C LYS E 121 -27.34 35.31 -85.18
N ASN E 122 -27.88 34.65 -84.17
CA ASN E 122 -29.32 34.54 -84.01
C ASN E 122 -29.97 35.76 -83.26
N VAL E 123 -29.14 36.70 -82.80
CA VAL E 123 -29.65 37.77 -81.94
C VAL E 123 -30.19 38.88 -82.80
N PHE E 124 -31.40 39.37 -82.53
CA PHE E 124 -31.98 40.47 -83.26
C PHE E 124 -32.72 41.40 -82.34
N PRO E 125 -32.49 42.72 -82.46
CA PRO E 125 -33.31 43.62 -81.70
C PRO E 125 -34.71 43.69 -82.35
N PRO E 126 -35.67 44.28 -81.65
CA PRO E 126 -37.04 44.32 -82.14
C PRO E 126 -37.22 45.43 -83.18
N GLU E 127 -38.10 45.15 -84.15
CA GLU E 127 -38.69 46.19 -84.97
C GLU E 127 -39.96 46.51 -84.24
N VAL E 128 -40.23 47.78 -84.14
CA VAL E 128 -41.34 48.26 -83.37
C VAL E 128 -42.25 49.08 -84.30
N ALA E 129 -43.56 48.86 -84.18
CA ALA E 129 -44.57 49.67 -84.90
C ALA E 129 -45.78 49.95 -84.01
N VAL E 130 -46.36 51.13 -84.20
CA VAL E 130 -47.58 51.51 -83.49
C VAL E 130 -48.72 51.56 -84.52
N PHE E 131 -49.89 51.10 -84.12
CA PHE E 131 -51.05 51.14 -84.97
C PHE E 131 -52.05 52.10 -84.32
N GLU E 132 -52.59 53.03 -85.10
CA GLU E 132 -53.46 54.07 -84.59
C GLU E 132 -54.91 53.56 -84.41
N PRO E 133 -55.68 54.22 -83.51
CA PRO E 133 -57.08 53.80 -83.28
C PRO E 133 -57.93 53.65 -84.59
N SER E 134 -58.79 52.63 -84.63
CA SER E 134 -59.83 52.48 -85.64
C SER E 134 -60.86 53.61 -85.50
N GLU E 135 -61.27 54.20 -86.63
CA GLU E 135 -62.32 55.23 -86.64
C GLU E 135 -63.61 54.66 -86.03
N ALA E 136 -63.93 53.41 -86.38
CA ALA E 136 -65.13 52.73 -85.87
C ALA E 136 -65.14 52.60 -84.34
N GLU E 137 -64.00 52.26 -83.72
CA GLU E 137 -63.93 52.12 -82.26
C GLU E 137 -64.24 53.44 -81.57
N ILE E 138 -63.54 54.50 -81.98
CA ILE E 138 -63.82 55.85 -81.53
C ILE E 138 -65.32 56.19 -81.58
N SER E 139 -65.96 55.83 -82.68
CA SER E 139 -67.35 56.24 -82.93
C SER E 139 -68.35 55.38 -82.12
N HIS E 140 -68.02 54.11 -81.91
CA HIS E 140 -68.88 53.19 -81.17
C HIS E 140 -68.78 53.33 -79.65
N THR E 141 -67.59 53.62 -79.14
CA THR E 141 -67.30 53.54 -77.70
C THR E 141 -66.84 54.86 -77.05
N GLN E 142 -66.46 55.83 -77.86
CA GLN E 142 -65.81 57.02 -77.32
C GLN E 142 -64.45 56.66 -76.71
N LYS E 143 -63.83 55.61 -77.20
CA LYS E 143 -62.50 55.25 -76.72
C LYS E 143 -61.61 54.88 -77.88
N ALA E 144 -60.30 54.89 -77.60
CA ALA E 144 -59.32 54.76 -78.64
C ALA E 144 -58.18 53.93 -78.14
N THR E 145 -57.99 52.83 -78.85
CA THR E 145 -56.94 51.87 -78.52
C THR E 145 -55.80 52.01 -79.54
N LEU E 146 -54.60 52.29 -79.00
CA LEU E 146 -53.35 52.12 -79.73
C LEU E 146 -52.78 50.74 -79.49
N VAL E 147 -52.16 50.17 -80.51
CA VAL E 147 -51.50 48.92 -80.39
C VAL E 147 -50.04 49.09 -80.80
N CYS E 148 -49.17 48.47 -80.01
CA CYS E 148 -47.75 48.48 -80.30
C CYS E 148 -47.37 47.06 -80.56
N LEU E 149 -46.60 46.87 -81.62
CA LEU E 149 -46.19 45.56 -82.02
C LEU E 149 -44.65 45.55 -82.06
N ALA E 150 -44.03 44.69 -81.24
CA ALA E 150 -42.59 44.53 -81.19
C ALA E 150 -42.37 43.19 -81.83
N THR E 151 -41.60 43.15 -82.91
CA THR E 151 -41.51 41.93 -83.67
C THR E 151 -40.07 41.58 -84.01
N GLY E 152 -39.81 40.31 -84.23
CA GLY E 152 -38.57 39.88 -84.84
C GLY E 152 -37.36 39.87 -83.90
N PHE E 153 -37.58 39.94 -82.58
CA PHE E 153 -36.46 39.99 -81.63
C PHE E 153 -36.09 38.62 -81.10
N TYR E 154 -34.82 38.47 -80.78
CA TYR E 154 -34.32 37.26 -80.16
C TYR E 154 -33.01 37.61 -79.41
N PRO E 155 -32.79 37.12 -78.20
CA PRO E 155 -33.71 36.35 -77.41
C PRO E 155 -34.76 37.24 -76.79
N ASP E 156 -35.58 36.73 -75.89
CA ASP E 156 -36.65 37.59 -75.38
C ASP E 156 -36.32 38.27 -74.05
N HIS E 157 -35.51 39.29 -74.13
CA HIS E 157 -35.18 40.10 -72.99
C HIS E 157 -35.66 41.46 -73.47
N VAL E 158 -36.95 41.76 -73.32
CA VAL E 158 -37.48 43.07 -73.66
C VAL E 158 -38.31 43.58 -72.49
N GLU E 159 -38.33 44.88 -72.30
CA GLU E 159 -39.18 45.55 -71.33
C GLU E 159 -39.88 46.64 -72.12
N LEU E 160 -41.21 46.56 -72.24
CA LEU E 160 -42.00 47.50 -73.02
C LEU E 160 -42.72 48.46 -72.14
N SER E 161 -42.74 49.71 -72.52
CA SER E 161 -43.39 50.75 -71.76
C SER E 161 -44.03 51.77 -72.73
N TRP E 162 -45.08 52.43 -72.25
CA TRP E 162 -45.81 53.46 -72.99
C TRP E 162 -45.51 54.77 -72.36
N TRP E 163 -45.25 55.74 -73.24
CA TRP E 163 -44.92 57.07 -72.83
C TRP E 163 -45.85 58.05 -73.55
N VAL E 164 -46.54 58.86 -72.76
CA VAL E 164 -47.45 59.88 -73.29
C VAL E 164 -46.92 61.21 -72.84
N ASN E 165 -46.70 62.09 -73.82
CA ASN E 165 -46.22 63.41 -73.47
C ASN E 165 -44.92 63.26 -72.67
N GLY E 166 -44.09 62.30 -73.13
CA GLY E 166 -42.78 62.05 -72.54
C GLY E 166 -42.76 61.65 -71.08
N LYS E 167 -43.90 61.20 -70.54
CA LYS E 167 -43.96 60.65 -69.18
C LYS E 167 -44.50 59.22 -69.30
N GLU E 168 -43.95 58.31 -68.48
CA GLU E 168 -44.37 56.91 -68.51
C GLU E 168 -45.73 56.75 -67.84
N VAL E 169 -46.65 56.09 -68.56
CA VAL E 169 -47.98 55.78 -68.04
C VAL E 169 -48.15 54.28 -67.75
N HIS E 170 -49.03 54.03 -66.77
CA HIS E 170 -49.50 52.67 -66.39
C HIS E 170 -51.02 52.46 -66.60
N SER E 171 -51.84 53.49 -66.33
CA SER E 171 -53.27 53.35 -66.47
C SER E 171 -53.61 53.15 -67.94
N GLY E 172 -54.44 52.16 -68.23
CA GLY E 172 -54.94 51.98 -69.59
C GLY E 172 -54.06 51.08 -70.41
N VAL E 173 -53.04 50.49 -69.78
CA VAL E 173 -52.02 49.71 -70.49
C VAL E 173 -52.12 48.26 -70.21
N CYS E 174 -51.98 47.45 -71.25
CA CYS E 174 -51.78 46.08 -70.94
C CYS E 174 -50.95 45.40 -72.02
N THR E 175 -49.93 44.72 -71.54
CA THR E 175 -48.88 44.14 -72.34
C THR E 175 -48.92 42.66 -72.20
N ASP E 176 -48.69 41.90 -73.27
CA ASP E 176 -48.86 40.46 -73.16
C ASP E 176 -47.93 40.05 -72.02
N PRO E 177 -48.38 39.11 -71.19
CA PRO E 177 -47.46 38.61 -70.17
C PRO E 177 -46.27 37.90 -70.79
N GLN E 178 -46.45 37.34 -71.99
CA GLN E 178 -45.39 36.53 -72.63
C GLN E 178 -45.24 36.89 -74.09
N PRO E 179 -44.02 36.80 -74.62
CA PRO E 179 -43.87 36.95 -76.05
C PRO E 179 -44.41 35.76 -76.81
N LEU E 180 -44.67 35.92 -78.12
CA LEU E 180 -45.07 34.78 -78.96
C LEU E 180 -44.07 34.57 -80.07
N LYS E 181 -44.08 33.40 -80.70
CA LYS E 181 -43.03 33.04 -81.64
C LYS E 181 -43.48 33.17 -83.09
N GLU E 182 -42.58 33.63 -83.96
CA GLU E 182 -42.90 33.96 -85.35
C GLU E 182 -42.71 32.77 -86.31
N GLN E 183 -41.94 31.79 -85.89
CA GLN E 183 -41.87 30.50 -86.57
C GLN E 183 -42.03 29.48 -85.42
N PRO E 184 -43.21 29.49 -84.74
CA PRO E 184 -43.41 28.80 -83.44
C PRO E 184 -42.83 27.39 -83.29
N ALA E 185 -42.73 26.62 -84.38
CA ALA E 185 -41.86 25.45 -84.38
C ALA E 185 -40.47 25.99 -84.68
N LEU E 186 -39.63 26.11 -83.64
CA LEU E 186 -38.49 27.06 -83.61
C LEU E 186 -37.19 26.41 -84.12
N ASN E 187 -36.56 27.02 -85.15
CA ASN E 187 -35.13 26.79 -85.47
C ASN E 187 -34.41 27.98 -84.83
N ASP E 188 -34.58 28.18 -83.53
CA ASP E 188 -34.20 29.45 -82.87
C ASP E 188 -35.13 30.57 -83.30
N SER E 189 -36.43 30.26 -83.28
CA SER E 189 -37.48 31.23 -83.63
C SER E 189 -37.42 32.57 -82.88
N ARG E 190 -37.59 33.63 -83.66
CA ARG E 190 -37.74 34.97 -83.16
C ARG E 190 -39.07 35.18 -82.51
N TYR E 191 -39.22 36.33 -81.87
CA TYR E 191 -40.36 36.60 -81.02
C TYR E 191 -41.09 37.86 -81.39
N ALA E 192 -42.32 37.93 -80.94
CA ALA E 192 -43.10 39.14 -81.07
C ALA E 192 -43.87 39.39 -79.78
N LEU E 193 -44.19 40.64 -79.53
CA LEU E 193 -44.92 41.01 -78.35
C LEU E 193 -45.88 42.13 -78.74
N SER E 194 -47.10 42.10 -78.20
CA SER E 194 -48.06 43.22 -78.34
C SER E 194 -48.37 43.87 -77.01
N SER E 195 -48.66 45.16 -77.10
CA SER E 195 -49.18 45.91 -76.00
C SER E 195 -50.33 46.78 -76.53
N ARG E 196 -51.28 47.12 -75.64
CA ARG E 196 -52.34 48.08 -75.94
C ARG E 196 -52.30 49.21 -74.92
N LEU E 197 -52.63 50.40 -75.39
CA LEU E 197 -52.85 51.55 -74.52
C LEU E 197 -54.18 52.14 -74.99
N ARG E 198 -55.12 52.25 -74.06
CA ARG E 198 -56.41 52.79 -74.40
C ARG E 198 -56.63 54.10 -73.69
N VAL E 199 -57.16 55.06 -74.46
CA VAL E 199 -57.41 56.37 -73.99
C VAL E 199 -58.84 56.82 -74.40
N SER E 200 -59.36 57.86 -73.76
CA SER E 200 -60.64 58.41 -74.22
C SER E 200 -60.47 58.95 -75.66
N ALA E 201 -61.54 58.86 -76.46
CA ALA E 201 -61.54 59.33 -77.85
C ALA E 201 -61.07 60.79 -77.95
N THR E 202 -61.53 61.63 -77.01
CA THR E 202 -61.15 63.07 -76.95
C THR E 202 -59.65 63.29 -76.78
N PHE E 203 -59.03 62.51 -75.90
CA PHE E 203 -57.57 62.60 -75.69
C PHE E 203 -56.73 62.19 -76.92
N TRP E 204 -57.21 61.20 -77.70
CA TRP E 204 -56.55 60.76 -78.94
C TRP E 204 -56.67 61.79 -80.08
N GLN E 205 -57.80 62.51 -80.08
CA GLN E 205 -58.15 63.46 -81.12
C GLN E 205 -57.46 64.81 -80.94
N ASP E 206 -56.90 65.05 -79.75
CA ASP E 206 -56.15 66.26 -79.48
C ASP E 206 -54.77 66.07 -80.19
N PRO E 207 -54.48 66.90 -81.22
CA PRO E 207 -53.16 66.75 -81.83
C PRO E 207 -51.96 67.21 -80.97
N ARG E 208 -52.24 67.78 -79.79
CA ARG E 208 -51.22 68.16 -78.83
C ARG E 208 -50.62 66.91 -78.15
N ASN E 209 -51.31 65.77 -78.24
CA ASN E 209 -50.85 64.58 -77.52
C ASN E 209 -49.92 63.71 -78.32
N HIS E 210 -48.81 63.31 -77.67
CA HIS E 210 -47.78 62.45 -78.25
C HIS E 210 -47.66 61.11 -77.54
N PHE E 211 -47.79 60.06 -78.33
CA PHE E 211 -47.68 58.71 -77.83
C PHE E 211 -46.39 58.07 -78.32
N ARG E 212 -45.82 57.19 -77.49
CA ARG E 212 -44.65 56.43 -77.87
C ARG E 212 -44.63 55.08 -77.15
N CYS E 213 -44.52 54.04 -77.94
CA CYS E 213 -44.33 52.70 -77.47
C CYS E 213 -42.80 52.55 -77.41
N GLN E 214 -42.27 52.17 -76.25
CA GLN E 214 -40.83 52.03 -76.08
C GLN E 214 -40.43 50.59 -75.70
N VAL E 215 -39.42 50.03 -76.36
CA VAL E 215 -38.94 48.71 -76.01
C VAL E 215 -37.45 48.71 -75.71
N GLN E 216 -37.09 48.48 -74.44
CA GLN E 216 -35.69 48.21 -74.07
C GLN E 216 -35.39 46.75 -74.44
N PHE E 217 -34.29 46.55 -75.14
CA PHE E 217 -33.87 45.23 -75.59
C PHE E 217 -32.51 44.99 -74.98
N TYR E 218 -32.28 43.79 -74.48
CA TYR E 218 -30.98 43.40 -73.97
C TYR E 218 -30.35 42.38 -74.90
N GLY E 219 -29.15 42.70 -75.39
CA GLY E 219 -28.47 41.95 -76.43
C GLY E 219 -26.98 41.95 -76.18
N LEU E 220 -26.22 42.19 -77.22
CA LEU E 220 -24.77 42.19 -77.18
C LEU E 220 -24.20 43.41 -76.46
N SER E 221 -23.05 43.22 -75.84
CA SER E 221 -22.36 44.34 -75.22
C SER E 221 -21.06 44.59 -75.97
N GLU E 222 -20.31 45.58 -75.55
CA GLU E 222 -19.10 46.00 -76.29
C GLU E 222 -18.06 44.87 -76.39
N ASN E 223 -17.95 44.03 -75.35
CA ASN E 223 -17.01 42.93 -75.38
C ASN E 223 -17.29 41.83 -76.38
N ASP E 224 -18.52 41.74 -76.88
CA ASP E 224 -18.87 40.71 -77.84
C ASP E 224 -18.36 41.11 -79.16
N GLU E 225 -17.81 40.15 -79.91
CA GLU E 225 -17.30 40.42 -81.25
C GLU E 225 -18.42 40.36 -82.26
N TRP E 226 -18.30 41.11 -83.33
CA TRP E 226 -19.32 41.09 -84.34
C TRP E 226 -18.74 41.48 -85.68
N THR E 227 -18.93 40.62 -86.66
CA THR E 227 -18.41 40.82 -87.97
C THR E 227 -19.49 40.80 -89.06
N GLN E 228 -20.72 40.44 -88.76
CA GLN E 228 -21.76 40.42 -89.79
C GLN E 228 -21.99 41.75 -90.49
N ASP E 229 -22.53 41.68 -91.69
CA ASP E 229 -22.93 42.87 -92.44
C ASP E 229 -23.88 43.79 -91.68
N ARG E 230 -24.87 43.21 -91.03
CA ARG E 230 -25.92 43.97 -90.41
C ARG E 230 -25.36 44.57 -89.11
N ALA E 231 -26.02 45.59 -88.60
CA ALA E 231 -25.65 46.26 -87.38
C ALA E 231 -25.57 45.32 -86.19
N LYS E 232 -24.54 45.49 -85.38
CA LYS E 232 -24.39 44.72 -84.13
C LYS E 232 -25.62 44.88 -83.20
N PRO E 233 -26.30 43.78 -82.91
CA PRO E 233 -27.53 43.84 -82.13
C PRO E 233 -27.29 43.98 -80.62
N VAL E 234 -26.90 45.19 -80.24
CA VAL E 234 -26.51 45.48 -78.92
C VAL E 234 -27.78 45.73 -78.14
N THR E 235 -27.61 45.69 -76.84
CA THR E 235 -28.55 46.29 -75.93
C THR E 235 -28.90 47.67 -76.40
N GLN E 236 -30.18 47.99 -76.41
CA GLN E 236 -30.64 49.25 -77.07
C GLN E 236 -32.13 49.46 -76.85
N ILE E 237 -32.60 50.67 -77.15
CA ILE E 237 -34.02 51.01 -77.16
C ILE E 237 -34.51 51.19 -78.61
N VAL E 238 -35.65 50.57 -78.92
CA VAL E 238 -36.34 50.80 -80.19
C VAL E 238 -37.77 51.25 -79.89
N SER E 239 -38.22 52.26 -80.60
CA SER E 239 -39.52 52.92 -80.37
C SER E 239 -40.24 53.20 -81.68
N ALA E 240 -41.56 53.32 -81.58
CA ALA E 240 -42.39 53.88 -82.62
C ALA E 240 -43.36 54.84 -81.95
N GLU E 241 -43.97 55.73 -82.73
CA GLU E 241 -44.75 56.81 -82.14
C GLU E 241 -45.89 57.34 -83.01
N ALA E 242 -46.72 58.14 -82.39
CA ALA E 242 -47.90 58.68 -83.06
C ALA E 242 -48.38 59.91 -82.33
N TRP E 243 -48.88 60.86 -83.12
CA TRP E 243 -49.48 62.06 -82.60
C TRP E 243 -50.98 61.88 -82.66
N GLY E 244 -51.67 62.42 -81.66
CA GLY E 244 -53.13 62.55 -81.72
C GLY E 244 -53.51 63.36 -82.95
N ARG E 245 -54.77 63.24 -83.39
CA ARG E 245 -55.26 63.92 -84.60
C ARG E 245 -56.79 63.81 -84.68
N ALA E 246 -57.47 64.95 -84.88
CA ALA E 246 -58.94 65.03 -84.74
C ALA E 246 -59.70 64.37 -85.89
N ASP E 247 -59.04 64.27 -87.05
CA ASP E 247 -59.57 63.71 -88.32
C ASP E 247 -60.90 64.27 -88.80
N MET F 1 -34.35 -1.42 -18.24
CA MET F 1 -33.07 -0.66 -17.92
C MET F 1 -33.27 0.81 -17.47
N GLY F 2 -34.37 1.09 -16.74
CA GLY F 2 -34.55 2.40 -16.14
C GLY F 2 -34.71 3.51 -17.17
N SER F 3 -34.39 4.72 -16.76
CA SER F 3 -34.48 5.89 -17.59
C SER F 3 -33.28 6.04 -18.48
N HIS F 4 -33.39 6.92 -19.44
CA HIS F 4 -32.35 7.05 -20.45
C HIS F 4 -32.28 8.49 -20.88
N SER F 5 -31.15 8.91 -21.42
CA SER F 5 -30.98 10.28 -21.87
C SER F 5 -30.24 10.28 -23.17
N MET F 6 -30.47 11.31 -23.97
CA MET F 6 -29.63 11.65 -25.07
C MET F 6 -29.19 13.09 -24.91
N ARG F 7 -27.90 13.30 -25.09
CA ARG F 7 -27.29 14.64 -24.84
C ARG F 7 -26.26 14.95 -25.85
N TYR F 8 -26.21 16.23 -26.21
CA TYR F 8 -25.19 16.76 -27.08
C TYR F 8 -24.40 17.92 -26.38
N PHE F 9 -23.13 17.95 -26.62
CA PHE F 9 -22.12 18.82 -25.97
C PHE F 9 -21.35 19.51 -27.06
N PHE F 10 -21.22 20.83 -26.94
CA PHE F 10 -20.56 21.63 -27.98
C PHE F 10 -19.64 22.68 -27.32
N THR F 11 -18.34 22.56 -27.55
CA THR F 11 -17.32 23.41 -26.89
C THR F 11 -16.54 24.12 -27.98
N SER F 12 -16.38 25.40 -27.84
CA SER F 12 -15.52 26.19 -28.65
C SER F 12 -14.52 27.01 -27.84
N VAL F 13 -13.24 26.91 -28.18
CA VAL F 13 -12.14 27.62 -27.50
C VAL F 13 -11.46 28.59 -28.47
N SER F 14 -11.50 29.89 -28.18
CA SER F 14 -10.83 30.87 -28.97
C SER F 14 -9.27 30.69 -28.91
N ARG F 15 -8.61 31.06 -29.96
CA ARG F 15 -7.16 30.86 -30.09
C ARG F 15 -6.60 32.04 -30.84
N PRO F 16 -6.42 33.18 -30.14
CA PRO F 16 -5.88 34.38 -30.79
C PRO F 16 -4.56 34.13 -31.40
N GLY F 17 -4.40 34.48 -32.67
CA GLY F 17 -3.17 34.11 -33.37
C GLY F 17 -3.20 32.86 -34.23
N ARG F 18 -4.24 32.06 -34.10
CA ARG F 18 -4.70 31.00 -35.05
C ARG F 18 -5.91 31.42 -35.87
N GLY F 19 -6.21 30.74 -36.97
CA GLY F 19 -7.33 31.19 -37.86
C GLY F 19 -8.77 31.15 -37.31
N GLU F 20 -9.06 30.20 -36.47
CA GLU F 20 -10.41 30.05 -35.99
C GLU F 20 -10.37 29.34 -34.63
N PRO F 21 -11.40 29.38 -33.89
CA PRO F 21 -11.49 28.62 -32.66
C PRO F 21 -11.52 27.13 -32.85
N ARG F 22 -11.09 26.41 -31.85
CA ARG F 22 -11.19 24.98 -31.80
C ARG F 22 -12.57 24.58 -31.35
N PHE F 23 -13.28 23.75 -32.16
CA PHE F 23 -14.62 23.37 -31.87
C PHE F 23 -14.79 21.88 -31.84
N ILE F 24 -15.32 21.38 -30.73
CA ILE F 24 -15.43 19.93 -30.47
C ILE F 24 -16.84 19.65 -29.98
N ALA F 25 -17.52 18.71 -30.67
CA ALA F 25 -18.89 18.34 -30.36
C ALA F 25 -18.94 16.81 -30.23
N VAL F 26 -19.72 16.37 -29.26
CA VAL F 26 -19.92 14.97 -28.96
C VAL F 26 -21.40 14.76 -28.61
N GLY F 27 -21.85 13.56 -28.92
CA GLY F 27 -23.23 13.11 -28.61
C GLY F 27 -23.19 11.82 -27.83
N TYR F 28 -24.07 11.71 -26.84
CA TYR F 28 -24.14 10.55 -25.97
C TYR F 28 -25.56 10.02 -25.86
N VAL F 29 -25.72 8.68 -25.82
CA VAL F 29 -26.87 8.08 -25.25
C VAL F 29 -26.49 7.49 -23.91
N ASP F 30 -27.14 7.93 -22.83
CA ASP F 30 -26.75 7.52 -21.49
C ASP F 30 -25.27 7.82 -21.34
N ASP F 31 -24.49 6.82 -20.97
CA ASP F 31 -23.07 7.01 -20.69
C ASP F 31 -22.29 6.67 -21.92
N THR F 32 -22.94 6.44 -23.06
CA THR F 32 -22.18 5.90 -24.23
C THR F 32 -22.07 6.96 -25.32
N GLN F 33 -20.84 7.33 -25.68
CA GLN F 33 -20.64 8.21 -26.78
C GLN F 33 -20.96 7.63 -28.17
N PHE F 34 -21.63 8.38 -29.05
CA PHE F 34 -22.02 7.84 -30.36
C PHE F 34 -21.62 8.66 -31.58
N VAL F 35 -21.40 9.95 -31.43
CA VAL F 35 -20.89 10.76 -32.50
C VAL F 35 -19.88 11.81 -31.95
N ARG F 36 -19.03 12.30 -32.85
CA ARG F 36 -18.10 13.41 -32.57
C ARG F 36 -17.90 14.25 -33.81
N PHE F 37 -17.47 15.50 -33.59
CA PHE F 37 -17.01 16.38 -34.64
C PHE F 37 -15.86 17.19 -34.05
N ASP F 38 -14.78 17.32 -34.76
CA ASP F 38 -13.66 18.19 -34.31
C ASP F 38 -13.27 19.13 -35.51
N SER F 39 -13.36 20.45 -35.32
CA SER F 39 -13.07 21.45 -36.38
C SER F 39 -11.68 21.34 -36.88
N ASP F 40 -10.74 20.74 -36.15
CA ASP F 40 -9.44 20.66 -36.65
C ASP F 40 -9.18 19.31 -37.35
N ALA F 41 -10.06 18.35 -37.30
CA ALA F 41 -9.72 17.03 -37.92
C ALA F 41 -9.97 17.13 -39.45
N ALA F 42 -9.46 16.15 -40.20
CA ALA F 42 -9.43 16.16 -41.66
C ALA F 42 -10.81 15.95 -42.29
N SER F 43 -11.65 15.11 -41.69
CA SER F 43 -12.83 14.69 -42.42
C SER F 43 -13.76 15.90 -42.62
N GLN F 44 -13.88 16.78 -41.62
CA GLN F 44 -14.86 17.82 -41.63
C GLN F 44 -16.33 17.26 -41.68
N ARG F 45 -16.53 16.15 -41.01
CA ARG F 45 -17.79 15.44 -40.96
C ARG F 45 -18.07 15.04 -39.52
N MET F 46 -19.33 14.88 -39.23
CA MET F 46 -19.71 14.13 -38.06
C MET F 46 -19.28 12.73 -38.19
N GLU F 47 -18.68 12.17 -37.14
CA GLU F 47 -18.17 10.82 -37.21
C GLU F 47 -18.85 9.89 -36.24
N PRO F 48 -19.14 8.65 -36.66
CA PRO F 48 -19.69 7.60 -35.76
C PRO F 48 -18.69 7.15 -34.73
N ARG F 49 -19.18 6.89 -33.54
CA ARG F 49 -18.30 6.45 -32.45
C ARG F 49 -18.91 5.27 -31.69
N ALA F 50 -20.05 4.79 -32.14
CA ALA F 50 -20.62 3.56 -31.62
C ALA F 50 -21.10 2.75 -32.82
N PRO F 51 -21.16 1.43 -32.69
CA PRO F 51 -21.48 0.65 -33.85
C PRO F 51 -22.90 0.81 -34.34
N TRP F 52 -23.82 1.02 -33.42
CA TRP F 52 -25.24 1.02 -33.77
C TRP F 52 -25.61 2.28 -34.55
N ILE F 53 -24.82 3.35 -34.50
CA ILE F 53 -25.16 4.54 -35.30
C ILE F 53 -24.68 4.41 -36.75
N GLU F 54 -23.82 3.44 -37.01
CA GLU F 54 -23.22 3.28 -38.32
C GLU F 54 -24.22 2.94 -39.37
N GLN F 55 -25.30 2.28 -38.99
CA GLN F 55 -26.33 1.93 -39.91
C GLN F 55 -27.18 3.08 -40.44
N GLU F 56 -27.16 4.20 -39.76
CA GLU F 56 -27.85 5.39 -40.31
C GLU F 56 -27.32 5.76 -41.71
N GLY F 57 -28.22 6.12 -42.61
CA GLY F 57 -27.88 6.31 -44.00
C GLY F 57 -27.26 7.68 -44.29
N PRO F 58 -26.88 7.89 -45.55
CA PRO F 58 -26.21 9.12 -45.96
C PRO F 58 -27.02 10.40 -45.72
N GLU F 59 -28.34 10.36 -45.80
CA GLU F 59 -29.10 11.58 -45.48
C GLU F 59 -28.92 11.99 -44.01
N TYR F 60 -28.95 11.00 -43.10
CA TYR F 60 -28.63 11.25 -41.72
C TYR F 60 -27.25 11.93 -41.57
N TRP F 61 -26.23 11.37 -42.19
CA TRP F 61 -24.87 11.84 -41.93
C TRP F 61 -24.65 13.21 -42.54
N ASP F 62 -25.22 13.44 -43.72
CA ASP F 62 -25.11 14.77 -44.31
C ASP F 62 -25.80 15.82 -43.45
N GLY F 63 -27.00 15.55 -43.02
CA GLY F 63 -27.69 16.44 -42.09
C GLY F 63 -27.01 16.68 -40.76
N GLU F 64 -26.52 15.62 -40.11
CA GLU F 64 -25.85 15.81 -38.90
C GLU F 64 -24.57 16.69 -39.11
N THR F 65 -23.88 16.48 -40.22
CA THR F 65 -22.66 17.18 -40.48
C THR F 65 -22.97 18.65 -40.74
N ARG F 66 -24.05 18.91 -41.46
CA ARG F 66 -24.39 20.28 -41.78
C ARG F 66 -24.75 21.01 -40.48
N LYS F 67 -25.49 20.35 -39.60
CA LYS F 67 -25.92 21.02 -38.39
C LYS F 67 -24.75 21.33 -37.46
N VAL F 68 -23.82 20.41 -37.34
CA VAL F 68 -22.71 20.57 -36.42
C VAL F 68 -21.72 21.62 -36.94
N LYS F 69 -21.50 21.67 -38.25
CA LYS F 69 -20.64 22.67 -38.87
C LYS F 69 -21.25 24.04 -38.74
N ALA F 70 -22.56 24.13 -38.93
CA ALA F 70 -23.23 25.44 -38.70
C ALA F 70 -23.08 25.92 -37.22
N HIS F 71 -23.19 24.99 -36.31
CA HIS F 71 -22.99 25.22 -34.90
C HIS F 71 -21.61 25.73 -34.61
N SER F 72 -20.59 25.16 -35.23
CA SER F 72 -19.25 25.74 -35.10
C SER F 72 -19.15 27.23 -35.49
N GLN F 73 -19.89 27.64 -36.48
CA GLN F 73 -19.86 29.04 -36.90
C GLN F 73 -20.56 29.99 -35.94
N THR F 74 -21.65 29.57 -35.38
CA THR F 74 -22.29 30.37 -34.35
C THR F 74 -21.56 30.41 -33.03
N HIS F 75 -20.93 29.34 -32.61
CA HIS F 75 -20.03 29.44 -31.50
C HIS F 75 -18.87 30.49 -31.72
N ARG F 76 -18.30 30.50 -32.92
CA ARG F 76 -17.28 31.40 -33.32
C ARG F 76 -17.77 32.84 -33.20
N VAL F 77 -18.94 33.14 -33.74
CA VAL F 77 -19.55 34.48 -33.56
C VAL F 77 -19.74 34.85 -32.11
N ASP F 78 -20.33 33.92 -31.34
CA ASP F 78 -20.56 34.10 -29.89
C ASP F 78 -19.32 34.44 -29.10
N LEU F 79 -18.20 33.76 -29.38
CA LEU F 79 -16.90 34.13 -28.75
C LEU F 79 -16.53 35.60 -28.95
N GLY F 80 -16.68 36.15 -30.16
CA GLY F 80 -16.40 37.55 -30.40
C GLY F 80 -17.43 38.42 -29.74
N THR F 81 -18.69 38.04 -29.81
CA THR F 81 -19.65 38.91 -29.10
C THR F 81 -19.52 38.99 -27.58
N LEU F 82 -19.29 37.84 -26.92
CA LEU F 82 -19.06 37.82 -25.49
C LEU F 82 -17.80 38.44 -25.05
N ARG F 83 -16.73 38.23 -25.80
CA ARG F 83 -15.50 38.99 -25.57
C ARG F 83 -15.76 40.52 -25.49
N GLY F 84 -16.52 41.05 -26.43
CA GLY F 84 -16.93 42.43 -26.39
C GLY F 84 -17.83 42.77 -25.21
N TYR F 85 -18.77 41.89 -24.91
CA TYR F 85 -19.70 42.21 -23.84
C TYR F 85 -18.98 42.31 -22.51
N TYR F 86 -17.96 41.47 -22.28
CA TYR F 86 -17.24 41.46 -20.99
C TYR F 86 -16.02 42.36 -21.08
N ASN F 87 -15.87 43.07 -22.17
CA ASN F 87 -14.72 43.92 -22.32
C ASN F 87 -13.35 43.30 -22.18
N GLN F 88 -13.15 42.14 -22.82
CA GLN F 88 -11.96 41.36 -22.55
C GLN F 88 -10.93 41.54 -23.67
N SER F 89 -9.64 41.38 -23.35
CA SER F 89 -8.54 41.54 -24.33
C SER F 89 -8.71 40.51 -25.46
N GLU F 90 -8.32 40.89 -26.67
CA GLU F 90 -8.28 39.95 -27.78
C GLU F 90 -7.12 38.97 -27.67
N ALA F 91 -6.30 39.17 -26.67
CA ALA F 91 -5.13 38.37 -26.45
C ALA F 91 -5.45 37.07 -25.79
N GLY F 92 -6.55 36.99 -25.05
CA GLY F 92 -6.84 35.80 -24.26
C GLY F 92 -7.70 34.73 -24.93
N SER F 93 -7.58 33.49 -24.46
CA SER F 93 -8.42 32.44 -24.89
C SER F 93 -9.64 32.33 -23.96
N HIS F 94 -10.78 32.16 -24.58
CA HIS F 94 -12.05 31.97 -23.87
C HIS F 94 -12.83 30.79 -24.41
N THR F 95 -13.86 30.40 -23.68
CA THR F 95 -14.64 29.19 -24.02
C THR F 95 -16.10 29.46 -24.05
N VAL F 96 -16.78 28.90 -25.01
CA VAL F 96 -18.23 28.80 -25.03
C VAL F 96 -18.61 27.36 -25.02
N GLN F 97 -19.64 27.02 -24.24
CA GLN F 97 -20.18 25.66 -24.11
C GLN F 97 -21.66 25.68 -24.20
N ARG F 98 -22.22 24.73 -24.96
CA ARG F 98 -23.63 24.48 -25.05
C ARG F 98 -23.88 22.97 -24.88
N MET F 99 -24.87 22.65 -24.11
CA MET F 99 -25.38 21.24 -23.93
C MET F 99 -26.87 21.26 -24.02
N TYR F 100 -27.43 20.27 -24.67
CA TYR F 100 -28.86 20.06 -24.61
C TYR F 100 -29.17 18.53 -24.72
N GLY F 101 -30.39 18.20 -24.34
CA GLY F 101 -30.85 16.83 -24.35
C GLY F 101 -32.19 16.57 -23.73
N CYS F 102 -32.55 15.28 -23.71
CA CYS F 102 -33.80 14.85 -23.27
C CYS F 102 -33.65 13.53 -22.60
N ASP F 103 -34.51 13.34 -21.65
CA ASP F 103 -34.60 12.09 -20.86
C ASP F 103 -35.95 11.45 -21.06
N VAL F 104 -35.97 10.12 -21.04
CA VAL F 104 -37.16 9.34 -20.94
C VAL F 104 -37.12 8.46 -19.69
N GLY F 105 -38.28 8.13 -19.15
CA GLY F 105 -38.37 7.15 -18.01
C GLY F 105 -38.28 5.70 -18.47
N SER F 106 -38.57 4.74 -17.57
CA SER F 106 -38.58 3.34 -17.87
C SER F 106 -39.61 2.95 -18.83
N ASP F 107 -40.72 3.65 -18.80
CA ASP F 107 -41.74 3.45 -19.82
C ASP F 107 -41.33 4.07 -21.14
N TRP F 108 -40.19 4.78 -21.17
CA TRP F 108 -39.67 5.44 -22.36
C TRP F 108 -40.50 6.62 -22.81
N ARG F 109 -41.37 7.14 -21.97
CA ARG F 109 -42.03 8.41 -22.27
C ARG F 109 -41.19 9.61 -21.80
N PHE F 110 -41.39 10.74 -22.44
CA PHE F 110 -40.71 11.99 -22.12
C PHE F 110 -40.73 12.26 -20.63
N LEU F 111 -39.58 12.50 -20.03
CA LEU F 111 -39.49 12.91 -18.64
C LEU F 111 -39.16 14.42 -18.64
N ARG F 112 -38.18 14.82 -19.42
CA ARG F 112 -37.70 16.24 -19.41
C ARG F 112 -36.76 16.56 -20.50
N GLY F 113 -36.63 17.87 -20.75
CA GLY F 113 -35.73 18.37 -21.70
C GLY F 113 -34.94 19.50 -21.07
N TYR F 114 -33.78 19.79 -21.65
CA TYR F 114 -32.85 20.81 -21.09
C TYR F 114 -31.97 21.39 -22.11
N HIS F 115 -31.50 22.63 -21.85
CA HIS F 115 -30.61 23.34 -22.73
C HIS F 115 -29.88 24.41 -21.90
N GLN F 116 -28.56 24.32 -21.83
CA GLN F 116 -27.73 25.18 -21.05
C GLN F 116 -26.60 25.69 -21.87
N TYR F 117 -26.15 26.89 -21.52
CA TYR F 117 -25.08 27.58 -22.22
C TYR F 117 -24.21 28.29 -21.21
N ALA F 118 -22.91 28.21 -21.43
CA ALA F 118 -21.92 28.71 -20.51
C ALA F 118 -20.86 29.50 -21.26
N TYR F 119 -20.35 30.52 -20.57
CA TYR F 119 -19.20 31.26 -21.03
C TYR F 119 -18.08 31.16 -19.96
N ASP F 120 -16.89 30.78 -20.40
CA ASP F 120 -15.74 30.57 -19.55
C ASP F 120 -16.09 29.70 -18.38
N GLY F 121 -16.92 28.69 -18.65
CA GLY F 121 -17.16 27.68 -17.61
C GLY F 121 -18.16 28.08 -16.54
N LYS F 122 -18.87 29.19 -16.78
CA LYS F 122 -19.90 29.68 -15.89
C LYS F 122 -21.24 29.80 -16.62
N ASP F 123 -22.30 29.44 -15.92
CA ASP F 123 -23.63 29.56 -16.45
C ASP F 123 -23.84 30.92 -17.06
N TYR F 124 -24.48 30.92 -18.21
CA TYR F 124 -24.73 32.16 -18.93
C TYR F 124 -26.22 32.26 -19.12
N ILE F 125 -26.80 31.34 -19.86
CA ILE F 125 -28.26 31.28 -20.05
C ILE F 125 -28.73 29.82 -20.06
N ALA F 126 -29.92 29.53 -19.55
CA ALA F 126 -30.50 28.21 -19.61
C ALA F 126 -32.00 28.30 -19.86
N LEU F 127 -32.51 27.25 -20.48
CA LEU F 127 -33.95 26.99 -20.58
C LEU F 127 -34.44 26.47 -19.29
N LYS F 128 -35.57 26.95 -18.83
CA LYS F 128 -36.17 26.40 -17.65
C LYS F 128 -36.91 25.12 -18.00
N GLU F 129 -37.35 24.38 -17.00
CA GLU F 129 -37.90 23.05 -17.18
C GLU F 129 -39.21 23.03 -17.94
N ASP F 130 -40.04 24.08 -17.76
CA ASP F 130 -41.24 24.23 -18.57
C ASP F 130 -40.95 24.34 -20.07
N LEU F 131 -39.68 24.53 -20.46
CA LEU F 131 -39.25 24.68 -21.89
C LEU F 131 -39.92 25.85 -22.60
N ARG F 132 -40.35 26.84 -21.82
CA ARG F 132 -40.93 28.05 -22.40
C ARG F 132 -40.28 29.35 -21.98
N SER F 133 -39.33 29.29 -21.06
CA SER F 133 -38.75 30.47 -20.49
C SER F 133 -37.27 30.25 -20.20
N TRP F 134 -36.54 31.32 -20.02
CA TRP F 134 -35.09 31.31 -19.86
C TRP F 134 -34.68 31.91 -18.51
N THR F 135 -33.53 31.47 -17.99
CA THR F 135 -32.88 32.14 -16.87
C THR F 135 -31.50 32.56 -17.30
N ALA F 136 -31.18 33.79 -16.97
CA ALA F 136 -29.99 34.51 -17.49
C ALA F 136 -29.13 34.77 -16.29
N ALA F 137 -27.84 34.57 -16.39
CA ALA F 137 -26.98 34.76 -15.18
C ALA F 137 -26.67 36.21 -14.84
N ASP F 138 -26.58 37.09 -15.84
CA ASP F 138 -26.18 38.52 -15.60
C ASP F 138 -26.81 39.42 -16.66
N MET F 139 -26.41 40.69 -16.71
CA MET F 139 -26.99 41.54 -17.73
C MET F 139 -26.63 41.29 -19.19
N ALA F 140 -25.43 40.80 -19.45
CA ALA F 140 -25.06 40.32 -20.78
C ALA F 140 -26.05 39.26 -21.22
N ALA F 141 -26.19 38.22 -20.41
CA ALA F 141 -27.14 37.17 -20.75
C ALA F 141 -28.54 37.65 -20.87
N GLN F 142 -28.92 38.69 -20.12
CA GLN F 142 -30.21 39.23 -20.31
C GLN F 142 -30.46 39.84 -21.67
N THR F 143 -29.43 40.43 -22.28
CA THR F 143 -29.53 40.89 -23.66
C THR F 143 -29.74 39.68 -24.58
N THR F 144 -29.00 38.58 -24.37
CA THR F 144 -29.19 37.36 -25.18
C THR F 144 -30.61 36.84 -25.02
N LYS F 145 -31.06 36.75 -23.79
CA LYS F 145 -32.42 36.29 -23.50
C LYS F 145 -33.49 37.12 -24.23
N HIS F 146 -33.37 38.45 -24.18
CA HIS F 146 -34.34 39.31 -24.91
C HIS F 146 -34.33 38.92 -26.40
N LYS F 147 -33.14 38.81 -26.93
CA LYS F 147 -32.98 38.41 -28.30
C LYS F 147 -33.67 37.05 -28.59
N TRP F 148 -33.40 36.03 -27.77
CA TRP F 148 -33.99 34.69 -27.98
C TRP F 148 -35.48 34.60 -27.78
N GLU F 149 -36.01 35.46 -26.91
CA GLU F 149 -37.43 35.57 -26.77
C GLU F 149 -38.11 36.20 -27.97
N ALA F 150 -37.55 37.32 -28.41
CA ALA F 150 -38.11 37.96 -29.61
C ALA F 150 -38.02 37.01 -30.86
N ALA F 151 -37.06 36.11 -30.90
CA ALA F 151 -36.90 35.16 -32.04
C ALA F 151 -37.62 33.86 -31.87
N HIS F 152 -38.21 33.65 -30.70
CA HIS F 152 -39.04 32.47 -30.42
C HIS F 152 -38.19 31.22 -30.45
N VAL F 153 -36.97 31.31 -29.92
CA VAL F 153 -36.11 30.20 -29.82
C VAL F 153 -36.76 29.07 -28.99
N ALA F 154 -37.35 29.38 -27.83
CA ALA F 154 -37.90 28.33 -26.94
C ALA F 154 -38.94 27.48 -27.64
N GLU F 155 -39.82 28.10 -28.44
CA GLU F 155 -40.84 27.30 -29.14
C GLU F 155 -40.17 26.27 -30.02
N GLN F 156 -39.12 26.66 -30.77
CA GLN F 156 -38.44 25.69 -31.70
C GLN F 156 -37.83 24.56 -30.88
N LEU F 157 -37.16 24.96 -29.83
CA LEU F 157 -36.47 24.02 -29.00
C LEU F 157 -37.41 23.06 -28.27
N ARG F 158 -38.50 23.58 -27.72
CA ARG F 158 -39.43 22.71 -27.03
C ARG F 158 -40.07 21.65 -28.01
N ALA F 159 -40.44 22.08 -29.22
CA ALA F 159 -40.91 21.13 -30.23
C ALA F 159 -39.89 20.00 -30.46
N TYR F 160 -38.62 20.31 -30.59
CA TYR F 160 -37.60 19.31 -30.72
C TYR F 160 -37.45 18.39 -29.50
N LEU F 161 -37.31 18.97 -28.34
CA LEU F 161 -37.07 18.21 -27.12
C LEU F 161 -38.21 17.22 -26.81
N GLU F 162 -39.44 17.67 -26.98
CA GLU F 162 -40.64 16.86 -26.70
C GLU F 162 -40.92 15.88 -27.84
N GLY F 163 -40.37 16.11 -29.02
CA GLY F 163 -40.78 15.28 -30.16
C GLY F 163 -39.54 14.51 -30.64
N THR F 164 -38.86 15.10 -31.59
CA THR F 164 -37.69 14.53 -32.24
C THR F 164 -36.64 14.00 -31.33
N CYS F 165 -36.25 14.74 -30.29
CA CYS F 165 -35.15 14.28 -29.46
C CYS F 165 -35.53 12.92 -28.83
N VAL F 166 -36.75 12.84 -28.32
CA VAL F 166 -37.21 11.65 -27.58
C VAL F 166 -37.49 10.50 -28.52
N GLU F 167 -37.96 10.80 -29.72
CA GLU F 167 -38.19 9.80 -30.74
C GLU F 167 -36.92 9.13 -31.23
N TRP F 168 -35.88 9.93 -31.38
CA TRP F 168 -34.62 9.45 -31.93
C TRP F 168 -33.86 8.75 -30.81
N LEU F 169 -33.97 9.27 -29.60
CA LEU F 169 -33.47 8.51 -28.47
C LEU F 169 -34.01 7.06 -28.42
N ARG F 170 -35.33 6.89 -28.55
CA ARG F 170 -35.98 5.55 -28.56
C ARG F 170 -35.55 4.70 -29.73
N ARG F 171 -35.37 5.35 -30.88
CA ARG F 171 -34.80 4.73 -32.03
C ARG F 171 -33.39 4.21 -31.76
N TYR F 172 -32.55 5.00 -31.12
CA TYR F 172 -31.22 4.53 -30.78
C TYR F 172 -31.21 3.42 -29.72
N LEU F 173 -32.01 3.55 -28.68
CA LEU F 173 -32.10 2.47 -27.68
C LEU F 173 -32.42 1.14 -28.32
N GLU F 174 -33.32 1.17 -29.30
CA GLU F 174 -33.70 -0.05 -29.96
C GLU F 174 -32.58 -0.56 -30.89
N ASN F 175 -32.06 0.29 -31.74
CA ASN F 175 -31.05 -0.14 -32.68
C ASN F 175 -29.73 -0.55 -32.00
N GLY F 176 -29.43 0.09 -30.88
CA GLY F 176 -28.29 -0.29 -30.08
C GLY F 176 -28.65 -1.15 -28.88
N LYS F 177 -29.77 -1.85 -28.93
CA LYS F 177 -30.22 -2.52 -27.73
C LYS F 177 -29.16 -3.43 -27.11
N GLU F 178 -28.31 -4.06 -27.93
CA GLU F 178 -27.28 -5.02 -27.48
C GLU F 178 -26.32 -4.42 -26.44
N THR F 179 -25.89 -3.20 -26.75
CA THR F 179 -24.98 -2.31 -26.01
C THR F 179 -25.76 -1.57 -24.94
N LEU F 180 -26.77 -0.87 -25.41
CA LEU F 180 -27.38 0.20 -24.63
C LEU F 180 -28.38 -0.32 -23.61
N GLN F 181 -29.03 -1.45 -23.88
CA GLN F 181 -29.98 -1.95 -22.90
C GLN F 181 -29.45 -3.15 -22.15
N ARG F 182 -28.15 -3.37 -22.19
CA ARG F 182 -27.53 -4.45 -21.41
C ARG F 182 -27.30 -3.95 -19.98
N THR F 183 -27.16 -4.83 -19.02
CA THR F 183 -26.59 -4.42 -17.77
C THR F 183 -25.48 -5.42 -17.47
N ASP F 184 -24.28 -4.90 -17.18
CA ASP F 184 -23.17 -5.75 -16.74
C ASP F 184 -23.07 -5.58 -15.23
N ALA F 185 -23.36 -6.67 -14.53
CA ALA F 185 -23.18 -6.72 -13.09
C ALA F 185 -21.69 -6.53 -12.71
N PRO F 186 -21.44 -5.77 -11.63
CA PRO F 186 -20.08 -5.56 -11.12
C PRO F 186 -19.42 -6.84 -10.65
N LYS F 187 -18.16 -7.03 -11.08
CA LYS F 187 -17.25 -7.96 -10.40
C LYS F 187 -16.72 -7.25 -9.17
N THR F 188 -16.61 -7.94 -8.06
CA THR F 188 -16.58 -7.29 -6.77
C THR F 188 -15.52 -8.05 -5.94
N HIS F 189 -14.59 -7.34 -5.29
CA HIS F 189 -13.65 -7.97 -4.34
C HIS F 189 -13.24 -6.95 -3.29
N MET F 190 -12.54 -7.41 -2.28
CA MET F 190 -12.06 -6.56 -1.21
C MET F 190 -10.55 -6.66 -1.00
N THR F 191 -10.01 -5.55 -0.52
CA THR F 191 -8.61 -5.39 -0.31
C THR F 191 -8.35 -4.90 1.12
N HIS F 192 -7.15 -5.21 1.61
CA HIS F 192 -6.77 -4.86 2.97
C HIS F 192 -5.28 -4.43 3.06
N HIS F 193 -4.98 -3.31 3.71
CA HIS F 193 -3.58 -2.95 3.95
C HIS F 193 -3.45 -2.29 5.31
N ALA F 194 -2.41 -2.64 6.06
CA ALA F 194 -2.11 -1.90 7.29
C ALA F 194 -1.80 -0.47 6.90
N VAL F 195 -2.39 0.49 7.60
CA VAL F 195 -2.11 1.88 7.29
C VAL F 195 -1.76 2.73 8.57
N SER F 196 -1.63 2.05 9.73
CA SER F 196 -1.11 2.64 10.98
C SER F 196 -1.12 1.51 12.02
N ASP F 197 -0.16 1.50 12.94
CA ASP F 197 -0.09 0.40 13.91
C ASP F 197 -1.44 0.11 14.53
N HIS F 198 -2.21 1.17 14.79
CA HIS F 198 -3.56 1.02 15.36
C HIS F 198 -4.67 0.83 14.31
N GLU F 199 -4.33 0.78 13.02
CA GLU F 199 -5.39 0.84 11.95
C GLU F 199 -5.00 0.27 10.58
N ALA F 200 -6.03 0.01 9.77
CA ALA F 200 -5.89 -0.63 8.44
C ALA F 200 -6.97 -0.08 7.51
N THR F 201 -6.74 -0.21 6.21
CA THR F 201 -7.73 0.20 5.20
C THR F 201 -8.38 -1.00 4.55
N LEU F 202 -9.70 -0.98 4.49
CA LEU F 202 -10.42 -1.95 3.68
C LEU F 202 -10.94 -1.20 2.44
N ARG F 203 -10.74 -1.82 1.29
CA ARG F 203 -11.18 -1.23 0.03
C ARG F 203 -12.01 -2.22 -0.74
N CYS F 204 -13.23 -1.78 -1.00
CA CYS F 204 -14.21 -2.56 -1.69
C CYS F 204 -14.28 -2.10 -3.14
N TRP F 205 -14.22 -3.06 -4.06
CA TRP F 205 -14.06 -2.80 -5.46
C TRP F 205 -15.24 -3.32 -6.26
N ALA F 206 -15.66 -2.48 -7.20
CA ALA F 206 -16.63 -2.86 -8.23
C ALA F 206 -16.02 -2.62 -9.63
N LEU F 207 -16.00 -3.67 -10.43
CA LEU F 207 -15.32 -3.67 -11.69
C LEU F 207 -16.24 -4.14 -12.83
N SER F 208 -15.93 -3.69 -14.04
CA SER F 208 -16.64 -4.08 -15.28
C SER F 208 -18.12 -3.91 -15.22
N PHE F 209 -18.61 -2.83 -14.64
CA PHE F 209 -20.06 -2.66 -14.62
C PHE F 209 -20.57 -1.64 -15.64
N TYR F 210 -21.84 -1.82 -15.99
CA TYR F 210 -22.60 -0.92 -16.88
C TYR F 210 -24.08 -1.07 -16.57
N PRO F 211 -24.83 0.02 -16.37
CA PRO F 211 -24.39 1.44 -16.50
C PRO F 211 -23.53 1.94 -15.36
N ALA F 212 -23.08 3.19 -15.47
CA ALA F 212 -22.16 3.80 -14.49
C ALA F 212 -22.75 3.99 -13.11
N GLU F 213 -24.07 4.18 -13.07
CA GLU F 213 -24.87 4.28 -11.86
C GLU F 213 -24.54 3.14 -10.89
N ILE F 214 -24.11 3.46 -9.68
CA ILE F 214 -23.78 2.40 -8.68
C ILE F 214 -23.70 3.05 -7.32
N THR F 215 -24.08 2.35 -6.27
CA THR F 215 -23.89 2.92 -4.95
C THR F 215 -23.13 1.87 -4.08
N LEU F 216 -22.11 2.36 -3.41
CA LEU F 216 -21.22 1.58 -2.58
C LEU F 216 -21.33 2.23 -1.22
N THR F 217 -21.61 1.43 -0.19
CA THR F 217 -21.68 2.00 1.14
C THR F 217 -21.02 1.04 2.11
N TRP F 218 -20.44 1.62 3.14
CA TRP F 218 -19.89 0.88 4.24
C TRP F 218 -20.81 0.95 5.44
N GLN F 219 -20.94 -0.19 6.10
CA GLN F 219 -21.59 -0.25 7.39
C GLN F 219 -20.65 -0.84 8.42
N ARG F 220 -20.89 -0.45 9.65
CA ARG F 220 -20.22 -1.04 10.79
C ARG F 220 -21.29 -1.51 11.77
N ASP F 221 -21.27 -2.81 12.05
CA ASP F 221 -22.33 -3.47 12.86
C ASP F 221 -23.72 -3.27 12.28
N GLY F 222 -23.82 -3.25 10.96
CA GLY F 222 -25.09 -3.04 10.27
C GLY F 222 -25.54 -1.58 10.27
N GLU F 223 -24.60 -0.67 10.49
CA GLU F 223 -24.92 0.76 10.67
C GLU F 223 -24.07 1.62 9.74
N ASP F 224 -24.70 2.36 8.85
CA ASP F 224 -23.97 3.13 7.83
C ASP F 224 -22.82 3.99 8.36
N GLN F 225 -21.75 4.08 7.57
CA GLN F 225 -20.56 4.84 7.95
C GLN F 225 -20.24 5.93 6.91
N THR F 226 -19.90 7.13 7.37
CA THR F 226 -19.24 8.12 6.52
C THR F 226 -17.99 8.69 7.20
N GLN F 227 -17.65 8.20 8.39
CA GLN F 227 -16.40 8.59 9.06
C GLN F 227 -15.28 7.79 8.49
N ASP F 228 -14.15 8.44 8.20
CA ASP F 228 -12.97 7.74 7.69
C ASP F 228 -13.28 6.83 6.50
N THR F 229 -14.30 7.20 5.70
CA THR F 229 -14.62 6.54 4.42
C THR F 229 -14.43 7.45 3.22
N GLU F 230 -13.93 6.87 2.15
CA GLU F 230 -13.54 7.61 0.96
C GLU F 230 -13.99 6.86 -0.28
N LEU F 231 -14.59 7.58 -1.20
CA LEU F 231 -15.25 7.03 -2.34
C LEU F 231 -14.65 7.65 -3.58
N VAL F 232 -14.14 6.84 -4.50
CA VAL F 232 -13.52 7.40 -5.67
C VAL F 232 -14.59 7.72 -6.71
N GLU F 233 -14.33 8.76 -7.49
CA GLU F 233 -15.19 9.11 -8.60
C GLU F 233 -15.26 7.90 -9.53
N THR F 234 -16.43 7.55 -10.01
CA THR F 234 -16.58 6.50 -10.99
C THR F 234 -15.78 6.82 -12.27
N ARG F 235 -15.10 5.80 -12.81
CA ARG F 235 -14.08 5.99 -13.80
C ARG F 235 -14.33 4.98 -14.93
N PRO F 236 -14.11 5.38 -16.20
CA PRO F 236 -14.22 4.47 -17.31
C PRO F 236 -13.03 3.47 -17.41
N ALA F 237 -13.34 2.22 -17.69
CA ALA F 237 -12.30 1.21 -17.88
C ALA F 237 -11.68 1.33 -19.26
N GLY F 238 -12.39 1.99 -20.18
CA GLY F 238 -11.92 2.18 -21.57
C GLY F 238 -12.58 1.13 -22.47
N ASP F 239 -13.40 0.34 -21.78
CA ASP F 239 -13.99 -0.89 -22.20
C ASP F 239 -15.42 -0.72 -22.65
N GLY F 240 -16.02 0.41 -22.30
CA GLY F 240 -17.50 0.51 -22.23
C GLY F 240 -18.03 0.25 -20.82
N THR F 241 -17.17 -0.26 -19.94
CA THR F 241 -17.54 -0.52 -18.60
C THR F 241 -16.90 0.49 -17.65
N PHE F 242 -17.30 0.41 -16.38
CA PHE F 242 -16.86 1.36 -15.37
C PHE F 242 -16.26 0.68 -14.15
N GLN F 243 -15.63 1.49 -13.31
CA GLN F 243 -15.00 1.03 -12.10
C GLN F 243 -15.25 2.04 -10.98
N LYS F 244 -15.24 1.54 -9.74
CA LYS F 244 -15.36 2.38 -8.58
C LYS F 244 -14.88 1.60 -7.34
N TRP F 245 -14.36 2.30 -6.37
CA TRP F 245 -14.10 1.68 -5.12
C TRP F 245 -14.47 2.64 -3.98
N ALA F 246 -14.64 2.00 -2.80
CA ALA F 246 -14.91 2.72 -1.57
C ALA F 246 -14.02 2.08 -0.52
N ALA F 247 -13.38 2.93 0.28
CA ALA F 247 -12.45 2.49 1.31
C ALA F 247 -12.94 2.94 2.67
N VAL F 248 -12.58 2.19 3.70
CA VAL F 248 -12.78 2.68 5.06
C VAL F 248 -11.55 2.31 5.87
N VAL F 249 -11.15 3.19 6.78
CA VAL F 249 -10.03 2.90 7.65
C VAL F 249 -10.69 2.54 8.97
N VAL F 250 -10.18 1.48 9.57
CA VAL F 250 -10.78 0.88 10.76
C VAL F 250 -9.69 0.66 11.83
N PRO F 251 -10.08 0.66 13.13
CA PRO F 251 -9.17 0.11 14.15
C PRO F 251 -8.81 -1.37 13.82
N SER F 252 -7.54 -1.75 13.91
CA SER F 252 -7.07 -3.01 13.26
C SER F 252 -7.24 -4.37 13.98
N GLY F 253 -8.19 -4.50 14.87
CA GLY F 253 -8.72 -5.82 15.18
C GLY F 253 -10.20 -5.96 14.87
N GLN F 254 -10.76 -5.05 14.08
CA GLN F 254 -12.21 -4.94 13.96
C GLN F 254 -12.80 -5.13 12.56
N GLU F 255 -12.01 -5.67 11.64
CA GLU F 255 -12.39 -5.75 10.24
C GLU F 255 -13.73 -6.42 10.02
N GLN F 256 -14.10 -7.34 10.90
CA GLN F 256 -15.35 -8.02 10.63
C GLN F 256 -16.57 -7.32 11.16
N ARG F 257 -16.40 -6.21 11.87
CA ARG F 257 -17.55 -5.35 12.16
C ARG F 257 -18.06 -4.67 10.87
N TYR F 258 -17.22 -4.62 9.85
CA TYR F 258 -17.49 -3.81 8.65
C TYR F 258 -17.93 -4.64 7.46
N THR F 259 -18.90 -4.06 6.74
CA THR F 259 -19.40 -4.70 5.55
C THR F 259 -19.60 -3.63 4.47
N CYS F 260 -19.32 -4.03 3.24
CA CYS F 260 -19.44 -3.19 2.10
C CYS F 260 -20.66 -3.60 1.34
N HIS F 261 -21.46 -2.63 0.90
CA HIS F 261 -22.77 -2.92 0.27
C HIS F 261 -22.82 -2.30 -1.10
N VAL F 262 -23.25 -3.10 -2.05
CA VAL F 262 -23.17 -2.76 -3.45
C VAL F 262 -24.56 -2.83 -4.05
N GLN F 263 -25.01 -1.73 -4.61
CA GLN F 263 -26.26 -1.72 -5.36
C GLN F 263 -26.00 -1.27 -6.77
N HIS F 264 -26.54 -2.05 -7.71
CA HIS F 264 -26.43 -1.80 -9.13
C HIS F 264 -27.62 -2.45 -9.84
N GLU F 265 -28.11 -1.79 -10.89
CA GLU F 265 -29.18 -2.34 -11.73
C GLU F 265 -29.03 -3.79 -12.15
N GLY F 266 -27.80 -4.21 -12.40
CA GLY F 266 -27.49 -5.60 -12.78
C GLY F 266 -27.50 -6.64 -11.66
N LEU F 267 -27.87 -6.22 -10.45
CA LEU F 267 -27.92 -7.13 -9.31
C LEU F 267 -29.33 -7.35 -8.83
N PRO F 268 -29.81 -8.61 -8.85
CA PRO F 268 -31.13 -8.92 -8.30
C PRO F 268 -31.31 -8.35 -6.90
N LYS F 269 -30.26 -8.46 -6.08
CA LYS F 269 -30.29 -8.03 -4.70
C LYS F 269 -28.99 -7.35 -4.38
N PRO F 270 -29.01 -6.40 -3.42
CA PRO F 270 -27.76 -5.75 -3.02
C PRO F 270 -26.77 -6.77 -2.54
N LEU F 271 -25.51 -6.62 -2.90
CA LEU F 271 -24.47 -7.49 -2.38
C LEU F 271 -23.90 -6.95 -1.10
N THR F 272 -23.55 -7.87 -0.22
CA THR F 272 -22.77 -7.52 0.94
C THR F 272 -21.44 -8.30 0.93
N LEU F 273 -20.38 -7.58 1.19
CA LEU F 273 -19.04 -8.15 1.19
C LEU F 273 -18.41 -7.92 2.54
N ARG F 274 -17.57 -8.88 2.92
CA ARG F 274 -16.93 -8.93 4.21
C ARG F 274 -15.52 -9.29 3.95
N TRP F 275 -14.58 -8.76 4.72
CA TRP F 275 -13.22 -9.20 4.56
C TRP F 275 -13.04 -10.62 5.03
N GLU F 276 -12.60 -11.50 4.14
CA GLU F 276 -12.88 -12.94 4.30
C GLU F 276 -12.15 -13.79 5.37
N PRO F 277 -10.93 -13.49 5.82
CA PRO F 277 -9.98 -12.62 5.19
C PRO F 277 -9.47 -13.31 3.93
N MET G 1 -10.72 35.48 -14.95
CA MET G 1 -11.67 34.33 -14.92
C MET G 1 -11.24 33.27 -13.89
N ILE G 2 -12.18 32.38 -13.59
CA ILE G 2 -12.00 31.32 -12.60
C ILE G 2 -11.62 29.96 -13.21
N GLN G 3 -10.70 29.27 -12.55
CA GLN G 3 -10.07 28.09 -13.10
C GLN G 3 -10.22 26.92 -12.10
N ARG G 4 -10.28 25.71 -12.62
CA ARG G 4 -10.33 24.52 -11.78
C ARG G 4 -9.25 23.53 -12.19
N THR G 5 -8.54 23.03 -11.20
CA THR G 5 -7.40 22.13 -11.43
C THR G 5 -7.88 20.70 -11.61
N PRO G 6 -7.16 19.90 -12.41
CA PRO G 6 -7.71 18.60 -12.69
C PRO G 6 -7.55 17.55 -11.57
N LYS G 7 -8.49 16.61 -11.51
CA LYS G 7 -8.42 15.44 -10.65
C LYS G 7 -7.83 14.39 -11.57
N ILE G 8 -7.08 13.45 -11.00
CA ILE G 8 -6.34 12.47 -11.85
C ILE G 8 -6.46 11.09 -11.26
N GLN G 9 -6.79 10.09 -12.03
CA GLN G 9 -6.61 8.71 -11.58
C GLN G 9 -5.84 7.97 -12.62
N VAL G 10 -4.96 7.10 -12.15
CA VAL G 10 -4.11 6.30 -12.99
C VAL G 10 -4.34 4.87 -12.59
N TYR G 11 -4.63 4.01 -13.56
CA TYR G 11 -5.08 2.70 -13.24
C TYR G 11 -5.10 1.86 -14.51
N SER G 12 -5.15 0.56 -14.32
CA SER G 12 -5.30 -0.39 -15.42
C SER G 12 -6.75 -0.75 -15.72
N ARG G 13 -6.98 -1.16 -16.96
CA ARG G 13 -8.28 -1.63 -17.41
C ARG G 13 -8.67 -2.91 -16.75
N HIS G 14 -7.78 -3.88 -16.77
CA HIS G 14 -8.00 -5.17 -16.10
C HIS G 14 -7.07 -5.24 -14.89
N PRO G 15 -7.41 -6.09 -13.90
CA PRO G 15 -6.44 -6.41 -12.83
C PRO G 15 -5.07 -6.76 -13.39
N ALA G 16 -4.03 -6.17 -12.86
CA ALA G 16 -2.73 -6.29 -13.47
C ALA G 16 -2.10 -7.64 -13.15
N GLU G 17 -1.43 -8.26 -14.12
CA GLU G 17 -0.66 -9.46 -13.85
C GLU G 17 0.60 -9.33 -14.62
N ASN G 18 1.70 -9.57 -13.95
CA ASN G 18 2.99 -9.34 -14.54
C ASN G 18 3.18 -10.21 -15.79
N GLY G 19 3.73 -9.59 -16.84
CA GLY G 19 3.87 -10.23 -18.17
C GLY G 19 2.61 -10.32 -19.05
N LYS G 20 1.49 -9.77 -18.61
CA LYS G 20 0.23 -9.96 -19.35
C LYS G 20 -0.32 -8.61 -19.85
N SER G 21 -0.61 -8.61 -21.14
CA SER G 21 -1.03 -7.42 -21.81
C SER G 21 -2.30 -6.81 -21.20
N ASN G 22 -2.37 -5.48 -21.19
CA ASN G 22 -3.43 -4.73 -20.47
C ASN G 22 -3.46 -3.30 -21.04
N PHE G 23 -4.21 -2.38 -20.43
CA PHE G 23 -4.27 -0.97 -20.84
C PHE G 23 -4.01 -0.10 -19.65
N LEU G 24 -3.21 0.94 -19.84
CA LEU G 24 -2.95 1.85 -18.78
C LEU G 24 -3.76 3.11 -19.04
N ASN G 25 -4.50 3.54 -18.04
CA ASN G 25 -5.42 4.63 -18.21
C ASN G 25 -4.99 5.76 -17.35
N CYS G 26 -5.14 6.98 -17.85
CA CYS G 26 -5.06 8.15 -17.00
C CYS G 26 -6.32 8.99 -17.23
N TYR G 27 -7.14 9.10 -16.20
CA TYR G 27 -8.40 9.78 -16.34
C TYR G 27 -8.24 11.10 -15.65
N VAL G 28 -8.47 12.15 -16.43
CA VAL G 28 -8.35 13.47 -15.93
C VAL G 28 -9.72 14.18 -16.01
N SER G 29 -10.12 14.86 -14.94
CA SER G 29 -11.52 15.37 -14.88
C SER G 29 -11.57 16.55 -13.95
N GLY G 30 -12.68 17.27 -14.00
CA GLY G 30 -12.95 18.41 -13.10
C GLY G 30 -12.16 19.68 -13.45
N PHE G 31 -11.67 19.78 -14.64
CA PHE G 31 -10.78 20.90 -14.95
C PHE G 31 -11.36 21.95 -15.88
N HIS G 32 -10.86 23.17 -15.77
CA HIS G 32 -11.28 24.27 -16.64
C HIS G 32 -10.17 25.29 -16.60
N PRO G 33 -9.66 25.80 -17.74
CA PRO G 33 -10.16 25.58 -19.06
C PRO G 33 -9.71 24.24 -19.64
N SER G 34 -10.06 24.01 -20.90
CA SER G 34 -9.87 22.69 -21.47
C SER G 34 -8.48 22.32 -21.94
N ASP G 35 -7.65 23.27 -22.29
CA ASP G 35 -6.30 22.92 -22.68
C ASP G 35 -5.56 22.22 -21.53
N ILE G 36 -4.92 21.09 -21.85
CA ILE G 36 -4.30 20.28 -20.84
C ILE G 36 -3.29 19.38 -21.56
N GLU G 37 -2.16 19.11 -20.88
CA GLU G 37 -1.16 18.22 -21.43
C GLU G 37 -1.08 17.01 -20.52
N VAL G 38 -1.17 15.84 -21.11
CA VAL G 38 -1.19 14.57 -20.33
C VAL G 38 -0.23 13.60 -21.02
N ASP G 39 0.73 13.04 -20.27
CA ASP G 39 1.62 12.04 -20.81
C ASP G 39 1.52 10.86 -19.90
N LEU G 40 1.71 9.69 -20.44
CA LEU G 40 1.98 8.52 -19.62
C LEU G 40 3.47 8.23 -19.68
N LEU G 41 4.03 7.89 -18.53
CA LEU G 41 5.41 7.64 -18.37
C LEU G 41 5.70 6.18 -17.99
N LYS G 42 6.80 5.68 -18.54
CA LYS G 42 7.34 4.39 -18.18
C LYS G 42 8.75 4.63 -17.69
N ASN G 43 9.01 4.35 -16.42
CA ASN G 43 10.28 4.65 -15.79
C ASN G 43 10.73 6.02 -16.08
N GLY G 44 9.82 6.97 -15.96
CA GLY G 44 10.16 8.36 -16.19
C GLY G 44 10.10 8.86 -17.63
N GLU G 45 9.97 7.98 -18.60
CA GLU G 45 10.07 8.36 -20.01
C GLU G 45 8.66 8.38 -20.70
N ARG G 46 8.38 9.40 -21.49
CA ARG G 46 7.08 9.52 -22.14
C ARG G 46 6.84 8.27 -22.97
N ILE G 47 5.62 7.78 -22.96
CA ILE G 47 5.24 6.70 -23.81
C ILE G 47 4.69 7.36 -25.06
N GLU G 48 5.13 6.84 -26.21
CA GLU G 48 4.84 7.52 -27.44
C GLU G 48 3.43 7.38 -28.06
N LYS G 49 2.67 6.30 -28.01
CA LYS G 49 1.43 6.55 -28.93
C LYS G 49 0.08 6.59 -28.23
N VAL G 50 0.01 7.39 -27.21
CA VAL G 50 -1.09 7.34 -26.29
C VAL G 50 -2.31 7.98 -26.95
N GLU G 51 -3.47 7.38 -26.77
CA GLU G 51 -4.70 7.85 -27.37
C GLU G 51 -5.52 8.52 -26.31
N HIS G 52 -6.51 9.28 -26.73
CA HIS G 52 -7.43 9.83 -25.76
C HIS G 52 -8.86 9.93 -26.29
N SER G 53 -9.81 10.03 -25.37
CA SER G 53 -11.25 10.24 -25.67
C SER G 53 -11.53 11.63 -26.19
N ASP G 54 -12.71 11.86 -26.74
CA ASP G 54 -13.06 13.15 -27.26
C ASP G 54 -13.49 14.08 -26.10
N LEU G 55 -13.10 15.31 -26.16
CA LEU G 55 -13.38 16.29 -25.04
C LEU G 55 -14.85 16.37 -24.70
N SER G 56 -15.24 16.11 -23.45
CA SER G 56 -16.66 16.33 -23.05
C SER G 56 -16.64 17.03 -21.75
N PHE G 57 -17.80 17.21 -21.16
CA PHE G 57 -17.87 17.98 -19.90
C PHE G 57 -19.03 17.58 -19.05
N SER G 58 -18.91 17.88 -17.77
CA SER G 58 -19.86 17.41 -16.77
C SER G 58 -20.93 18.49 -16.51
N LYS G 59 -21.79 18.21 -15.56
CA LYS G 59 -22.94 19.08 -15.27
C LYS G 59 -22.43 20.48 -14.82
N ASP G 60 -21.36 20.48 -14.03
CA ASP G 60 -20.76 21.73 -13.61
C ASP G 60 -20.02 22.08 -14.85
N TRP G 61 -19.22 23.02 -15.00
CA TRP G 61 -18.95 22.81 -16.59
C TRP G 61 -17.61 22.17 -16.97
N SER G 62 -17.11 21.48 -15.99
CA SER G 62 -15.72 21.06 -16.04
C SER G 62 -15.53 19.95 -17.04
N PHE G 63 -14.33 19.87 -17.58
CA PHE G 63 -14.02 18.89 -18.65
C PHE G 63 -13.46 17.60 -18.12
N TYR G 64 -13.51 16.56 -18.95
CA TYR G 64 -12.88 15.31 -18.61
C TYR G 64 -12.47 14.56 -19.90
N LEU G 65 -11.37 13.81 -19.80
CA LEU G 65 -10.69 13.07 -20.85
C LEU G 65 -10.09 11.79 -20.28
N LEU G 66 -10.08 10.73 -21.07
CA LEU G 66 -9.35 9.52 -20.75
C LEU G 66 -8.20 9.33 -21.73
N TYR G 67 -6.98 9.27 -21.18
CA TYR G 67 -5.81 8.92 -21.93
C TYR G 67 -5.44 7.46 -21.67
N TYR G 68 -4.99 6.75 -22.69
CA TYR G 68 -4.75 5.35 -22.55
C TYR G 68 -3.80 4.79 -23.60
N THR G 69 -3.15 3.70 -23.22
CA THR G 69 -2.32 2.94 -24.08
C THR G 69 -2.26 1.53 -23.61
N GLU G 70 -1.94 0.66 -24.55
CA GLU G 70 -1.65 -0.72 -24.24
C GLU G 70 -0.32 -0.75 -23.48
N PHE G 71 -0.20 -1.67 -22.53
CA PHE G 71 1.07 -1.90 -21.87
C PHE G 71 1.08 -3.30 -21.24
N THR G 72 2.27 -3.72 -20.84
CA THR G 72 2.44 -5.00 -20.17
C THR G 72 3.12 -4.71 -18.85
N PRO G 73 2.36 -4.66 -17.77
CA PRO G 73 3.00 -4.50 -16.45
C PRO G 73 4.02 -5.58 -16.11
N THR G 74 5.01 -5.19 -15.31
CA THR G 74 6.04 -6.07 -14.78
C THR G 74 6.27 -5.74 -13.31
N GLU G 75 7.12 -6.52 -12.69
CA GLU G 75 7.47 -6.31 -11.31
C GLU G 75 8.14 -4.94 -11.10
N LYS G 76 9.07 -4.59 -11.96
CA LYS G 76 9.93 -3.47 -11.66
C LYS G 76 9.69 -2.19 -12.45
N ASP G 77 8.97 -2.25 -13.55
CA ASP G 77 8.65 -1.02 -14.29
C ASP G 77 7.64 -0.13 -13.56
N GLU G 78 7.95 1.14 -13.47
CA GLU G 78 7.11 2.13 -12.78
C GLU G 78 6.37 2.91 -13.86
N TYR G 79 5.07 3.01 -13.72
CA TYR G 79 4.22 3.75 -14.60
C TYR G 79 3.60 4.91 -13.87
N ALA G 80 3.35 5.99 -14.62
CA ALA G 80 2.85 7.22 -14.04
C ALA G 80 2.20 8.07 -15.12
N CYS G 81 1.40 9.03 -14.68
CA CYS G 81 0.75 9.97 -15.56
C CYS G 81 1.26 11.32 -15.15
N ARG G 82 1.59 12.19 -16.08
CA ARG G 82 2.06 13.50 -15.77
C ARG G 82 1.10 14.48 -16.46
N VAL G 83 0.58 15.45 -15.67
CA VAL G 83 -0.41 16.42 -16.15
C VAL G 83 0.05 17.81 -16.00
N ASN G 84 -0.04 18.61 -17.05
CA ASN G 84 0.13 20.03 -16.92
C ASN G 84 -1.11 20.82 -17.35
N HIS G 85 -1.36 21.93 -16.66
CA HIS G 85 -2.60 22.67 -16.85
C HIS G 85 -2.33 24.04 -16.25
N VAL G 86 -2.99 25.06 -16.79
CA VAL G 86 -2.75 26.46 -16.36
C VAL G 86 -2.88 26.63 -14.83
N THR G 87 -3.74 25.84 -14.15
CA THR G 87 -3.82 25.91 -12.67
C THR G 87 -2.60 25.40 -11.90
N LEU G 88 -1.70 24.70 -12.57
CA LEU G 88 -0.62 24.00 -11.92
C LEU G 88 0.63 24.77 -12.11
N SER G 89 1.40 24.95 -11.04
CA SER G 89 2.63 25.73 -11.13
C SER G 89 3.69 24.86 -11.77
N GLN G 90 3.57 23.55 -11.58
CA GLN G 90 4.50 22.59 -12.12
C GLN G 90 3.68 21.38 -12.48
N PRO G 91 4.09 20.63 -13.52
CA PRO G 91 3.34 19.45 -13.86
C PRO G 91 3.14 18.54 -12.65
N LYS G 92 1.98 17.94 -12.56
CA LYS G 92 1.69 17.01 -11.51
C LYS G 92 1.99 15.63 -12.04
N ILE G 93 2.74 14.85 -11.26
CA ILE G 93 2.94 13.43 -11.60
C ILE G 93 2.24 12.49 -10.63
N VAL G 94 1.45 11.53 -11.13
CA VAL G 94 0.75 10.56 -10.29
C VAL G 94 1.21 9.17 -10.70
N LYS G 95 1.85 8.45 -9.77
CA LYS G 95 2.31 7.08 -9.98
C LYS G 95 1.14 6.11 -10.06
N TRP G 96 1.23 5.13 -10.96
CA TRP G 96 0.29 4.00 -10.95
C TRP G 96 0.58 3.08 -9.77
N ASP G 97 -0.47 2.74 -9.02
CA ASP G 97 -0.47 1.65 -8.00
C ASP G 97 -1.46 0.56 -8.45
N ARG G 98 -1.00 -0.68 -8.72
CA ARG G 98 -1.96 -1.69 -9.23
C ARG G 98 -3.09 -2.03 -8.27
N ASP G 99 -2.94 -1.68 -7.00
CA ASP G 99 -4.02 -1.87 -6.04
C ASP G 99 -4.95 -0.62 -5.91
N MET G 100 -5.02 0.25 -6.92
CA MET G 100 -6.05 1.39 -6.86
C MET G 100 -6.51 2.14 -8.16
N ARG H 1 -29.89 12.47 -32.98
CA ARG H 1 -30.24 13.45 -34.01
C ARG H 1 -30.29 14.87 -33.35
N GLN H 2 -29.49 15.78 -33.86
CA GLN H 2 -29.37 17.16 -33.35
C GLN H 2 -30.52 18.03 -33.66
N PHE H 3 -30.69 19.06 -32.82
CA PHE H 3 -31.59 20.17 -33.12
C PHE H 3 -31.08 20.88 -34.35
N GLY H 4 -31.99 21.33 -35.20
CA GLY H 4 -31.60 22.01 -36.38
C GLY H 4 -32.66 22.92 -36.95
N PRO H 5 -32.34 23.64 -38.04
CA PRO H 5 -31.08 23.46 -38.81
C PRO H 5 -29.83 23.97 -38.15
N ASP H 6 -30.03 24.97 -37.30
CA ASP H 6 -28.89 25.60 -36.65
C ASP H 6 -29.41 26.52 -35.49
N TRP H 7 -28.46 27.32 -34.98
CA TRP H 7 -28.68 28.11 -33.77
C TRP H 7 -28.62 29.60 -34.02
N ILE H 8 -29.47 30.35 -33.30
CA ILE H 8 -29.36 31.77 -33.30
C ILE H 8 -28.05 32.13 -32.53
N VAL H 9 -27.43 33.21 -32.93
CA VAL H 9 -26.24 33.73 -32.16
C VAL H 9 -26.62 34.35 -30.77
N ALA H 10 -25.70 34.33 -29.84
CA ALA H 10 -25.91 35.01 -28.52
C ALA H 10 -26.04 36.52 -28.58
N GLU I 2 47.19 -27.54 40.62
CA GLU I 2 48.24 -28.30 41.34
C GLU I 2 48.98 -27.41 42.32
N VAL I 3 49.20 -27.99 43.50
CA VAL I 3 49.71 -27.22 44.60
C VAL I 3 50.83 -27.98 45.26
N GLU I 4 51.94 -27.28 45.49
CA GLU I 4 53.12 -27.86 46.08
C GLU I 4 53.11 -27.49 47.55
N GLN I 5 53.40 -28.46 48.39
CA GLN I 5 53.50 -28.24 49.86
C GLN I 5 54.58 -29.20 50.39
N ASP I 6 55.51 -28.66 51.13
CA ASP I 6 56.53 -29.47 51.77
C ASP I 6 55.97 -30.32 52.90
N PRO I 7 56.27 -31.63 52.88
CA PRO I 7 55.67 -32.53 53.88
C PRO I 7 56.16 -32.38 55.29
N GLY I 8 57.28 -31.68 55.46
CA GLY I 8 57.96 -31.61 56.72
C GLY I 8 58.63 -32.96 56.98
N PRO I 9 58.48 -33.51 58.18
CA PRO I 9 57.78 -32.90 59.29
C PRO I 9 58.50 -31.71 59.90
N LEU I 10 57.76 -30.78 60.48
CA LEU I 10 58.36 -29.72 61.25
C LEU I 10 58.29 -30.04 62.72
N SER I 11 59.39 -29.87 63.44
CA SER I 11 59.43 -29.99 64.86
C SER I 11 59.94 -28.74 65.53
N VAL I 12 59.12 -28.15 66.37
CA VAL I 12 59.46 -26.87 66.95
C VAL I 12 59.20 -26.93 68.42
N PRO I 13 59.92 -26.13 69.16
CA PRO I 13 59.65 -26.09 70.58
C PRO I 13 58.43 -25.25 70.89
N GLU I 14 57.74 -25.60 71.97
CA GLU I 14 56.57 -24.86 72.37
C GLU I 14 56.96 -23.40 72.46
N GLY I 15 56.08 -22.50 72.05
CA GLY I 15 56.38 -21.10 72.05
C GLY I 15 56.92 -20.54 70.74
N ALA I 16 57.39 -21.38 69.82
CA ALA I 16 57.89 -20.89 68.55
C ALA I 16 56.86 -20.38 67.60
N ILE I 17 57.28 -19.45 66.73
CA ILE I 17 56.48 -19.08 65.57
C ILE I 17 56.74 -20.16 64.52
N VAL I 18 55.67 -20.61 63.90
CA VAL I 18 55.74 -21.54 62.77
C VAL I 18 55.17 -20.97 61.51
N SER I 19 55.82 -21.28 60.40
CA SER I 19 55.49 -20.77 59.10
C SER I 19 55.17 -21.99 58.27
N LEU I 20 53.99 -22.01 57.61
CA LEU I 20 53.60 -23.02 56.64
C LEU I 20 53.30 -22.32 55.35
N ASN I 21 53.59 -23.00 54.24
CA ASN I 21 53.27 -22.43 52.96
C ASN I 21 52.92 -23.45 51.85
N CYS I 22 52.28 -22.95 50.79
CA CYS I 22 52.01 -23.70 49.57
C CYS I 22 52.25 -22.80 48.38
N THR I 23 52.58 -23.43 47.26
CA THR I 23 52.77 -22.72 46.04
C THR I 23 51.78 -23.36 45.02
N TYR I 24 51.31 -22.59 44.05
CA TYR I 24 50.34 -23.10 43.05
C TYR I 24 50.64 -22.53 41.68
N SER I 25 50.02 -23.08 40.64
CA SER I 25 50.31 -22.62 39.28
C SER I 25 49.15 -21.98 38.59
N ASN I 26 47.95 -22.37 38.95
CA ASN I 26 46.80 -21.97 38.22
C ASN I 26 46.27 -20.62 38.70
N SER I 27 46.38 -19.62 37.83
CA SER I 27 46.04 -18.25 38.17
C SER I 27 44.54 -18.09 38.33
N ALA I 28 43.76 -19.06 37.87
CA ALA I 28 42.34 -19.04 38.16
C ALA I 28 41.95 -19.28 39.62
N PHE I 29 42.89 -19.70 40.49
CA PHE I 29 42.51 -19.92 41.88
C PHE I 29 42.28 -18.57 42.51
N GLN I 30 41.24 -18.43 43.33
CA GLN I 30 40.88 -17.13 43.95
C GLN I 30 40.53 -17.25 45.40
N TYR I 31 40.35 -18.48 45.92
CA TYR I 31 39.92 -18.69 47.31
C TYR I 31 40.91 -19.63 47.88
N PHE I 32 41.45 -19.28 49.06
CA PHE I 32 42.56 -19.99 49.61
C PHE I 32 42.30 -20.24 51.09
N MET I 33 42.49 -21.49 51.51
CA MET I 33 42.06 -21.91 52.80
C MET I 33 43.18 -22.72 53.45
N TRP I 34 43.12 -22.80 54.73
CA TRP I 34 43.97 -23.73 55.51
C TRP I 34 43.17 -24.55 56.49
N TYR I 35 43.58 -25.81 56.61
CA TYR I 35 42.98 -26.75 57.52
C TYR I 35 44.04 -27.37 58.42
N ARG I 36 43.59 -27.80 59.59
CA ARG I 36 44.29 -28.64 60.48
C ARG I 36 43.59 -29.99 60.53
N GLN I 37 44.36 -31.08 60.54
CA GLN I 37 43.82 -32.39 60.73
C GLN I 37 44.57 -33.17 61.79
N TYR I 38 43.91 -33.58 62.84
CA TYR I 38 44.53 -34.47 63.81
C TYR I 38 44.51 -35.91 63.39
N SER I 39 45.48 -36.68 63.80
CA SER I 39 45.72 -37.95 63.14
C SER I 39 44.57 -38.88 63.43
N ARG I 40 44.03 -39.43 62.36
CA ARG I 40 42.84 -40.27 62.38
C ARG I 40 41.52 -39.49 62.51
N LYS I 41 41.50 -38.18 62.22
CA LYS I 41 40.26 -37.39 62.27
C LYS I 41 40.08 -36.62 61.00
N GLY I 42 38.98 -35.90 60.89
CA GLY I 42 38.68 -35.12 59.69
C GLY I 42 39.32 -33.70 59.74
N PRO I 43 39.26 -32.95 58.65
CA PRO I 43 39.92 -31.67 58.48
C PRO I 43 39.07 -30.55 59.07
N GLU I 44 39.68 -29.61 59.74
CA GLU I 44 38.96 -28.51 60.40
C GLU I 44 39.46 -27.21 59.82
N LEU I 45 38.57 -26.42 59.27
CA LEU I 45 38.94 -25.13 58.66
C LEU I 45 39.47 -24.16 59.72
N LEU I 46 40.58 -23.52 59.43
CA LEU I 46 41.13 -22.53 60.27
C LEU I 46 40.83 -21.11 59.73
N MET I 47 41.29 -20.84 58.52
CA MET I 47 41.37 -19.47 57.95
C MET I 47 41.10 -19.60 56.47
N TYR I 48 40.50 -18.53 55.94
CA TYR I 48 40.00 -18.46 54.58
C TYR I 48 40.28 -17.00 54.10
N THR I 49 40.78 -16.83 52.88
CA THR I 49 41.02 -15.50 52.28
C THR I 49 40.63 -15.52 50.78
N TYR I 50 39.89 -14.49 50.42
CA TYR I 50 39.55 -14.22 49.08
C TYR I 50 40.64 -13.36 48.37
N SER I 51 40.75 -12.08 48.71
CA SER I 51 41.68 -11.25 47.93
C SER I 51 43.14 -11.66 48.28
N SER I 52 44.02 -11.52 47.31
CA SER I 52 45.44 -11.39 47.63
C SER I 52 45.54 -10.43 48.83
N GLY I 53 46.07 -10.90 49.96
CA GLY I 53 46.03 -10.14 51.23
C GLY I 53 46.21 -10.96 52.51
N ASN I 54 46.10 -10.27 53.65
CA ASN I 54 46.47 -10.78 54.98
C ASN I 54 45.28 -10.76 55.98
N LYS I 55 45.05 -11.84 56.70
CA LYS I 55 44.02 -11.92 57.74
C LYS I 55 44.59 -12.48 59.01
N GLU I 56 44.37 -11.81 60.15
CA GLU I 56 44.67 -12.36 61.49
C GLU I 56 43.42 -12.93 62.20
N ASP I 57 43.59 -14.05 62.92
CA ASP I 57 42.62 -14.51 63.92
C ASP I 57 43.34 -15.18 65.12
N GLY I 58 43.39 -14.49 66.27
CA GLY I 58 44.21 -14.92 67.43
C GLY I 58 45.68 -15.15 67.07
N ARG I 59 46.13 -16.37 67.25
CA ARG I 59 47.51 -16.73 67.02
C ARG I 59 47.80 -17.04 65.55
N PHE I 60 46.78 -17.03 64.68
CA PHE I 60 46.91 -17.38 63.29
C PHE I 60 46.88 -16.16 62.37
N THR I 61 47.69 -16.22 61.32
CA THR I 61 47.67 -15.17 60.28
C THR I 61 47.82 -15.91 58.96
N ALA I 62 46.85 -15.75 58.07
CA ALA I 62 46.92 -16.37 56.76
C ALA I 62 47.25 -15.30 55.75
N GLN I 63 48.03 -15.62 54.71
CA GLN I 63 48.39 -14.62 53.71
C GLN I 63 48.39 -15.19 52.36
N VAL I 64 48.09 -14.37 51.41
CA VAL I 64 48.06 -14.76 50.06
C VAL I 64 48.75 -13.69 49.24
N ASP I 65 49.58 -14.18 48.32
CA ASP I 65 50.23 -13.30 47.33
C ASP I 65 49.92 -13.91 45.99
N LYS I 66 48.91 -13.36 45.31
CA LYS I 66 48.51 -13.89 43.96
C LYS I 66 49.60 -13.65 42.87
N SER I 67 50.45 -12.63 42.98
CA SER I 67 51.58 -12.47 41.97
C SER I 67 52.64 -13.58 42.04
N SER I 68 53.01 -13.93 43.25
CA SER I 68 54.02 -14.95 43.49
C SER I 68 53.36 -16.34 43.49
N LYS I 69 52.03 -16.38 43.56
CA LYS I 69 51.28 -17.61 43.73
C LYS I 69 51.77 -18.37 44.92
N TYR I 70 51.74 -17.68 46.06
CA TYR I 70 52.39 -18.22 47.25
C TYR I 70 51.49 -17.88 48.43
N ILE I 71 51.10 -18.87 49.19
CA ILE I 71 50.20 -18.60 50.33
C ILE I 71 50.86 -19.15 51.59
N SER I 72 50.56 -18.52 52.71
CA SER I 72 51.18 -18.94 53.96
C SER I 72 50.29 -18.74 55.15
N LEU I 73 50.62 -19.51 56.18
CA LEU I 73 49.95 -19.49 57.42
C LEU I 73 51.05 -19.42 58.45
N PHE I 74 50.87 -18.48 59.36
CA PHE I 74 51.76 -18.29 60.51
C PHE I 74 50.96 -18.61 61.75
N ILE I 75 51.60 -19.41 62.61
CA ILE I 75 51.15 -19.64 63.96
C ILE I 75 52.11 -19.06 65.00
N ARG I 76 51.65 -18.08 65.77
CA ARG I 76 52.42 -17.47 66.84
C ARG I 76 52.30 -18.35 68.06
N ASP I 77 53.31 -18.31 68.91
CA ASP I 77 53.23 -18.93 70.25
C ASP I 77 52.67 -20.37 70.21
N SER I 78 53.33 -21.21 69.43
CA SER I 78 52.87 -22.51 69.11
C SER I 78 52.71 -23.33 70.39
N GLN I 79 51.65 -24.15 70.39
CA GLN I 79 51.30 -25.04 71.52
C GLN I 79 51.32 -26.52 71.13
N PRO I 80 51.60 -27.41 72.11
CA PRO I 80 51.51 -28.85 71.84
C PRO I 80 50.24 -29.29 71.12
N SER I 81 49.15 -28.67 71.46
CA SER I 81 47.86 -29.02 70.87
C SER I 81 47.73 -28.52 69.43
N ASP I 82 48.76 -27.83 68.92
CA ASP I 82 48.78 -27.46 67.48
C ASP I 82 49.40 -28.56 66.67
N SER I 83 49.91 -29.60 67.33
CA SER I 83 50.56 -30.71 66.67
C SER I 83 49.49 -31.43 65.83
N ALA I 84 49.70 -31.49 64.52
CA ALA I 84 48.66 -31.84 63.53
C ALA I 84 49.25 -31.78 62.14
N THR I 85 48.52 -32.28 61.15
CA THR I 85 48.85 -32.01 59.78
C THR I 85 48.11 -30.79 59.29
N TYR I 86 48.83 -29.91 58.59
CA TYR I 86 48.22 -28.69 58.08
C TYR I 86 48.14 -28.80 56.55
N LEU I 87 46.95 -28.59 56.00
CA LEU I 87 46.70 -28.70 54.58
C LEU I 87 46.21 -27.37 54.03
N CYS I 88 46.65 -27.00 52.85
CA CYS I 88 46.10 -25.84 52.21
C CYS I 88 45.18 -26.36 51.14
N ALA I 89 44.24 -25.53 50.74
CA ALA I 89 43.29 -25.90 49.69
C ALA I 89 42.87 -24.67 48.96
N MET I 90 42.53 -24.86 47.69
CA MET I 90 42.12 -23.72 46.89
C MET I 90 41.12 -24.05 45.82
N ARG I 91 40.42 -23.04 45.32
CA ARG I 91 39.50 -23.19 44.18
C ARG I 91 39.33 -21.90 43.46
N GLY I 92 38.64 -22.01 42.31
CA GLY I 92 38.18 -20.88 41.58
C GLY I 92 36.74 -20.58 41.81
N ASP I 93 36.09 -19.95 40.81
CA ASP I 93 34.68 -19.67 40.93
C ASP I 93 33.76 -20.44 39.94
N SER I 94 34.27 -21.49 39.34
CA SER I 94 33.43 -22.28 38.47
C SER I 94 32.87 -23.51 39.19
N SER I 95 33.38 -23.83 40.39
CA SER I 95 33.02 -25.07 41.08
C SER I 95 33.42 -24.98 42.55
N TYR I 96 32.69 -25.67 43.41
CA TYR I 96 33.12 -25.79 44.82
C TYR I 96 34.25 -26.82 45.04
N LYS I 97 34.70 -27.50 43.98
CA LYS I 97 35.76 -28.43 44.10
C LYS I 97 37.03 -27.75 44.59
N LEU I 98 37.54 -28.26 45.69
CA LEU I 98 38.82 -27.89 46.24
C LEU I 98 39.94 -28.76 45.74
N ILE I 99 41.10 -28.15 45.56
CA ILE I 99 42.36 -28.83 45.33
C ILE I 99 43.21 -28.60 46.59
N PHE I 100 43.65 -29.68 47.21
CA PHE I 100 44.44 -29.62 48.41
C PHE I 100 45.91 -29.85 48.18
N GLY I 101 46.76 -29.22 48.98
CA GLY I 101 48.16 -29.60 49.00
C GLY I 101 48.23 -30.90 49.79
N SER I 102 49.37 -31.57 49.69
CA SER I 102 49.64 -32.83 50.36
C SER I 102 49.85 -32.81 51.84
N GLY I 103 49.92 -31.63 52.41
CA GLY I 103 50.00 -31.51 53.85
C GLY I 103 51.40 -31.35 54.39
N THR I 104 51.52 -30.66 55.50
CA THR I 104 52.79 -30.53 56.27
C THR I 104 52.50 -30.97 57.68
N ARG I 105 53.25 -31.94 58.18
CA ARG I 105 53.11 -32.37 59.57
C ARG I 105 53.89 -31.46 60.53
N LEU I 106 53.22 -30.90 61.52
CA LEU I 106 53.84 -30.13 62.58
C LEU I 106 53.78 -30.84 63.94
N LEU I 107 54.92 -30.94 64.59
CA LEU I 107 55.00 -31.40 65.95
C LEU I 107 55.54 -30.23 66.80
N VAL I 108 54.70 -29.77 67.73
CA VAL I 108 55.10 -28.79 68.70
C VAL I 108 55.51 -29.52 70.02
N ARG I 109 56.78 -29.46 70.32
CA ARG I 109 57.37 -30.14 71.49
C ARG I 109 57.03 -29.46 72.80
N PRO I 110 56.51 -30.22 73.78
CA PRO I 110 56.11 -29.56 75.02
C PRO I 110 57.31 -29.09 75.80
N ASP I 111 57.17 -28.00 76.54
CA ASP I 111 58.24 -27.60 77.43
C ASP I 111 58.11 -28.37 78.78
N ILE I 112 59.09 -29.18 79.12
CA ILE I 112 59.03 -29.95 80.35
C ILE I 112 59.80 -29.22 81.44
N GLN I 113 59.12 -28.76 82.47
CA GLN I 113 59.80 -27.91 83.46
C GLN I 113 60.70 -28.65 84.46
N ASN I 114 60.51 -29.94 84.70
CA ASN I 114 61.40 -30.60 85.67
C ASN I 114 61.78 -31.97 85.19
N PRO I 115 62.62 -32.04 84.15
CA PRO I 115 62.96 -33.36 83.63
C PRO I 115 63.56 -34.27 84.71
N ASP I 116 63.35 -35.56 84.58
CA ASP I 116 63.82 -36.58 85.54
C ASP I 116 64.06 -37.91 84.77
N PRO I 117 64.87 -37.85 83.71
CA PRO I 117 64.95 -38.97 82.77
C PRO I 117 65.32 -40.30 83.42
N ALA I 118 64.39 -41.25 83.29
CA ALA I 118 64.54 -42.58 83.86
C ALA I 118 64.18 -43.64 82.80
N VAL I 119 64.80 -44.81 82.91
CA VAL I 119 64.51 -46.01 82.09
C VAL I 119 64.13 -47.17 83.02
N TYR I 120 62.87 -47.58 82.97
CA TYR I 120 62.35 -48.59 83.87
C TYR I 120 62.01 -49.92 83.19
N GLN I 121 62.13 -51.01 83.95
CA GLN I 121 61.58 -52.30 83.53
C GLN I 121 60.23 -52.55 84.21
N LEU I 122 59.24 -52.97 83.41
CA LEU I 122 57.86 -53.09 83.88
C LEU I 122 57.61 -54.56 84.00
N ARG I 123 56.85 -54.93 85.03
CA ARG I 123 56.56 -56.33 85.29
C ARG I 123 55.87 -56.91 84.07
N ASP I 124 56.70 -57.55 83.24
CA ASP I 124 56.27 -58.20 82.00
C ASP I 124 55.31 -59.31 82.29
N SER I 125 54.49 -59.61 81.30
CA SER I 125 53.32 -60.43 81.55
C SER I 125 53.64 -61.95 81.64
N LYS I 126 52.80 -62.66 82.39
CA LYS I 126 52.85 -64.10 82.41
C LYS I 126 52.17 -64.60 81.12
N SER I 127 51.41 -63.70 80.50
CA SER I 127 50.77 -63.92 79.18
C SER I 127 51.60 -63.43 77.98
N SER I 128 52.82 -62.95 78.25
CA SER I 128 53.54 -62.07 77.32
C SER I 128 55.05 -62.36 77.41
N ASP I 129 55.63 -62.88 76.34
CA ASP I 129 57.04 -63.32 76.31
C ASP I 129 58.00 -62.11 76.25
N LYS I 130 57.44 -60.91 76.38
CA LYS I 130 58.21 -59.69 76.27
C LYS I 130 58.87 -59.36 77.59
N SER I 131 59.92 -58.55 77.45
CA SER I 131 60.27 -57.58 78.47
C SER I 131 59.79 -56.19 77.95
N VAL I 132 59.24 -55.36 78.83
CA VAL I 132 58.96 -53.97 78.50
C VAL I 132 59.85 -53.00 79.28
N CYS I 133 60.58 -52.15 78.54
CA CYS I 133 61.31 -51.01 79.09
C CYS I 133 60.67 -49.68 78.68
N LEU I 134 60.45 -48.84 79.70
CA LEU I 134 59.87 -47.52 79.60
C LEU I 134 60.93 -46.46 79.85
N PHE I 135 61.19 -45.62 78.86
CA PHE I 135 62.05 -44.45 79.01
C PHE I 135 61.14 -43.26 79.14
N THR I 136 61.16 -42.62 80.29
CA THR I 136 60.18 -41.62 80.63
C THR I 136 60.82 -40.41 81.34
N ASP I 137 60.04 -39.32 81.41
CA ASP I 137 60.37 -38.09 82.14
C ASP I 137 61.60 -37.32 81.56
N PHE I 138 61.86 -37.54 80.28
CA PHE I 138 62.94 -36.88 79.60
C PHE I 138 62.42 -35.61 78.96
N ASP I 139 63.31 -34.64 78.79
CA ASP I 139 62.84 -33.34 78.27
C ASP I 139 62.68 -33.38 76.73
N SER I 140 62.04 -32.36 76.21
CA SER I 140 61.68 -32.38 74.78
C SER I 140 62.85 -32.02 73.86
N GLN I 141 64.02 -31.71 74.44
CA GLN I 141 65.23 -31.61 73.67
C GLN I 141 65.63 -33.02 73.18
N THR I 142 65.19 -34.10 73.83
CA THR I 142 65.60 -35.45 73.38
C THR I 142 64.77 -35.93 72.18
N ASN I 143 65.43 -36.57 71.20
CA ASN I 143 64.73 -37.29 70.12
C ASN I 143 65.04 -38.78 70.33
N VAL I 144 64.22 -39.67 69.73
CA VAL I 144 64.34 -41.15 69.88
C VAL I 144 64.46 -41.83 68.50
N SER I 145 65.06 -43.02 68.45
CA SER I 145 65.32 -43.69 67.15
C SER I 145 65.09 -45.19 67.22
N GLN I 146 64.91 -45.76 66.03
CA GLN I 146 64.53 -47.16 65.90
C GLN I 146 65.64 -48.01 66.49
N SER I 147 65.37 -49.30 66.55
CA SER I 147 66.37 -50.26 66.90
C SER I 147 67.38 -50.35 65.75
N LYS I 148 68.55 -50.89 66.04
CA LYS I 148 69.53 -51.17 65.01
C LYS I 148 69.27 -52.55 64.39
N ASP I 149 68.35 -53.36 64.95
CA ASP I 149 68.11 -54.76 64.48
C ASP I 149 66.64 -55.24 64.32
N SER I 150 66.52 -56.44 63.72
CA SER I 150 65.26 -57.22 63.64
C SER I 150 64.40 -57.23 64.90
N ASP I 151 64.99 -57.70 65.99
CA ASP I 151 64.20 -58.36 66.99
C ASP I 151 63.68 -57.45 68.07
N VAL I 152 63.94 -56.15 67.93
CA VAL I 152 63.64 -55.20 69.02
C VAL I 152 62.87 -53.97 68.51
N TYR I 153 61.79 -53.68 69.22
CA TYR I 153 60.78 -52.73 68.78
C TYR I 153 60.73 -51.55 69.70
N ILE I 154 60.68 -50.35 69.14
CA ILE I 154 60.72 -49.14 69.95
C ILE I 154 59.69 -48.16 69.42
N THR I 155 58.83 -47.68 70.31
CA THR I 155 57.82 -46.67 69.92
C THR I 155 58.37 -45.29 70.12
N ASP I 156 57.98 -44.39 69.23
CA ASP I 156 58.41 -43.01 69.32
C ASP I 156 57.85 -42.44 70.61
N LYS I 157 58.44 -41.33 71.03
CA LYS I 157 57.99 -40.64 72.23
C LYS I 157 56.51 -40.21 72.11
N CYS I 158 55.81 -40.23 73.23
CA CYS I 158 54.45 -39.78 73.34
C CYS I 158 54.35 -38.96 74.66
N VAL I 159 53.54 -37.91 74.64
CA VAL I 159 53.33 -37.06 75.83
C VAL I 159 51.96 -37.23 76.51
N LEU I 160 51.99 -37.54 77.80
CA LEU I 160 50.76 -37.61 78.59
C LEU I 160 50.63 -36.39 79.50
N ASP I 161 49.38 -36.02 79.73
CA ASP I 161 48.96 -34.89 80.51
C ASP I 161 48.22 -35.47 81.71
N MET I 162 48.80 -35.44 82.91
CA MET I 162 48.00 -35.76 84.09
C MET I 162 47.18 -34.52 84.43
N ARG I 163 46.04 -34.38 83.72
CA ARG I 163 45.23 -33.11 83.69
C ARG I 163 45.32 -32.37 85.02
N SER I 164 45.05 -33.14 86.09
CA SER I 164 44.58 -32.60 87.38
C SER I 164 45.70 -32.00 88.23
N MET I 165 46.93 -32.43 87.96
CA MET I 165 48.10 -31.77 88.51
C MET I 165 48.95 -31.33 87.33
N ASP I 166 48.81 -30.07 86.92
CA ASP I 166 49.43 -29.55 85.69
C ASP I 166 50.80 -30.22 85.57
N PHE I 167 50.79 -31.41 84.97
CA PHE I 167 51.95 -32.28 84.88
C PHE I 167 51.93 -33.01 83.55
N LYS I 168 53.08 -32.99 82.89
CA LYS I 168 53.25 -33.66 81.62
C LYS I 168 54.51 -34.47 81.68
N SER I 169 54.49 -35.60 80.99
CA SER I 169 55.68 -36.36 80.83
C SER I 169 55.70 -37.00 79.43
N ASN I 170 56.90 -37.04 78.88
CA ASN I 170 57.28 -37.83 77.73
C ASN I 170 57.61 -39.25 78.10
N SER I 171 57.24 -40.16 77.19
CA SER I 171 57.57 -41.55 77.34
C SER I 171 57.83 -42.17 75.97
N ALA I 172 58.70 -43.18 75.95
CA ALA I 172 58.84 -44.06 74.81
C ALA I 172 59.00 -45.45 75.35
N VAL I 173 58.63 -46.42 74.56
CA VAL I 173 58.58 -47.80 75.03
C VAL I 173 59.36 -48.73 74.11
N ALA I 174 60.07 -49.70 74.70
CA ALA I 174 60.84 -50.65 73.91
C ALA I 174 60.56 -52.06 74.40
N TRP I 175 60.60 -53.02 73.46
CA TRP I 175 60.48 -54.44 73.82
C TRP I 175 61.02 -55.40 72.78
N SER I 176 61.17 -56.63 73.22
CA SER I 176 61.78 -57.68 72.43
C SER I 176 61.64 -58.96 73.26
N ASN I 177 61.55 -60.10 72.58
CA ASN I 177 61.43 -61.39 73.25
C ASN I 177 62.80 -61.87 73.77
N LYS I 178 63.85 -61.61 72.99
CA LYS I 178 65.14 -62.30 73.13
C LYS I 178 65.88 -62.22 74.49
N SER I 179 66.78 -63.18 74.71
CA SER I 179 67.63 -63.24 75.90
C SER I 179 68.57 -62.04 76.04
N ASP I 180 69.11 -61.56 74.91
CA ASP I 180 70.08 -60.45 74.89
C ASP I 180 69.50 -59.21 75.54
N PHE I 181 68.22 -58.99 75.27
CA PHE I 181 67.51 -57.78 75.64
C PHE I 181 67.54 -57.39 77.14
N ALA I 182 68.13 -56.23 77.38
CA ALA I 182 68.29 -55.64 78.70
C ALA I 182 67.92 -54.17 78.58
N CYS I 183 67.42 -53.58 79.66
CA CYS I 183 67.07 -52.15 79.65
C CYS I 183 68.29 -51.23 79.44
N ALA I 184 69.46 -51.63 79.96
CA ALA I 184 70.71 -50.91 79.69
C ALA I 184 71.03 -50.85 78.19
N ASN I 185 70.73 -51.92 77.48
CA ASN I 185 71.01 -52.02 76.03
C ASN I 185 69.88 -51.34 75.17
N ALA I 186 68.66 -51.38 75.69
CA ALA I 186 67.44 -51.01 74.92
C ALA I 186 67.54 -49.79 74.00
N PHE I 187 67.92 -48.64 74.56
CA PHE I 187 67.85 -47.37 73.85
C PHE I 187 69.19 -46.88 73.25
N ASN I 188 70.05 -47.81 72.89
CA ASN I 188 71.42 -47.49 72.45
C ASN I 188 71.53 -46.64 71.18
N ASN I 189 70.53 -46.64 70.32
CA ASN I 189 70.61 -45.85 69.08
C ASN I 189 70.29 -44.38 69.30
N SER I 190 69.90 -44.01 70.53
CA SER I 190 69.37 -42.68 70.81
C SER I 190 70.38 -41.83 71.58
N ILE I 191 70.44 -40.55 71.24
CA ILE I 191 71.07 -39.53 72.09
C ILE I 191 70.14 -39.23 73.29
N ILE I 192 70.44 -39.84 74.42
CA ILE I 192 69.67 -39.62 75.63
C ILE I 192 70.49 -38.82 76.68
N PRO I 193 69.81 -38.16 77.63
CA PRO I 193 70.52 -37.32 78.62
C PRO I 193 71.58 -38.11 79.40
N GLU I 194 72.74 -37.49 79.62
CA GLU I 194 73.79 -38.17 80.41
C GLU I 194 73.33 -38.53 81.85
N ASP I 195 72.48 -37.70 82.45
CA ASP I 195 71.92 -37.98 83.81
C ASP I 195 70.68 -38.93 83.86
N THR I 196 70.46 -39.73 82.83
CA THR I 196 69.35 -40.66 82.84
C THR I 196 69.57 -41.78 83.87
N PHE I 197 68.49 -42.09 84.58
CA PHE I 197 68.51 -42.92 85.73
C PHE I 197 68.28 -44.35 85.27
N PHE I 198 69.30 -45.19 85.42
CA PHE I 198 69.11 -46.64 85.31
C PHE I 198 68.87 -47.11 86.76
N PRO I 199 67.93 -48.03 86.99
CA PRO I 199 67.91 -48.69 88.31
C PRO I 199 68.41 -50.14 88.29
N SER I 200 68.62 -50.77 89.45
CA SER I 200 68.68 -52.23 89.54
C SER I 200 67.29 -52.83 89.31
N MET J 1 22.72 -31.03 71.01
CA MET J 1 22.33 -30.36 69.73
C MET J 1 21.99 -31.35 68.59
N ASP J 2 21.64 -30.75 67.46
CA ASP J 2 21.32 -31.44 66.20
C ASP J 2 22.48 -32.29 65.70
N ALA J 3 22.09 -33.34 64.97
CA ALA J 3 23.05 -34.23 64.40
C ALA J 3 23.95 -33.47 63.46
N GLY J 4 25.22 -33.87 63.39
CA GLY J 4 26.03 -33.47 62.27
C GLY J 4 25.91 -34.52 61.16
N VAL J 5 26.84 -34.53 60.24
CA VAL J 5 26.83 -35.53 59.07
C VAL J 5 27.08 -36.89 59.63
N ILE J 6 26.31 -37.92 59.17
CA ILE J 6 26.49 -39.24 59.70
C ILE J 6 26.92 -40.14 58.52
N GLN J 7 28.01 -40.82 58.68
CA GLN J 7 28.49 -41.74 57.67
C GLN J 7 28.46 -43.09 58.18
N SER J 8 28.31 -44.03 57.27
CA SER J 8 28.43 -45.42 57.63
C SER J 8 28.95 -46.27 56.44
N PRO J 9 29.63 -47.38 56.72
CA PRO J 9 30.11 -47.80 58.04
C PRO J 9 31.34 -46.95 58.54
N ARG J 10 31.67 -47.01 59.83
CA ARG J 10 32.84 -46.28 60.36
C ARG J 10 34.11 -47.00 59.83
N HIS J 11 34.05 -48.35 59.77
CA HIS J 11 35.14 -49.14 59.32
C HIS J 11 34.63 -50.23 58.38
N GLU J 12 35.41 -50.55 57.38
CA GLU J 12 35.14 -51.69 56.55
C GLU J 12 36.46 -52.33 56.12
N VAL J 13 36.63 -53.61 56.44
CA VAL J 13 37.73 -54.40 56.01
C VAL J 13 37.13 -55.54 55.14
N THR J 14 37.54 -55.63 53.89
CA THR J 14 36.85 -56.49 52.93
C THR J 14 37.82 -57.10 51.90
N GLU J 15 37.45 -58.20 51.28
CA GLU J 15 38.30 -58.83 50.24
C GLU J 15 38.04 -58.13 48.88
N MET J 16 39.08 -57.92 48.08
CA MET J 16 38.89 -57.37 46.72
C MET J 16 37.93 -58.24 45.88
N GLY J 17 37.30 -57.64 44.89
CA GLY J 17 36.34 -58.36 44.06
C GLY J 17 34.91 -58.08 44.50
N GLN J 18 34.68 -57.64 45.74
CA GLN J 18 33.34 -57.37 46.26
C GLN J 18 32.85 -55.94 46.02
N GLN J 19 31.58 -55.71 46.28
CA GLN J 19 30.99 -54.40 46.12
C GLN J 19 31.08 -53.76 47.46
N VAL J 20 31.56 -52.55 47.49
CA VAL J 20 31.45 -51.74 48.70
C VAL J 20 30.54 -50.54 48.58
N THR J 21 29.76 -50.35 49.62
CA THR J 21 28.77 -49.28 49.69
C THR J 21 29.10 -48.38 50.88
N LEU J 22 29.37 -47.11 50.59
CA LEU J 22 29.57 -46.07 51.63
C LEU J 22 28.34 -45.22 51.63
N ARG J 23 27.86 -44.86 52.81
CA ARG J 23 26.67 -44.12 52.91
C ARG J 23 26.85 -42.82 53.75
N CYS J 24 26.05 -41.81 53.41
CA CYS J 24 26.10 -40.51 54.05
C CYS J 24 24.73 -39.93 54.22
N LYS J 25 24.40 -39.45 55.45
CA LYS J 25 23.29 -38.62 55.69
C LYS J 25 23.82 -37.20 56.03
N PRO J 26 23.48 -36.20 55.23
CA PRO J 26 23.95 -34.83 55.40
C PRO J 26 23.11 -34.23 56.53
N ILE J 27 23.57 -33.12 57.08
CA ILE J 27 22.80 -32.37 58.09
C ILE J 27 21.44 -32.01 57.45
N SER J 28 20.37 -32.24 58.14
CA SER J 28 19.07 -31.92 57.56
C SER J 28 18.96 -30.44 57.24
N GLY J 29 18.47 -30.11 56.06
CA GLY J 29 18.41 -28.72 55.63
C GLY J 29 19.54 -28.36 54.68
N HIS J 30 20.66 -29.12 54.70
CA HIS J 30 21.78 -28.80 53.84
C HIS J 30 21.47 -29.28 52.46
N ASP J 31 21.82 -28.53 51.44
CA ASP J 31 21.49 -28.90 50.07
C ASP J 31 22.71 -29.12 49.20
N TYR J 32 23.90 -29.14 49.80
CA TYR J 32 25.10 -29.61 49.09
C TYR J 32 25.72 -30.78 49.83
N LEU J 33 26.28 -31.72 49.06
CA LEU J 33 26.88 -32.93 49.61
C LEU J 33 28.13 -33.26 48.80
N PHE J 34 29.25 -33.42 49.53
CA PHE J 34 30.55 -33.64 48.98
C PHE J 34 31.10 -35.00 49.39
N TRP J 35 31.78 -35.69 48.48
CA TRP J 35 32.50 -36.93 48.81
C TRP J 35 33.97 -36.72 48.50
N TYR J 36 34.83 -37.01 49.48
CA TYR J 36 36.24 -36.89 49.36
C TYR J 36 36.90 -38.18 49.71
N ARG J 37 38.11 -38.38 49.23
CA ARG J 37 38.88 -39.46 49.85
C ARG J 37 40.27 -38.97 50.19
N GLN J 38 40.91 -39.69 51.09
CA GLN J 38 42.24 -39.34 51.51
C GLN J 38 43.07 -40.59 51.68
N THR J 39 44.25 -40.59 51.03
CA THR J 39 45.18 -41.72 50.99
C THR J 39 46.55 -41.20 51.26
N MET J 40 47.45 -42.11 51.64
CA MET J 40 48.84 -41.72 51.82
C MET J 40 49.46 -41.24 50.49
N MET J 41 49.25 -42.01 49.41
CA MET J 41 49.82 -41.67 48.10
C MET J 41 49.35 -40.32 47.53
N ARG J 42 48.04 -40.10 47.42
CA ARG J 42 47.49 -38.98 46.68
C ARG J 42 46.92 -37.84 47.53
N GLY J 43 47.01 -37.93 48.87
CA GLY J 43 46.42 -36.92 49.81
C GLY J 43 44.86 -36.94 49.73
N LEU J 44 44.31 -35.76 50.09
CA LEU J 44 42.94 -35.33 50.11
C LEU J 44 42.31 -34.73 48.79
N GLU J 45 41.24 -35.35 48.33
CA GLU J 45 40.75 -35.05 47.02
C GLU J 45 39.24 -35.23 46.95
N LEU J 46 38.62 -34.34 46.21
CA LEU J 46 37.20 -34.40 45.98
C LEU J 46 36.91 -35.44 44.87
N LEU J 47 36.01 -36.33 45.14
CA LEU J 47 35.48 -37.25 44.14
C LEU J 47 34.28 -36.62 43.42
N ILE J 48 33.27 -36.15 44.18
CA ILE J 48 32.08 -35.59 43.55
C ILE J 48 31.38 -34.70 44.55
N TYR J 49 30.64 -33.72 44.06
CA TYR J 49 29.66 -33.08 44.91
C TYR J 49 28.32 -32.91 44.20
N PHE J 50 27.26 -32.80 45.02
CA PHE J 50 25.88 -32.71 44.59
C PHE J 50 25.31 -31.42 45.14
N ASN J 51 24.40 -30.82 44.36
CA ASN J 51 23.53 -29.77 44.82
C ASN J 51 22.07 -30.12 44.45
N ASN J 52 21.16 -29.94 45.38
CA ASN J 52 19.82 -30.37 45.20
C ASN J 52 19.67 -31.77 44.62
N ASN J 53 20.49 -32.71 45.09
CA ASN J 53 20.55 -34.12 44.71
C ASN J 53 21.13 -34.37 43.33
N VAL J 54 21.61 -33.33 42.60
CA VAL J 54 22.15 -33.54 41.28
C VAL J 54 23.68 -33.36 41.27
N PRO J 55 24.41 -34.25 40.59
CA PRO J 55 25.86 -34.21 40.56
C PRO J 55 26.30 -32.99 39.79
N ILE J 56 27.16 -32.16 40.37
CA ILE J 56 27.59 -30.91 39.74
C ILE J 56 28.99 -31.05 39.17
N ASP J 57 29.92 -31.57 39.96
CA ASP J 57 31.29 -31.74 39.49
C ASP J 57 31.75 -33.13 39.87
N ASP J 58 31.93 -34.00 38.88
CA ASP J 58 32.43 -35.36 39.12
C ASP J 58 33.78 -35.54 38.49
N SER J 59 34.54 -34.44 38.31
CA SER J 59 35.82 -34.54 37.55
C SER J 59 36.81 -35.39 38.35
N GLY J 60 36.67 -35.42 39.65
CA GLY J 60 37.54 -36.26 40.51
C GLY J 60 37.09 -37.73 40.68
N MET J 61 35.99 -38.14 40.04
CA MET J 61 35.59 -39.54 40.16
C MET J 61 36.54 -40.41 39.34
N PRO J 62 37.00 -41.51 39.90
CA PRO J 62 37.67 -42.52 39.05
C PRO J 62 36.82 -42.89 37.84
N GLU J 63 37.43 -43.22 36.74
CA GLU J 63 36.67 -43.35 35.47
C GLU J 63 35.99 -44.72 35.37
N ASP J 64 36.33 -45.64 36.25
CA ASP J 64 35.68 -46.93 36.26
C ASP J 64 35.47 -47.42 37.70
N ARG J 65 34.42 -48.21 37.90
CA ARG J 65 34.17 -48.94 39.13
C ARG J 65 33.53 -48.10 40.29
N PHE J 66 33.49 -46.79 40.19
CA PHE J 66 32.94 -45.94 41.22
C PHE J 66 31.64 -45.27 40.77
N SER J 67 30.65 -45.29 41.62
CA SER J 67 29.41 -44.61 41.25
C SER J 67 28.83 -43.92 42.47
N ALA J 68 28.34 -42.72 42.30
CA ALA J 68 27.75 -41.98 43.42
C ALA J 68 26.34 -41.57 43.08
N LYS J 69 25.44 -41.77 44.04
CA LYS J 69 24.06 -41.40 43.84
C LYS J 69 23.58 -40.54 45.04
N MET J 70 22.59 -39.71 44.79
CA MET J 70 21.83 -39.07 45.84
C MET J 70 20.32 -39.19 45.49
N PRO J 71 19.71 -40.28 45.92
CA PRO J 71 18.30 -40.50 45.61
C PRO J 71 17.33 -39.57 46.32
N ASN J 72 17.76 -38.94 47.44
CA ASN J 72 16.90 -37.91 48.03
C ASN J 72 17.79 -37.00 48.84
N ALA J 73 17.21 -35.96 49.38
CA ALA J 73 18.00 -34.95 50.04
C ALA J 73 18.63 -35.44 51.32
N SER J 74 18.22 -36.54 51.87
CA SER J 74 18.81 -37.04 53.12
C SER J 74 19.76 -38.20 53.00
N PHE J 75 20.15 -38.58 51.80
CA PHE J 75 20.88 -39.84 51.67
C PHE J 75 21.70 -39.86 50.39
N SER J 76 22.98 -40.22 50.52
CA SER J 76 23.87 -40.38 49.38
C SER J 76 24.68 -41.66 49.55
N THR J 77 24.99 -42.29 48.40
CA THR J 77 25.74 -43.45 48.43
C THR J 77 26.89 -43.34 47.46
N LEU J 78 27.99 -43.95 47.82
CA LEU J 78 29.11 -44.13 46.92
C LEU J 78 29.43 -45.59 46.90
N LYS J 79 29.41 -46.18 45.70
CA LYS J 79 29.65 -47.60 45.52
C LYS J 79 30.84 -47.86 44.65
N ILE J 80 31.54 -48.91 45.00
CA ILE J 80 32.70 -49.33 44.32
C ILE J 80 32.50 -50.77 44.00
N GLN J 81 32.54 -51.07 42.70
CA GLN J 81 32.41 -52.44 42.27
C GLN J 81 33.08 -52.76 40.93
N PRO J 82 33.85 -53.84 40.84
CA PRO J 82 34.40 -54.57 41.98
C PRO J 82 35.55 -53.80 42.70
N SER J 83 35.65 -53.94 44.01
CA SER J 83 36.65 -53.20 44.75
C SER J 83 38.08 -53.76 44.49
N GLU J 84 39.08 -52.90 44.67
CA GLU J 84 40.50 -53.30 44.52
C GLU J 84 41.35 -52.72 45.65
N PRO J 85 42.47 -53.36 46.00
CA PRO J 85 43.31 -52.83 47.08
C PRO J 85 43.67 -51.35 46.98
N ARG J 86 43.82 -50.84 45.79
CA ARG J 86 44.13 -49.42 45.68
C ARG J 86 42.98 -48.52 46.03
N ASP J 87 41.76 -49.05 46.23
CA ASP J 87 40.66 -48.25 46.70
C ASP J 87 40.70 -47.95 48.23
N SER J 88 41.61 -48.61 48.94
CA SER J 88 41.75 -48.42 50.37
C SER J 88 42.04 -46.96 50.67
N ALA J 89 41.29 -46.38 51.57
CA ALA J 89 41.40 -44.96 51.87
C ALA J 89 40.49 -44.63 53.03
N VAL J 90 40.53 -43.39 53.49
CA VAL J 90 39.45 -42.84 54.29
C VAL J 90 38.56 -42.03 53.37
N TYR J 91 37.27 -42.30 53.39
CA TYR J 91 36.34 -41.57 52.58
C TYR J 91 35.54 -40.64 53.51
N PHE J 92 35.48 -39.35 53.16
CA PHE J 92 34.74 -38.38 53.96
C PHE J 92 33.54 -37.81 53.19
N CYS J 93 32.41 -37.68 53.87
CA CYS J 93 31.27 -37.04 53.32
C CYS J 93 31.22 -35.66 54.02
N ALA J 94 30.81 -34.60 53.32
CA ALA J 94 30.51 -33.30 53.95
C ALA J 94 29.24 -32.74 53.37
N SER J 95 28.56 -31.92 54.15
CA SER J 95 27.46 -31.16 53.63
C SER J 95 27.58 -29.67 53.91
N SER J 96 26.87 -28.88 53.14
CA SER J 96 26.87 -27.45 53.40
C SER J 96 25.65 -26.75 52.75
N LEU J 97 25.64 -25.43 52.86
CA LEU J 97 24.68 -24.45 52.33
C LEU J 97 25.43 -23.35 51.63
N TRP J 98 24.74 -22.63 50.73
CA TRP J 98 25.41 -21.59 49.95
C TRP J 98 26.11 -20.56 50.85
N GLU J 99 25.41 -20.05 51.83
CA GLU J 99 25.94 -19.02 52.69
C GLU J 99 27.17 -19.50 53.53
N LYS J 100 27.26 -20.79 53.83
CA LYS J 100 28.43 -21.35 54.46
C LYS J 100 29.60 -21.57 53.48
N LEU J 101 29.28 -22.06 52.29
CA LEU J 101 30.25 -22.26 51.25
C LEU J 101 30.85 -20.95 50.79
N ALA J 102 30.13 -19.84 50.89
CA ALA J 102 30.68 -18.57 50.48
C ALA J 102 31.81 -18.07 51.48
N LYS J 103 31.82 -18.65 52.67
CA LYS J 103 32.89 -18.49 53.66
C LYS J 103 33.79 -19.74 53.78
N ASN J 104 33.67 -20.62 52.81
CA ASN J 104 34.38 -21.83 52.68
C ASN J 104 34.21 -22.82 53.79
N ILE J 105 33.00 -22.86 54.34
CA ILE J 105 32.72 -23.76 55.44
C ILE J 105 31.93 -24.92 54.85
N GLN J 106 32.27 -26.13 55.28
CA GLN J 106 31.47 -27.30 55.03
C GLN J 106 31.59 -28.11 56.25
N TYR J 107 30.66 -29.04 56.46
CA TYR J 107 30.56 -29.85 57.65
C TYR J 107 30.89 -31.28 57.31
N PHE J 108 31.88 -31.81 58.00
CA PHE J 108 32.41 -33.13 57.65
C PHE J 108 31.78 -34.17 58.57
N GLY J 109 31.54 -35.34 58.03
CA GLY J 109 31.32 -36.53 58.83
C GLY J 109 32.61 -37.11 59.40
N ALA J 110 32.50 -38.21 60.16
CA ALA J 110 33.65 -38.79 60.82
C ALA J 110 34.50 -39.65 59.88
N GLY J 111 34.07 -39.92 58.66
CA GLY J 111 34.84 -40.82 57.78
C GLY J 111 34.49 -42.30 57.77
N THR J 112 34.79 -42.95 56.67
CA THR J 112 34.72 -44.39 56.60
C THR J 112 36.16 -44.76 56.32
N ARG J 113 36.74 -45.55 57.21
CA ARG J 113 38.05 -46.10 56.94
C ARG J 113 37.87 -47.44 56.17
N LEU J 114 38.30 -47.47 54.92
CA LEU J 114 38.20 -48.69 54.06
C LEU J 114 39.52 -49.31 53.75
N SER J 115 39.65 -50.60 54.09
CA SER J 115 40.70 -51.45 53.60
C SER J 115 40.18 -52.60 52.73
N VAL J 116 40.60 -52.58 51.47
CA VAL J 116 40.33 -53.65 50.55
C VAL J 116 41.64 -54.47 50.41
N LEU J 117 41.56 -55.73 50.78
CA LEU J 117 42.70 -56.63 50.84
C LEU J 117 42.73 -57.63 49.72
N GLU J 118 43.93 -58.00 49.32
CA GLU J 118 44.05 -59.06 48.35
C GLU J 118 43.53 -60.36 48.89
N ASP J 119 43.74 -60.61 50.18
CA ASP J 119 43.57 -61.91 50.76
C ASP J 119 43.25 -61.80 52.23
N LEU J 120 42.08 -62.27 52.62
CA LEU J 120 41.66 -62.24 54.03
C LEU J 120 42.44 -63.08 55.04
N LYS J 121 43.32 -63.94 54.56
CA LYS J 121 44.12 -64.75 55.47
C LYS J 121 45.21 -64.00 56.13
N ASN J 122 45.41 -62.78 55.70
CA ASN J 122 46.39 -61.87 56.31
C ASN J 122 45.81 -61.08 57.50
N VAL J 123 44.51 -61.29 57.77
CA VAL J 123 43.86 -60.53 58.79
C VAL J 123 44.11 -61.18 60.16
N PHE J 124 44.58 -60.42 61.15
CA PHE J 124 44.77 -60.95 62.49
C PHE J 124 44.29 -59.95 63.51
N PRO J 125 43.57 -60.41 64.54
CA PRO J 125 43.26 -59.50 65.60
C PRO J 125 44.51 -59.26 66.46
N PRO J 126 44.47 -58.25 67.33
CA PRO J 126 45.58 -58.01 68.27
C PRO J 126 45.64 -59.00 69.44
N GLU J 127 46.85 -59.31 69.87
CA GLU J 127 47.09 -59.85 71.22
C GLU J 127 47.39 -58.63 72.07
N VAL J 128 46.86 -58.63 73.27
CA VAL J 128 46.93 -57.49 74.15
C VAL J 128 47.52 -57.91 75.50
N ALA J 129 48.45 -57.08 76.01
CA ALA J 129 49.08 -57.31 77.30
C ALA J 129 49.28 -55.97 78.03
N VAL J 130 49.16 -56.02 79.34
CA VAL J 130 49.43 -54.90 80.20
C VAL J 130 50.69 -55.18 81.04
N PHE J 131 51.52 -54.16 81.23
CA PHE J 131 52.72 -54.29 82.04
C PHE J 131 52.57 -53.37 83.27
N GLU J 132 52.84 -53.91 84.46
CA GLU J 132 52.58 -53.19 85.71
C GLU J 132 53.71 -52.21 86.03
N PRO J 133 53.42 -51.19 86.87
CA PRO J 133 54.47 -50.18 87.23
C PRO J 133 55.76 -50.77 87.78
N SER J 134 56.89 -50.19 87.41
CA SER J 134 58.19 -50.48 88.01
C SER J 134 58.22 -50.03 89.46
N GLU J 135 58.76 -50.89 90.34
CA GLU J 135 58.93 -50.56 91.77
C GLU J 135 59.82 -49.30 91.92
N ALA J 136 60.86 -49.22 91.12
CA ALA J 136 61.74 -48.07 91.11
C ALA J 136 61.01 -46.74 90.79
N GLU J 137 60.10 -46.75 89.81
CA GLU J 137 59.42 -45.52 89.39
C GLU J 137 58.60 -45.00 90.53
N ILE J 138 57.77 -45.87 91.08
CA ILE J 138 56.98 -45.54 92.25
C ILE J 138 57.85 -44.81 93.31
N SER J 139 59.02 -45.37 93.57
CA SER J 139 59.82 -44.92 94.69
C SER J 139 60.55 -43.62 94.33
N HIS J 140 60.90 -43.44 93.07
CA HIS J 140 61.61 -42.22 92.64
C HIS J 140 60.70 -41.01 92.39
N THR J 141 59.47 -41.26 91.91
CA THR J 141 58.57 -40.20 91.41
C THR J 141 57.25 -40.10 92.15
N GLN J 142 56.89 -41.15 92.90
CA GLN J 142 55.57 -41.25 93.50
C GLN J 142 54.51 -41.33 92.41
N LYS J 143 54.88 -41.90 91.28
CA LYS J 143 53.92 -42.10 90.21
C LYS J 143 54.10 -43.49 89.63
N ALA J 144 53.08 -43.93 88.90
CA ALA J 144 53.02 -45.29 88.44
C ALA J 144 52.44 -45.35 87.04
N THR J 145 53.26 -45.86 86.13
CA THR J 145 52.93 -45.94 84.74
C THR J 145 52.65 -47.39 84.39
N LEU J 146 51.43 -47.62 83.88
CA LEU J 146 51.07 -48.87 83.22
C LEU J 146 51.30 -48.75 81.74
N VAL J 147 51.70 -49.85 81.11
CA VAL J 147 51.85 -49.89 79.68
C VAL J 147 50.98 -50.97 79.12
N CYS J 148 50.32 -50.66 78.01
CA CYS J 148 49.53 -51.64 77.26
C CYS J 148 50.17 -51.82 75.91
N LEU J 149 50.24 -53.07 75.47
CA LEU J 149 50.88 -53.39 74.24
C LEU J 149 49.89 -54.22 73.40
N ALA J 150 49.57 -53.73 72.20
CA ALA J 150 48.67 -54.42 71.26
C ALA J 150 49.54 -54.83 70.13
N THR J 151 49.62 -56.13 69.85
CA THR J 151 50.61 -56.61 68.91
C THR J 151 50.01 -57.60 67.92
N GLY J 152 50.62 -57.69 66.74
CA GLY J 152 50.32 -58.75 65.79
C GLY J 152 49.03 -58.57 65.00
N PHE J 153 48.47 -57.37 64.96
CA PHE J 153 47.19 -57.17 64.25
C PHE J 153 47.41 -56.70 62.81
N TYR J 154 46.46 -57.05 61.96
CA TYR J 154 46.40 -56.57 60.58
C TYR J 154 44.93 -56.66 60.09
N PRO J 155 44.39 -55.66 59.38
CA PRO J 155 45.01 -54.44 59.04
C PRO J 155 44.97 -53.53 60.25
N ASP J 156 45.34 -52.27 60.11
CA ASP J 156 45.37 -51.45 61.32
C ASP J 156 44.11 -50.63 61.51
N HIS J 157 43.09 -51.30 61.99
CA HIS J 157 41.88 -50.66 62.32
C HIS J 157 41.75 -51.07 63.77
N VAL J 158 42.36 -50.29 64.68
CA VAL J 158 42.20 -50.53 66.13
C VAL J 158 41.91 -49.23 66.83
N GLU J 159 41.19 -49.30 67.91
CA GLU J 159 40.84 -48.15 68.80
C GLU J 159 41.12 -48.64 70.20
N LEU J 160 42.12 -48.03 70.84
CA LEU J 160 42.55 -48.44 72.18
C LEU J 160 42.08 -47.47 73.23
N SER J 161 41.61 -47.99 74.34
CA SER J 161 41.12 -47.20 75.48
C SER J 161 41.50 -47.85 76.83
N TRP J 162 41.56 -47.01 77.85
CA TRP J 162 41.86 -47.40 79.20
C TRP J 162 40.64 -47.25 80.02
N TRP J 163 40.39 -48.27 80.84
CA TRP J 163 39.25 -48.29 81.73
C TRP J 163 39.75 -48.55 83.15
N VAL J 164 39.36 -47.67 84.08
CA VAL J 164 39.69 -47.85 85.49
C VAL J 164 38.40 -47.98 86.26
N ASN J 165 38.31 -49.07 87.04
CA ASN J 165 37.12 -49.35 87.86
C ASN J 165 35.91 -49.24 86.94
N GLY J 166 36.08 -49.86 85.76
CA GLY J 166 35.00 -49.98 84.75
C GLY J 166 34.44 -48.69 84.15
N LYS J 167 35.18 -47.59 84.26
CA LYS J 167 34.82 -46.32 83.61
C LYS J 167 36.00 -45.91 82.72
N GLU J 168 35.70 -45.41 81.53
CA GLU J 168 36.75 -44.98 80.62
C GLU J 168 37.42 -43.69 81.12
N VAL J 169 38.75 -43.71 81.17
CA VAL J 169 39.57 -42.52 81.47
C VAL J 169 40.36 -41.97 80.28
N HIS J 170 40.57 -40.66 80.33
CA HIS J 170 41.40 -39.90 79.37
C HIS J 170 42.64 -39.28 80.01
N SER J 171 42.49 -38.78 81.24
CA SER J 171 43.59 -38.11 81.90
C SER J 171 44.71 -39.09 82.17
N GLY J 172 45.94 -38.74 81.85
CA GLY J 172 47.07 -39.57 82.18
C GLY J 172 47.42 -40.58 81.09
N VAL J 173 46.74 -40.50 79.96
CA VAL J 173 46.84 -41.51 78.92
C VAL J 173 47.62 -41.00 77.74
N CYS J 174 48.51 -41.80 77.17
CA CYS J 174 49.16 -41.45 75.93
C CYS J 174 49.28 -42.65 75.06
N THR J 175 48.67 -42.59 73.86
CA THR J 175 48.64 -43.70 72.91
C THR J 175 49.36 -43.33 71.66
N ASP J 176 50.14 -44.22 71.08
CA ASP J 176 50.95 -43.83 69.93
C ASP J 176 50.02 -43.26 68.89
N PRO J 177 50.41 -42.15 68.22
CA PRO J 177 49.60 -41.68 67.13
C PRO J 177 49.51 -42.68 65.99
N GLN J 178 50.53 -43.53 65.83
CA GLN J 178 50.55 -44.48 64.70
C GLN J 178 50.95 -45.86 65.15
N PRO J 179 50.44 -46.89 64.47
CA PRO J 179 50.95 -48.20 64.79
C PRO J 179 52.34 -48.38 64.22
N LEU J 180 53.10 -49.34 64.72
CA LEU J 180 54.40 -49.61 64.12
C LEU J 180 54.38 -50.99 63.54
N LYS J 181 55.32 -51.28 62.65
CA LYS J 181 55.27 -52.54 61.93
C LYS J 181 56.25 -53.52 62.54
N GLU J 182 55.84 -54.78 62.57
CA GLU J 182 56.62 -55.79 63.24
C GLU J 182 57.75 -56.23 62.29
N GLN J 183 57.49 -56.20 60.98
CA GLN J 183 58.49 -56.46 59.96
C GLN J 183 58.45 -55.36 58.93
N PRO J 184 59.07 -54.22 59.24
CA PRO J 184 58.97 -53.08 58.31
C PRO J 184 59.41 -53.42 56.88
N ALA J 185 60.29 -54.42 56.74
CA ALA J 185 60.72 -54.87 55.43
C ALA J 185 59.53 -55.30 54.62
N LEU J 186 58.60 -55.98 55.28
CA LEU J 186 57.66 -56.81 54.59
C LEU J 186 56.36 -56.09 54.26
N ASN J 187 56.00 -56.06 52.99
CA ASN J 187 54.64 -55.64 52.65
C ASN J 187 53.63 -56.52 53.34
N ASP J 188 52.57 -55.91 53.85
CA ASP J 188 51.51 -56.65 54.54
C ASP J 188 51.96 -57.07 55.94
N SER J 189 53.05 -56.45 56.41
CA SER J 189 53.44 -56.55 57.81
C SER J 189 52.31 -56.29 58.81
N ARG J 190 52.29 -57.12 59.84
CA ARG J 190 51.44 -56.90 60.95
C ARG J 190 51.90 -55.68 61.71
N TYR J 191 51.06 -55.29 62.67
CA TYR J 191 51.28 -54.04 63.41
C TYR J 191 51.32 -54.22 64.89
N ALA J 192 51.89 -53.22 65.54
CA ALA J 192 51.84 -53.15 67.00
C ALA J 192 51.57 -51.72 67.44
N LEU J 193 51.01 -51.57 68.62
CA LEU J 193 50.69 -50.28 69.16
C LEU J 193 50.92 -50.32 70.66
N SER J 194 51.44 -49.24 71.22
CA SER J 194 51.53 -49.04 72.66
C SER J 194 50.72 -47.86 73.16
N SER J 195 50.35 -47.94 74.42
CA SER J 195 49.74 -46.87 75.17
C SER J 195 50.29 -46.90 76.62
N ARG J 196 50.26 -45.75 77.29
CA ARG J 196 50.61 -45.62 78.69
C ARG J 196 49.43 -45.01 79.41
N LEU J 197 49.26 -45.43 80.67
CA LEU J 197 48.37 -44.75 81.62
C LEU J 197 49.15 -44.50 82.92
N ARG J 198 49.25 -43.25 83.33
CA ARG J 198 49.99 -42.93 84.53
C ARG J 198 49.07 -42.40 85.61
N VAL J 199 49.27 -42.93 86.82
CA VAL J 199 48.49 -42.56 87.99
C VAL J 199 49.42 -42.28 89.17
N SER J 200 48.88 -41.68 90.22
CA SER J 200 49.69 -41.49 91.43
C SER J 200 50.03 -42.84 92.03
N ALA J 201 51.20 -42.93 92.64
CA ALA J 201 51.65 -44.19 93.26
C ALA J 201 50.61 -44.76 94.21
N THR J 202 50.01 -43.86 95.00
CA THR J 202 49.01 -44.19 95.98
C THR J 202 47.76 -44.88 95.35
N PHE J 203 47.29 -44.36 94.23
CA PHE J 203 46.19 -44.96 93.48
C PHE J 203 46.48 -46.36 92.92
N TRP J 204 47.72 -46.59 92.48
CA TRP J 204 48.15 -47.90 91.99
C TRP J 204 48.27 -48.95 93.12
N GLN J 205 48.63 -48.47 94.30
CA GLN J 205 48.88 -49.31 95.46
C GLN J 205 47.61 -49.72 96.21
N ASP J 206 46.49 -49.11 95.87
CA ASP J 206 45.21 -49.51 96.41
C ASP J 206 44.78 -50.79 95.65
N PRO J 207 44.67 -51.96 96.38
CA PRO J 207 44.19 -53.17 95.65
C PRO J 207 42.69 -53.17 95.23
N ARG J 208 41.93 -52.15 95.64
CA ARG J 208 40.55 -51.96 95.21
C ARG J 208 40.47 -51.45 93.75
N ASN J 209 41.60 -50.95 93.20
CA ASN J 209 41.58 -50.39 91.87
C ASN J 209 41.87 -51.41 90.76
N HIS J 210 41.01 -51.38 89.75
CA HIS J 210 41.08 -52.27 88.59
C HIS J 210 41.39 -51.49 87.28
N PHE J 211 42.43 -51.92 86.59
CA PHE J 211 42.79 -51.34 85.34
C PHE J 211 42.55 -52.31 84.20
N ARG J 212 42.20 -51.77 83.05
CA ARG J 212 42.02 -52.56 81.85
C ARG J 212 42.36 -51.74 80.61
N CYS J 213 43.23 -52.30 79.78
CA CYS J 213 43.57 -51.78 78.49
C CYS J 213 42.59 -52.49 77.56
N GLN J 214 41.86 -51.76 76.76
CA GLN J 214 40.89 -52.33 75.82
C GLN J 214 41.20 -51.98 74.35
N VAL J 215 41.16 -52.96 73.44
CA VAL J 215 41.37 -52.69 72.04
C VAL J 215 40.24 -53.21 71.21
N GLN J 216 39.51 -52.30 70.58
CA GLN J 216 38.52 -52.69 69.53
C GLN J 216 39.26 -52.90 68.21
N PHE J 217 38.97 -54.00 67.58
CA PHE J 217 39.60 -54.38 66.29
C PHE J 217 38.51 -54.54 65.27
N TYR J 218 38.72 -54.01 64.06
CA TYR J 218 37.79 -54.16 62.97
C TYR J 218 38.37 -55.07 61.96
N GLY J 219 37.63 -56.16 61.72
CA GLY J 219 38.09 -57.27 60.89
C GLY J 219 36.97 -57.83 60.05
N LEU J 220 36.88 -59.16 60.01
CA LEU J 220 35.87 -59.88 59.21
C LEU J 220 34.49 -59.77 59.83
N SER J 221 33.47 -59.86 58.99
CA SER J 221 32.12 -59.83 59.47
C SER J 221 31.48 -61.17 59.12
N GLU J 222 30.21 -61.30 59.46
CA GLU J 222 29.48 -62.56 59.30
C GLU J 222 29.43 -63.01 57.86
N ASN J 223 29.32 -62.08 56.93
CA ASN J 223 29.27 -62.41 55.50
C ASN J 223 30.52 -62.99 54.91
N ASP J 224 31.68 -62.77 55.54
CA ASP J 224 32.93 -63.21 54.97
C ASP J 224 33.05 -64.67 55.22
N GLU J 225 33.54 -65.42 54.24
CA GLU J 225 33.74 -66.86 54.41
C GLU J 225 35.07 -67.11 55.12
N TRP J 226 35.14 -68.18 55.89
CA TRP J 226 36.36 -68.52 56.57
C TRP J 226 36.41 -70.03 56.77
N THR J 227 37.47 -70.63 56.25
CA THR J 227 37.70 -72.03 56.36
C THR J 227 39.01 -72.38 57.05
N GLN J 228 39.86 -71.41 57.35
CA GLN J 228 41.14 -71.71 57.98
C GLN J 228 40.97 -72.41 59.32
N ASP J 229 42.05 -73.09 59.69
CA ASP J 229 42.35 -73.65 60.99
C ASP J 229 41.96 -72.75 62.14
N ARG J 230 42.52 -71.57 62.12
CA ARG J 230 42.52 -70.69 63.24
C ARG J 230 41.17 -70.01 63.29
N ALA J 231 40.84 -69.45 64.44
CA ALA J 231 39.61 -68.71 64.65
C ALA J 231 39.40 -67.53 63.69
N LYS J 232 38.20 -67.40 63.16
CA LYS J 232 37.88 -66.31 62.23
C LYS J 232 38.17 -64.96 62.88
N PRO J 233 38.99 -64.15 62.22
CA PRO J 233 39.40 -62.90 62.80
C PRO J 233 38.39 -61.80 62.56
N VAL J 234 37.30 -61.90 63.28
CA VAL J 234 36.21 -60.96 63.16
C VAL J 234 36.53 -59.72 63.93
N THR J 235 35.78 -58.69 63.59
CA THR J 235 35.62 -57.57 64.45
C THR J 235 35.35 -58.01 65.86
N GLN J 236 36.07 -57.41 66.82
CA GLN J 236 36.08 -57.93 68.18
C GLN J 236 36.84 -56.99 69.15
N ILE J 237 36.64 -57.17 70.45
CA ILE J 237 37.42 -56.54 71.49
C ILE J 237 38.37 -57.51 72.14
N VAL J 238 39.64 -57.09 72.28
CA VAL J 238 40.61 -57.83 73.03
C VAL J 238 41.14 -56.88 74.13
N SER J 239 41.25 -57.41 75.33
CA SER J 239 41.68 -56.66 76.55
C SER J 239 42.64 -57.43 77.42
N ALA J 240 43.41 -56.69 78.24
CA ALA J 240 44.23 -57.26 79.28
C ALA J 240 44.05 -56.37 80.49
N GLU J 241 44.41 -56.86 81.66
CA GLU J 241 44.08 -56.14 82.88
C GLU J 241 45.00 -56.33 84.05
N ALA J 242 44.81 -55.49 85.05
CA ALA J 242 45.66 -55.53 86.26
C ALA J 242 44.97 -54.90 87.44
N TRP J 243 45.25 -55.43 88.63
CA TRP J 243 44.73 -54.90 89.88
C TRP J 243 45.84 -54.17 90.59
N GLY J 244 45.46 -53.06 91.23
CA GLY J 244 46.37 -52.35 92.11
C GLY J 244 46.86 -53.28 93.21
N ARG J 245 47.96 -52.93 93.87
CA ARG J 245 48.56 -53.78 94.93
C ARG J 245 49.65 -53.03 95.66
N ALA J 246 49.60 -53.03 96.99
CA ALA J 246 50.43 -52.16 97.82
C ALA J 246 51.91 -52.56 97.88
N ASP J 247 52.17 -53.83 97.63
CA ASP J 247 53.51 -54.37 97.77
C ASP J 247 53.40 -55.87 97.58
#